data_6YBU
#
_entry.id   6YBU
#
_cell.length_a   107.990
_cell.length_b   72.570
_cell.length_c   161.250
_cell.angle_alpha   90.000
_cell.angle_beta   98.370
_cell.angle_gamma   90.000
#
_symmetry.space_group_name_H-M   'P 1 21 1'
#
loop_
_entity.id
_entity.type
_entity.pdbx_description
1 polymer 'Bacterial cellulose secretion regulator BcsQ'
2 polymer 'Bacterial cellulose secretion regulator BcsR'
3 polymer 'Bacterial cellulose secretion regulator BcsE, residues 349-523'
4 non-polymer "ADENOSINE-5'-TRIPHOSPHATE"
5 non-polymer 'MAGNESIUM ION'
6 non-polymer "9,9'-[(2R,3R,3aS,5S,7aR,9R,10R,10aS,12S,14aR)-3,5,10,12-tetrahydroxy-5,12-dioxidooctahydro-2H,7H-difuro[3,2-d:3',2'-j][1,3,7,9,2,8]tetraoxadiphosphacyclododecine-2,9-diyl]bis(2-amino-1,9-dihydro-6H-purin-6-one)"
7 water water
#
loop_
_entity_poly.entity_id
_entity_poly.type
_entity_poly.pdbx_seq_one_letter_code
_entity_poly.pdbx_strand_id
1 'polypeptide(L)'
;MAVLGLQGVRGGVGTTTITAALAWSLQMLGENVLVVDACPDNLLRLSFNVDFTHRQGWARAMLDGQDWRDAGLRYTSQLD
LLPFGQLSIEEQENPQHWQTRLSDICSGLQQLKASGRYQWILIDLPRDASQITHQLLSLCDHSLAIVNVDANCHIRLHQQ
ALPDGAHILINNFRIGSQVQDDIYQLWLQSQRRLLPMLIHRDEAMAECLAAKQPVGEYRSDALAAEEILTLANWCLLNYS
GLKTPVGSKS
;
A,B,G,H
2 'polypeptide(L)' GPMGSMNNNEPDTLPDPAIGYIFQNDIVALKQAFSLPDIDYADISQREQLAAALKRWPLLAEFAQQK C,D,I,J
3 'polypeptide(L)'
;MGSMEDITTLLSMTQPLKLRGFQKWDVFCNAVNNMMNNPLLPAHGKGVLVALRPVPGIRVEQALTLCRPNRTGDIMTIGG
NRLVLFLSFCRINDLDTALNHIFPLPTGDIFSNRMVWFEDDQISAELVQMRLLAPEQWGMPLPLTQSSKPVINAEHDGRH
WRRIPEPMRLLDDAVERSS
;
E,F,K,L
#
# COMPACT_ATOMS: atom_id res chain seq x y z
N ALA A 2 -35.37 -13.86 -5.70
CA ALA A 2 -33.97 -13.69 -6.08
C ALA A 2 -33.23 -12.84 -5.05
N VAL A 3 -31.93 -12.69 -5.25
CA VAL A 3 -31.07 -11.91 -4.36
C VAL A 3 -30.87 -10.54 -4.97
N LEU A 4 -31.32 -9.49 -4.26
CA LEU A 4 -31.31 -8.13 -4.76
C LEU A 4 -30.38 -7.29 -3.91
N GLY A 5 -29.38 -6.68 -4.55
CA GLY A 5 -28.47 -5.76 -3.88
C GLY A 5 -28.88 -4.32 -4.14
N LEU A 6 -28.86 -3.51 -3.08
CA LEU A 6 -29.16 -2.10 -3.16
C LEU A 6 -27.94 -1.33 -2.68
N GLN A 7 -27.32 -0.57 -3.58
CA GLN A 7 -26.09 0.15 -3.27
C GLN A 7 -26.21 1.59 -3.74
N GLY A 8 -25.83 2.52 -2.86
CA GLY A 8 -25.85 3.93 -3.22
C GLY A 8 -24.64 4.29 -4.07
N VAL A 9 -24.89 5.02 -5.15
CA VAL A 9 -23.83 5.65 -5.92
C VAL A 9 -23.02 6.58 -5.03
N ARG A 10 -23.63 7.06 -3.95
CA ARG A 10 -23.03 8.02 -3.03
C ARG A 10 -23.66 7.79 -1.66
N GLY A 11 -22.92 8.17 -0.62
CA GLY A 11 -23.48 8.05 0.72
C GLY A 11 -24.66 8.98 0.92
N GLY A 12 -25.63 8.50 1.70
CA GLY A 12 -26.75 9.33 2.09
C GLY A 12 -27.75 9.66 1.00
N VAL A 13 -27.97 8.73 0.05
CA VAL A 13 -28.97 8.93 -0.99
C VAL A 13 -30.28 8.21 -0.69
N GLY A 14 -30.35 7.47 0.41
CA GLY A 14 -31.55 6.77 0.81
C GLY A 14 -31.50 5.25 0.71
N THR A 15 -30.32 4.66 0.60
CA THR A 15 -30.23 3.22 0.32
C THR A 15 -30.84 2.39 1.43
N THR A 16 -30.52 2.71 2.69
CA THR A 16 -30.99 1.89 3.81
C THR A 16 -32.51 2.01 3.97
N THR A 17 -33.03 3.24 3.94
CA THR A 17 -34.47 3.44 4.07
C THR A 17 -35.23 2.73 2.95
N ILE A 18 -34.70 2.78 1.73
CA ILE A 18 -35.35 2.11 0.61
C ILE A 18 -35.30 0.59 0.79
N THR A 19 -34.16 0.07 1.27
CA THR A 19 -34.03 -1.36 1.46
C THR A 19 -35.06 -1.88 2.47
N ALA A 20 -35.20 -1.18 3.60
CA ALA A 20 -36.20 -1.59 4.58
C ALA A 20 -37.61 -1.43 4.03
N ALA A 21 -37.89 -0.33 3.34
CA ALA A 21 -39.21 -0.10 2.79
C ALA A 21 -39.55 -1.12 1.70
N LEU A 22 -38.57 -1.47 0.87
CA LEU A 22 -38.80 -2.46 -0.17
C LEU A 22 -39.03 -3.84 0.42
N ALA A 23 -38.29 -4.18 1.48
CA ALA A 23 -38.52 -5.44 2.17
C ALA A 23 -39.91 -5.50 2.76
N TRP A 24 -40.37 -4.40 3.36
CA TRP A 24 -41.72 -4.36 3.90
C TRP A 24 -42.76 -4.45 2.79
N SER A 25 -42.51 -3.80 1.66
CA SER A 25 -43.46 -3.86 0.55
C SER A 25 -43.55 -5.27 -0.02
N LEU A 26 -42.40 -5.95 -0.18
CA LEU A 26 -42.42 -7.31 -0.70
C LEU A 26 -43.10 -8.27 0.29
N GLN A 27 -42.82 -8.11 1.58
CA GLN A 27 -43.48 -8.94 2.58
C GLN A 27 -44.99 -8.71 2.58
N MET A 28 -45.43 -7.46 2.37
CA MET A 28 -46.85 -7.17 2.33
C MET A 28 -47.51 -7.79 1.10
N LEU A 29 -46.75 -7.99 0.02
CA LEU A 29 -47.27 -8.58 -1.20
C LEU A 29 -47.36 -10.10 -1.12
N GLY A 30 -47.10 -10.69 0.04
CA GLY A 30 -47.19 -12.13 0.18
C GLY A 30 -45.93 -12.89 -0.18
N GLU A 31 -44.76 -12.26 -0.03
CA GLU A 31 -43.48 -12.89 -0.33
C GLU A 31 -42.69 -13.08 0.96
N ASN A 32 -41.97 -14.20 1.05
CA ASN A 32 -41.06 -14.43 2.16
C ASN A 32 -39.75 -13.71 1.89
N VAL A 33 -39.41 -12.76 2.76
CA VAL A 33 -38.29 -11.85 2.53
C VAL A 33 -37.27 -12.03 3.65
N LEU A 34 -35.99 -12.04 3.28
CA LEU A 34 -34.88 -11.88 4.20
C LEU A 34 -34.09 -10.65 3.78
N VAL A 35 -33.86 -9.74 4.71
CA VAL A 35 -33.11 -8.52 4.45
C VAL A 35 -31.89 -8.51 5.35
N VAL A 36 -30.72 -8.28 4.75
CA VAL A 36 -29.45 -8.34 5.48
C VAL A 36 -28.72 -7.02 5.32
N ASP A 37 -28.04 -6.59 6.39
CA ASP A 37 -27.28 -5.36 6.40
C ASP A 37 -25.82 -5.70 6.16
N ALA A 38 -25.29 -5.29 5.01
CA ALA A 38 -23.88 -5.45 4.68
C ALA A 38 -23.07 -4.18 4.94
N CYS A 39 -23.70 -3.13 5.45
CA CYS A 39 -23.00 -1.88 5.74
C CYS A 39 -22.51 -1.90 7.18
N PRO A 40 -21.21 -1.64 7.42
CA PRO A 40 -20.67 -1.75 8.78
C PRO A 40 -21.22 -0.73 9.76
N ASP A 41 -21.97 0.27 9.30
CA ASP A 41 -22.57 1.23 10.21
C ASP A 41 -23.80 0.68 10.94
N ASN A 42 -24.33 -0.46 10.49
CA ASN A 42 -25.36 -1.21 11.22
C ASN A 42 -26.58 -0.34 11.50
N LEU A 43 -27.09 0.32 10.44
CA LEU A 43 -28.22 1.22 10.57
C LEU A 43 -29.54 0.60 10.12
N LEU A 44 -29.49 -0.48 9.33
CA LEU A 44 -30.72 -1.08 8.81
C LEU A 44 -31.60 -1.60 9.94
N ARG A 45 -30.99 -2.13 11.00
CA ARG A 45 -31.75 -2.71 12.11
C ARG A 45 -32.68 -1.69 12.75
N LEU A 46 -32.30 -0.42 12.74
CA LEU A 46 -33.07 0.61 13.43
C LEU A 46 -34.34 1.00 12.68
N SER A 47 -34.51 0.56 11.43
CA SER A 47 -35.77 0.71 10.72
C SER A 47 -36.74 -0.42 11.03
N PHE A 48 -36.38 -1.35 11.91
CA PHE A 48 -37.24 -2.46 12.29
C PHE A 48 -37.37 -2.56 13.81
N ASN A 49 -37.32 -1.43 14.50
CA ASN A 49 -37.54 -1.36 15.95
C ASN A 49 -36.58 -2.24 16.73
N VAL A 50 -35.36 -2.41 16.24
CA VAL A 50 -34.34 -3.10 17.00
C VAL A 50 -33.70 -2.11 17.97
N ASP A 51 -33.58 -2.51 19.24
CA ASP A 51 -32.97 -1.63 20.23
C ASP A 51 -31.55 -1.28 19.82
N PHE A 52 -31.20 0.00 20.00
CA PHE A 52 -29.85 0.45 19.64
C PHE A 52 -28.79 -0.31 20.42
N THR A 53 -29.08 -0.67 21.67
CA THR A 53 -28.14 -1.41 22.50
C THR A 53 -27.98 -2.87 22.08
N HIS A 54 -28.84 -3.36 21.19
CA HIS A 54 -28.71 -4.72 20.68
C HIS A 54 -27.53 -4.80 19.73
N ARG A 55 -26.45 -5.44 20.16
CA ARG A 55 -25.20 -5.45 19.43
C ARG A 55 -25.04 -6.62 18.47
N GLN A 56 -25.95 -7.60 18.52
CA GLN A 56 -25.75 -8.82 17.74
C GLN A 56 -25.92 -8.57 16.25
N GLY A 57 -25.21 -9.37 15.46
CA GLY A 57 -25.25 -9.28 14.01
C GLY A 57 -24.39 -10.37 13.43
N TRP A 58 -24.51 -10.55 12.11
CA TRP A 58 -23.79 -11.63 11.45
C TRP A 58 -22.29 -11.39 11.48
N ALA A 59 -21.85 -10.15 11.23
CA ALA A 59 -20.43 -9.86 11.26
C ALA A 59 -19.90 -9.81 12.69
N ARG A 60 -20.74 -9.40 13.64
CA ARG A 60 -20.34 -9.43 15.04
C ARG A 60 -20.13 -10.86 15.53
N ALA A 61 -21.04 -11.77 15.15
CA ALA A 61 -20.92 -13.15 15.57
C ALA A 61 -19.69 -13.82 14.96
N MET A 62 -19.31 -13.41 13.75
CA MET A 62 -18.13 -13.99 13.12
C MET A 62 -16.84 -13.51 13.79
N LEU A 63 -16.78 -12.21 14.13
CA LEU A 63 -15.61 -11.69 14.82
C LEU A 63 -15.47 -12.24 16.23
N ASP A 64 -16.55 -12.83 16.78
CA ASP A 64 -16.52 -13.45 18.09
C ASP A 64 -16.51 -14.97 18.01
N GLY A 65 -16.35 -15.54 16.82
CA GLY A 65 -16.32 -16.98 16.66
C GLY A 65 -17.65 -17.67 16.87
N GLN A 66 -18.74 -16.93 17.00
CA GLN A 66 -20.05 -17.50 17.24
C GLN A 66 -20.75 -17.79 15.92
N ASP A 67 -21.96 -18.34 16.01
CA ASP A 67 -22.73 -18.74 14.84
C ASP A 67 -23.56 -17.56 14.34
N TRP A 68 -23.26 -17.11 13.12
CA TRP A 68 -24.00 -15.98 12.55
C TRP A 68 -25.46 -16.33 12.31
N ARG A 69 -25.79 -17.62 12.16
CA ARG A 69 -27.16 -18.02 11.95
C ARG A 69 -28.04 -17.73 13.16
N ASP A 70 -27.45 -17.54 14.34
CA ASP A 70 -28.18 -17.20 15.55
C ASP A 70 -28.41 -15.71 15.70
N ALA A 71 -27.99 -14.90 14.72
CA ALA A 71 -28.13 -13.45 14.81
C ALA A 71 -29.39 -12.93 14.13
N GLY A 72 -30.14 -13.80 13.44
CA GLY A 72 -31.33 -13.35 12.74
C GLY A 72 -32.41 -12.87 13.69
N LEU A 73 -33.33 -12.09 13.13
CA LEU A 73 -34.46 -11.54 13.88
C LEU A 73 -35.69 -11.59 13.00
N ARG A 74 -36.81 -12.04 13.56
CA ARG A 74 -38.06 -12.13 12.83
C ARG A 74 -38.89 -10.88 13.09
N TYR A 75 -39.22 -10.15 12.04
CA TYR A 75 -40.05 -8.96 12.17
C TYR A 75 -41.53 -9.31 11.97
N THR A 76 -41.86 -9.96 10.86
CA THR A 76 -43.20 -10.51 10.64
C THR A 76 -43.05 -11.97 10.22
N SER A 77 -44.19 -12.62 9.96
CA SER A 77 -44.17 -14.03 9.57
C SER A 77 -43.48 -14.25 8.22
N GLN A 78 -43.36 -13.21 7.39
CA GLN A 78 -42.73 -13.33 6.08
C GLN A 78 -41.57 -12.35 5.90
N LEU A 79 -41.04 -11.81 7.00
CA LEU A 79 -39.95 -10.83 6.92
C LEU A 79 -38.98 -11.10 8.06
N ASP A 80 -37.77 -11.56 7.71
CA ASP A 80 -36.68 -11.73 8.65
C ASP A 80 -35.55 -10.78 8.29
N LEU A 81 -34.75 -10.42 9.29
CA LEU A 81 -33.63 -9.52 9.07
C LEU A 81 -32.39 -10.05 9.77
N LEU A 82 -31.23 -9.74 9.19
CA LEU A 82 -29.94 -10.12 9.74
C LEU A 82 -29.08 -8.86 9.86
N PRO A 83 -29.00 -8.27 11.04
CA PRO A 83 -28.19 -7.06 11.20
C PRO A 83 -26.71 -7.35 11.00
N PHE A 84 -25.95 -6.28 10.76
CA PHE A 84 -24.51 -6.40 10.67
C PHE A 84 -23.88 -6.65 12.04
N GLY A 85 -24.36 -5.94 13.06
CA GLY A 85 -23.75 -5.97 14.37
C GLY A 85 -22.95 -4.71 14.64
N GLN A 86 -22.83 -4.38 15.93
CA GLN A 86 -22.13 -3.17 16.36
C GLN A 86 -20.65 -3.45 16.54
N LEU A 87 -19.82 -2.66 15.86
CA LEU A 87 -18.39 -2.72 16.02
C LEU A 87 -17.94 -1.68 17.04
N SER A 88 -16.85 -1.99 17.74
CA SER A 88 -16.27 -1.03 18.66
C SER A 88 -15.56 0.08 17.86
N ILE A 89 -15.24 1.18 18.57
CA ILE A 89 -14.51 2.26 17.92
C ILE A 89 -13.15 1.78 17.46
N GLU A 90 -12.56 0.82 18.17
CA GLU A 90 -11.29 0.23 17.74
C GLU A 90 -11.45 -0.47 16.40
N GLU A 91 -12.49 -1.30 16.26
CA GLU A 91 -12.74 -1.97 14.99
C GLU A 91 -13.18 -1.00 13.92
N GLN A 92 -13.86 0.08 14.30
CA GLN A 92 -14.27 1.10 13.32
C GLN A 92 -13.06 1.73 12.64
N GLU A 93 -12.07 2.12 13.43
CA GLU A 93 -10.92 2.86 12.92
C GLU A 93 -9.81 1.96 12.38
N ASN A 94 -9.98 0.65 12.44
CA ASN A 94 -8.99 -0.30 11.91
C ASN A 94 -9.70 -1.39 11.13
N PRO A 95 -10.23 -1.07 9.95
CA PRO A 95 -10.98 -2.05 9.17
C PRO A 95 -10.11 -3.07 8.45
N GLN A 96 -8.79 -2.97 8.54
CA GLN A 96 -7.92 -3.95 7.92
C GLN A 96 -8.05 -5.32 8.56
N HIS A 97 -8.34 -5.36 9.86
CA HIS A 97 -8.36 -6.64 10.58
C HIS A 97 -9.57 -7.48 10.17
N TRP A 98 -10.77 -6.89 10.22
CA TRP A 98 -11.99 -7.68 10.11
C TRP A 98 -12.57 -7.75 8.70
N GLN A 99 -12.18 -6.86 7.78
CA GLN A 99 -12.79 -6.89 6.46
C GLN A 99 -12.34 -8.08 5.63
N THR A 100 -11.43 -8.91 6.14
CA THR A 100 -11.06 -10.16 5.50
C THR A 100 -11.52 -11.40 6.26
N ARG A 101 -12.04 -11.23 7.47
CA ARG A 101 -12.48 -12.35 8.31
C ARG A 101 -13.97 -12.62 8.19
N LEU A 102 -14.62 -12.17 7.12
CA LEU A 102 -16.07 -12.25 6.99
C LEU A 102 -16.51 -12.95 5.73
N SER A 103 -15.60 -13.62 5.02
CA SER A 103 -15.97 -14.31 3.79
C SER A 103 -16.88 -15.51 4.04
N ASP A 104 -17.06 -15.94 5.29
CA ASP A 104 -17.98 -17.04 5.56
C ASP A 104 -19.40 -16.71 5.13
N ILE A 105 -19.80 -15.44 5.26
CA ILE A 105 -21.16 -15.05 4.91
C ILE A 105 -21.41 -15.21 3.42
N CYS A 106 -20.36 -15.12 2.61
CA CYS A 106 -20.49 -15.33 1.17
C CYS A 106 -20.98 -16.73 0.88
N SER A 107 -20.35 -17.73 1.50
CA SER A 107 -20.79 -19.11 1.32
C SER A 107 -22.12 -19.37 2.00
N GLY A 108 -22.34 -18.75 3.17
CA GLY A 108 -23.56 -19.00 3.92
C GLY A 108 -24.80 -18.42 3.24
N LEU A 109 -24.66 -17.31 2.53
CA LEU A 109 -25.79 -16.74 1.83
C LEU A 109 -26.29 -17.67 0.73
N GLN A 110 -25.37 -18.38 0.08
CA GLN A 110 -25.77 -19.35 -0.94
C GLN A 110 -26.56 -20.50 -0.32
N GLN A 111 -26.29 -20.84 0.93
CA GLN A 111 -27.14 -21.80 1.64
C GLN A 111 -28.56 -21.26 1.76
N LEU A 112 -28.70 -20.01 2.21
CA LEU A 112 -30.02 -19.39 2.25
C LEU A 112 -30.59 -19.22 0.86
N LYS A 113 -29.74 -18.94 -0.13
CA LYS A 113 -30.19 -18.85 -1.51
C LYS A 113 -30.71 -20.18 -2.02
N ALA A 114 -30.04 -21.28 -1.65
CA ALA A 114 -30.39 -22.60 -2.16
C ALA A 114 -31.53 -23.26 -1.39
N SER A 115 -31.78 -22.84 -0.14
CA SER A 115 -32.83 -23.47 0.65
C SER A 115 -34.22 -23.16 0.13
N GLY A 116 -34.38 -22.06 -0.62
CA GLY A 116 -35.70 -21.69 -1.11
C GLY A 116 -36.67 -21.23 -0.04
N ARG A 117 -36.19 -20.98 1.18
CA ARG A 117 -37.07 -20.49 2.23
C ARG A 117 -37.52 -19.06 1.97
N TYR A 118 -36.70 -18.28 1.26
CA TYR A 118 -36.99 -16.88 0.98
C TYR A 118 -37.13 -16.67 -0.52
N GLN A 119 -38.21 -16.02 -0.94
CA GLN A 119 -38.34 -15.61 -2.32
C GLN A 119 -37.50 -14.38 -2.65
N TRP A 120 -37.10 -13.62 -1.63
CA TRP A 120 -36.30 -12.41 -1.83
C TRP A 120 -35.29 -12.29 -0.71
N ILE A 121 -34.03 -12.02 -1.09
CA ILE A 121 -32.98 -11.72 -0.15
C ILE A 121 -32.43 -10.35 -0.52
N LEU A 122 -32.75 -9.33 0.27
CA LEU A 122 -32.33 -7.96 0.01
C LEU A 122 -31.09 -7.65 0.84
N ILE A 123 -30.10 -7.03 0.20
CA ILE A 123 -28.81 -6.75 0.80
C ILE A 123 -28.55 -5.25 0.73
N ASP A 124 -28.41 -4.61 1.89
CA ASP A 124 -28.06 -3.21 2.00
C ASP A 124 -26.54 -3.10 1.90
N LEU A 125 -26.04 -2.68 0.73
CA LEU A 125 -24.63 -2.71 0.39
C LEU A 125 -24.00 -1.32 0.49
N PRO A 126 -22.82 -1.20 1.10
CA PRO A 126 -22.10 0.07 1.05
C PRO A 126 -21.33 0.21 -0.26
N ARG A 127 -20.86 1.44 -0.51
CA ARG A 127 -20.12 1.77 -1.71
C ARG A 127 -18.61 1.79 -1.47
N ASP A 128 -18.14 1.22 -0.37
CA ASP A 128 -16.69 1.01 -0.27
C ASP A 128 -16.26 -0.04 -1.29
N ALA A 129 -14.96 -0.27 -1.38
CA ALA A 129 -14.41 -1.23 -2.33
C ALA A 129 -13.75 -2.40 -1.61
N SER A 130 -14.23 -2.74 -0.42
CA SER A 130 -13.67 -3.86 0.33
C SER A 130 -14.00 -5.18 -0.38
N GLN A 131 -13.17 -6.19 -0.11
CA GLN A 131 -13.35 -7.48 -0.76
C GLN A 131 -14.67 -8.13 -0.38
N ILE A 132 -15.14 -7.93 0.86
CA ILE A 132 -16.40 -8.53 1.27
C ILE A 132 -17.57 -7.85 0.58
N THR A 133 -17.44 -6.56 0.25
CA THR A 133 -18.51 -5.88 -0.48
C THR A 133 -18.61 -6.41 -1.92
N HIS A 134 -17.47 -6.61 -2.58
CA HIS A 134 -17.49 -7.14 -3.94
C HIS A 134 -18.01 -8.57 -3.97
N GLN A 135 -17.69 -9.36 -2.95
CA GLN A 135 -18.16 -10.74 -2.91
C GLN A 135 -19.67 -10.81 -2.73
N LEU A 136 -20.22 -10.01 -1.81
CA LEU A 136 -21.66 -9.99 -1.60
C LEU A 136 -22.38 -9.47 -2.85
N LEU A 137 -21.79 -8.50 -3.54
CA LEU A 137 -22.38 -8.02 -4.79
C LEU A 137 -22.35 -9.09 -5.86
N SER A 138 -21.34 -9.97 -5.84
CA SER A 138 -21.28 -11.06 -6.80
C SER A 138 -22.38 -12.09 -6.54
N LEU A 139 -22.80 -12.24 -5.29
CA LEU A 139 -23.89 -13.16 -4.98
C LEU A 139 -25.24 -12.65 -5.46
N CYS A 140 -25.37 -11.35 -5.70
CA CYS A 140 -26.66 -10.78 -6.07
C CYS A 140 -27.04 -11.16 -7.49
N ASP A 141 -28.31 -11.50 -7.68
CA ASP A 141 -28.83 -11.74 -9.02
C ASP A 141 -29.15 -10.45 -9.74
N HIS A 142 -29.52 -9.41 -9.00
CA HIS A 142 -29.86 -8.11 -9.55
C HIS A 142 -29.39 -7.02 -8.59
N SER A 143 -29.32 -5.79 -9.10
CA SER A 143 -28.82 -4.67 -8.32
C SER A 143 -29.64 -3.42 -8.61
N LEU A 144 -29.73 -2.56 -7.61
CA LEU A 144 -30.33 -1.24 -7.75
C LEU A 144 -29.30 -0.20 -7.29
N ALA A 145 -28.92 0.69 -8.20
CA ALA A 145 -28.03 1.79 -7.87
C ALA A 145 -28.88 3.01 -7.51
N ILE A 146 -28.73 3.48 -6.27
CA ILE A 146 -29.57 4.55 -5.75
C ILE A 146 -28.89 5.89 -6.00
N VAL A 147 -29.63 6.84 -6.55
CA VAL A 147 -29.12 8.17 -6.84
C VAL A 147 -30.12 9.21 -6.35
N ASN A 148 -29.64 10.44 -6.24
CA ASN A 148 -30.47 11.63 -6.20
C ASN A 148 -30.20 12.42 -7.46
N VAL A 149 -31.17 13.24 -7.86
CA VAL A 149 -31.03 14.08 -9.06
C VAL A 149 -30.32 15.35 -8.62
N ASP A 150 -28.99 15.28 -8.57
CA ASP A 150 -28.16 16.45 -8.35
C ASP A 150 -26.87 16.31 -9.15
N ALA A 151 -26.06 17.37 -9.12
CA ALA A 151 -24.84 17.39 -9.94
C ALA A 151 -23.81 16.39 -9.45
N ASN A 152 -23.78 16.13 -8.13
CA ASN A 152 -22.85 15.14 -7.60
C ASN A 152 -23.06 13.77 -8.25
N CYS A 153 -24.29 13.27 -8.23
CA CYS A 153 -24.57 11.97 -8.80
C CYS A 153 -24.41 11.97 -10.31
N HIS A 154 -24.72 13.08 -10.96
CA HIS A 154 -24.53 13.17 -12.42
C HIS A 154 -23.07 12.96 -12.78
N ILE A 155 -22.15 13.51 -11.97
CA ILE A 155 -20.73 13.31 -12.21
C ILE A 155 -20.35 11.86 -11.97
N ARG A 156 -20.84 11.27 -10.87
CA ARG A 156 -20.46 9.91 -10.52
C ARG A 156 -20.91 8.92 -11.59
N LEU A 157 -22.08 9.15 -12.21
CA LEU A 157 -22.53 8.28 -13.28
C LEU A 157 -21.59 8.27 -14.48
N HIS A 158 -20.66 9.23 -14.56
CA HIS A 158 -19.71 9.29 -15.66
C HIS A 158 -18.29 8.90 -15.29
N GLN A 159 -17.94 8.88 -14.00
CA GLN A 159 -16.57 8.64 -13.57
C GLN A 159 -16.39 7.40 -12.71
N GLN A 160 -17.46 6.76 -12.26
CA GLN A 160 -17.34 5.56 -11.45
C GLN A 160 -18.20 4.45 -12.05
N ALA A 161 -17.95 3.22 -11.61
CA ALA A 161 -18.61 2.04 -12.15
C ALA A 161 -19.81 1.66 -11.30
N LEU A 162 -20.88 1.27 -11.96
CA LEU A 162 -22.07 0.71 -11.35
C LEU A 162 -22.00 -0.81 -11.39
N PRO A 163 -22.73 -1.50 -10.50
CA PRO A 163 -22.79 -2.96 -10.60
C PRO A 163 -23.28 -3.39 -11.97
N ASP A 164 -22.72 -4.50 -12.46
CA ASP A 164 -23.09 -4.98 -13.78
C ASP A 164 -24.58 -5.34 -13.81
N GLY A 165 -25.28 -4.82 -14.82
CA GLY A 165 -26.70 -5.06 -14.95
C GLY A 165 -27.58 -4.30 -14.00
N ALA A 166 -27.02 -3.39 -13.20
CA ALA A 166 -27.81 -2.66 -12.23
C ALA A 166 -28.77 -1.70 -12.91
N HIS A 167 -29.87 -1.41 -12.23
CA HIS A 167 -30.81 -0.38 -12.64
C HIS A 167 -30.72 0.80 -11.67
N ILE A 168 -30.90 2.00 -12.21
CA ILE A 168 -30.74 3.24 -11.43
C ILE A 168 -32.09 3.64 -10.87
N LEU A 169 -32.15 3.82 -9.55
CA LEU A 169 -33.36 4.24 -8.86
C LEU A 169 -33.16 5.64 -8.30
N ILE A 170 -34.07 6.54 -8.64
CA ILE A 170 -34.03 7.93 -8.19
C ILE A 170 -34.75 8.04 -6.86
N ASN A 171 -34.16 8.77 -5.92
CA ASN A 171 -34.76 9.03 -4.62
C ASN A 171 -34.68 10.51 -4.30
N ASN A 172 -35.57 10.95 -3.40
CA ASN A 172 -35.57 12.31 -2.87
C ASN A 172 -35.86 13.35 -3.95
N PHE A 173 -36.59 12.96 -4.98
CA PHE A 173 -36.96 13.87 -6.05
C PHE A 173 -37.81 15.01 -5.48
N ARG A 174 -37.32 16.23 -5.63
CA ARG A 174 -37.95 17.40 -5.03
C ARG A 174 -38.83 18.11 -6.05
N ILE A 175 -39.72 18.96 -5.54
CA ILE A 175 -40.62 19.77 -6.35
C ILE A 175 -40.08 21.19 -6.40
N GLY A 176 -40.07 21.77 -7.61
CA GLY A 176 -39.68 23.15 -7.76
C GLY A 176 -38.18 23.41 -7.76
N SER A 177 -37.40 22.52 -8.35
CA SER A 177 -35.96 22.71 -8.50
C SER A 177 -35.63 22.68 -9.99
N GLN A 178 -35.22 23.83 -10.52
CA GLN A 178 -34.95 23.93 -11.95
C GLN A 178 -33.76 23.08 -12.35
N VAL A 179 -32.67 23.15 -11.59
CA VAL A 179 -31.49 22.36 -11.93
C VAL A 179 -31.78 20.87 -11.82
N GLN A 180 -32.66 20.47 -10.91
CA GLN A 180 -33.09 19.08 -10.84
C GLN A 180 -33.88 18.70 -12.09
N ASP A 181 -34.81 19.56 -12.49
CA ASP A 181 -35.60 19.30 -13.69
C ASP A 181 -34.72 19.17 -14.92
N ASP A 182 -33.68 20.00 -15.02
CA ASP A 182 -32.77 19.92 -16.16
C ASP A 182 -32.00 18.61 -16.16
N ILE A 183 -31.40 18.25 -15.01
CA ILE A 183 -30.65 17.01 -14.92
C ILE A 183 -31.56 15.81 -15.19
N TYR A 184 -32.81 15.88 -14.71
CA TYR A 184 -33.74 14.76 -14.88
C TYR A 184 -34.07 14.55 -16.35
N GLN A 185 -34.40 15.62 -17.08
CA GLN A 185 -34.72 15.48 -18.49
C GLN A 185 -33.53 14.95 -19.28
N LEU A 186 -32.33 15.42 -18.95
CA LEU A 186 -31.12 14.90 -19.59
C LEU A 186 -30.96 13.41 -19.33
N TRP A 187 -31.24 12.97 -18.10
CA TRP A 187 -31.15 11.56 -17.77
C TRP A 187 -32.19 10.75 -18.53
N LEU A 188 -33.41 11.27 -18.65
CA LEU A 188 -34.46 10.56 -19.38
C LEU A 188 -34.06 10.29 -20.82
N GLN A 189 -33.19 11.13 -21.38
CA GLN A 189 -32.76 11.01 -22.76
C GLN A 189 -31.41 10.34 -22.93
N SER A 190 -30.65 10.13 -21.84
CA SER A 190 -29.30 9.59 -21.93
C SER A 190 -28.99 8.43 -20.99
N GLN A 191 -29.68 8.29 -19.87
CA GLN A 191 -29.39 7.20 -18.93
C GLN A 191 -30.25 5.99 -19.28
N ARG A 192 -29.62 4.98 -19.88
CA ARG A 192 -30.35 3.82 -20.38
C ARG A 192 -30.94 3.00 -19.24
N ARG A 193 -30.20 2.87 -18.13
CA ARG A 193 -30.55 1.95 -17.05
C ARG A 193 -31.48 2.57 -16.02
N LEU A 194 -32.20 3.63 -16.37
CA LEU A 194 -33.03 4.34 -15.40
C LEU A 194 -34.38 3.65 -15.24
N LEU A 195 -34.77 3.39 -13.99
CA LEU A 195 -36.03 2.73 -13.70
C LEU A 195 -37.21 3.59 -14.12
N PRO A 196 -38.36 2.97 -14.42
CA PRO A 196 -39.54 3.72 -14.84
C PRO A 196 -40.34 4.35 -13.71
N MET A 197 -39.87 4.26 -12.47
CA MET A 197 -40.52 4.93 -11.35
C MET A 197 -39.44 5.56 -10.47
N LEU A 198 -39.83 6.59 -9.73
CA LEU A 198 -38.93 7.28 -8.81
C LEU A 198 -39.62 7.51 -7.49
N ILE A 199 -38.83 7.93 -6.50
CA ILE A 199 -39.31 8.20 -5.15
C ILE A 199 -39.11 9.67 -4.86
N HIS A 200 -40.19 10.37 -4.52
CA HIS A 200 -40.11 11.78 -4.21
C HIS A 200 -39.56 12.00 -2.80
N ARG A 201 -39.07 13.21 -2.57
CA ARG A 201 -38.89 13.70 -1.21
C ARG A 201 -40.21 13.61 -0.46
N ASP A 202 -40.17 13.08 0.75
CA ASP A 202 -41.40 12.80 1.49
C ASP A 202 -41.10 12.84 2.98
N GLU A 203 -41.84 13.68 3.72
CA GLU A 203 -41.64 13.77 5.16
C GLU A 203 -41.83 12.42 5.84
N ALA A 204 -42.65 11.54 5.26
CA ALA A 204 -42.82 10.20 5.82
C ALA A 204 -41.50 9.43 5.78
N MET A 205 -40.72 9.62 4.71
CA MET A 205 -39.42 8.93 4.62
C MET A 205 -38.43 9.46 5.64
N ALA A 206 -38.55 10.73 6.01
CA ALA A 206 -37.68 11.28 7.06
C ALA A 206 -38.17 10.90 8.44
N GLU A 207 -39.48 10.68 8.61
CA GLU A 207 -40.03 10.43 9.93
C GLU A 207 -39.98 8.95 10.31
N CYS A 208 -40.05 8.05 9.32
CA CYS A 208 -40.15 6.63 9.63
C CYS A 208 -38.91 6.12 10.37
N LEU A 209 -37.74 6.68 10.07
CA LEU A 209 -36.54 6.26 10.79
C LEU A 209 -36.57 6.73 12.23
N ALA A 210 -37.13 7.92 12.49
CA ALA A 210 -37.32 8.37 13.86
C ALA A 210 -38.41 7.58 14.57
N ALA A 211 -39.31 6.95 13.82
CA ALA A 211 -40.28 6.02 14.38
C ALA A 211 -39.80 4.57 14.31
N LYS A 212 -38.64 4.34 13.71
CA LYS A 212 -37.99 3.02 13.69
C LYS A 212 -38.87 1.98 13.01
N GLN A 213 -39.41 2.34 11.85
CA GLN A 213 -40.31 1.49 11.08
C GLN A 213 -40.06 1.70 9.60
N PRO A 214 -40.38 0.72 8.77
CA PRO A 214 -40.39 0.96 7.32
C PRO A 214 -41.51 1.92 6.96
N VAL A 215 -41.30 2.67 5.88
CA VAL A 215 -42.25 3.73 5.54
C VAL A 215 -43.62 3.17 5.21
N GLY A 216 -43.68 1.93 4.69
CA GLY A 216 -44.96 1.31 4.43
C GLY A 216 -45.73 0.98 5.68
N GLU A 217 -45.03 0.60 6.75
CA GLU A 217 -45.68 0.38 8.04
C GLU A 217 -46.00 1.70 8.72
N TYR A 218 -45.09 2.66 8.66
CA TYR A 218 -45.28 3.94 9.33
C TYR A 218 -46.45 4.72 8.74
N ARG A 219 -46.51 4.81 7.42
CA ARG A 219 -47.54 5.61 6.74
C ARG A 219 -47.79 4.96 5.38
N SER A 220 -48.70 3.98 5.36
CA SER A 220 -48.95 3.21 4.14
C SER A 220 -49.58 4.06 3.03
N ASP A 221 -50.25 5.15 3.37
CA ASP A 221 -50.86 6.02 2.37
C ASP A 221 -49.94 7.15 1.93
N ALA A 222 -48.71 7.19 2.42
CA ALA A 222 -47.77 8.20 1.97
C ALA A 222 -47.36 7.95 0.53
N LEU A 223 -47.08 9.04 -0.20
CA LEU A 223 -46.72 8.93 -1.61
C LEU A 223 -45.49 8.06 -1.80
N ALA A 224 -44.47 8.24 -0.97
CA ALA A 224 -43.25 7.44 -1.10
C ALA A 224 -43.51 5.97 -0.80
N ALA A 225 -44.46 5.68 0.08
CA ALA A 225 -44.83 4.29 0.33
C ALA A 225 -45.45 3.65 -0.90
N GLU A 226 -46.34 4.38 -1.58
CA GLU A 226 -46.95 3.84 -2.80
C GLU A 226 -45.94 3.72 -3.93
N GLU A 227 -44.96 4.62 -4.00
CA GLU A 227 -43.95 4.53 -5.04
C GLU A 227 -43.04 3.32 -4.82
N ILE A 228 -42.70 3.05 -3.57
CA ILE A 228 -41.86 1.88 -3.27
C ILE A 228 -42.66 0.60 -3.44
N LEU A 229 -43.97 0.63 -3.21
CA LEU A 229 -44.80 -0.52 -3.50
C LEU A 229 -44.85 -0.80 -5.00
N THR A 230 -44.86 0.27 -5.81
CA THR A 230 -44.72 0.09 -7.25
C THR A 230 -43.40 -0.59 -7.59
N LEU A 231 -42.32 -0.15 -6.93
CA LEU A 231 -41.01 -0.77 -7.15
C LEU A 231 -41.03 -2.24 -6.75
N ALA A 232 -41.76 -2.59 -5.69
CA ALA A 232 -41.85 -3.98 -5.27
C ALA A 232 -42.52 -4.83 -6.34
N ASN A 233 -43.65 -4.36 -6.88
CA ASN A 233 -44.31 -5.09 -7.96
C ASN A 233 -43.43 -5.16 -9.20
N TRP A 234 -42.71 -4.06 -9.50
CA TRP A 234 -41.79 -4.09 -10.64
C TRP A 234 -40.70 -5.13 -10.45
N CYS A 235 -40.28 -5.35 -9.20
CA CYS A 235 -39.31 -6.41 -8.93
C CYS A 235 -39.92 -7.79 -9.17
N LEU A 236 -41.18 -7.98 -8.76
CA LEU A 236 -41.86 -9.24 -9.03
C LEU A 236 -41.92 -9.52 -10.52
N LEU A 237 -42.12 -8.48 -11.33
CA LEU A 237 -42.30 -8.65 -12.77
C LEU A 237 -40.98 -8.82 -13.50
N ASN A 238 -39.89 -8.24 -12.99
CA ASN A 238 -38.64 -8.16 -13.75
C ASN A 238 -37.47 -8.85 -13.09
N TYR A 239 -37.44 -8.98 -11.76
CA TYR A 239 -36.27 -9.49 -11.05
C TYR A 239 -36.46 -10.88 -10.48
N SER A 240 -37.37 -11.67 -11.05
CA SER A 240 -37.66 -13.02 -10.55
C SER A 240 -36.89 -14.03 -11.41
N GLY A 241 -35.63 -14.23 -11.05
CA GLY A 241 -34.78 -15.17 -11.75
C GLY A 241 -33.35 -15.19 -11.24
N ALA B 2 -4.43 28.70 9.65
CA ALA B 2 -4.51 27.36 10.22
C ALA B 2 -4.87 26.34 9.15
N VAL B 3 -4.74 25.06 9.49
CA VAL B 3 -5.16 23.96 8.63
C VAL B 3 -6.51 23.47 9.13
N LEU B 4 -7.54 23.61 8.30
CA LEU B 4 -8.90 23.28 8.68
C LEU B 4 -9.37 22.09 7.84
N GLY B 5 -9.76 21.02 8.52
CA GLY B 5 -10.31 19.84 7.86
C GLY B 5 -11.83 19.87 7.91
N LEU B 6 -12.45 19.49 6.79
CA LEU B 6 -13.89 19.35 6.70
C LEU B 6 -14.20 17.91 6.33
N GLN B 7 -14.99 17.25 7.18
CA GLN B 7 -15.33 15.84 6.99
C GLN B 7 -16.78 15.64 7.36
N GLY B 8 -17.56 15.08 6.44
CA GLY B 8 -18.92 14.72 6.75
C GLY B 8 -18.98 13.48 7.63
N VAL B 9 -19.89 13.51 8.60
CA VAL B 9 -20.18 12.30 9.37
C VAL B 9 -20.83 11.23 8.50
N ARG B 10 -21.19 11.59 7.27
CA ARG B 10 -21.87 10.71 6.34
C ARG B 10 -21.59 11.25 4.94
N GLY B 11 -21.86 10.43 3.93
CA GLY B 11 -21.74 10.88 2.57
C GLY B 11 -22.90 11.79 2.17
N GLY B 12 -22.63 12.68 1.21
CA GLY B 12 -23.68 13.49 0.64
C GLY B 12 -24.32 14.49 1.56
N VAL B 13 -23.56 15.05 2.52
CA VAL B 13 -24.09 16.08 3.40
C VAL B 13 -23.66 17.48 2.99
N GLY B 14 -22.79 17.62 2.01
CA GLY B 14 -22.36 18.90 1.51
C GLY B 14 -20.92 19.27 1.80
N THR B 15 -20.07 18.32 2.18
CA THR B 15 -18.72 18.63 2.63
C THR B 15 -17.91 19.30 1.53
N THR B 16 -17.99 18.80 0.30
CA THR B 16 -17.20 19.36 -0.80
C THR B 16 -17.70 20.75 -1.16
N THR B 17 -19.01 20.90 -1.36
CA THR B 17 -19.56 22.21 -1.70
C THR B 17 -19.22 23.25 -0.65
N ILE B 18 -19.35 22.89 0.63
CA ILE B 18 -19.02 23.82 1.71
C ILE B 18 -17.54 24.15 1.70
N THR B 19 -16.69 23.15 1.44
CA THR B 19 -15.26 23.38 1.39
C THR B 19 -14.90 24.40 0.30
N ALA B 20 -15.49 24.25 -0.88
CA ALA B 20 -15.25 25.21 -1.95
C ALA B 20 -15.81 26.58 -1.60
N ALA B 21 -17.03 26.62 -1.05
CA ALA B 21 -17.63 27.89 -0.68
C ALA B 21 -16.82 28.58 0.41
N LEU B 22 -16.29 27.81 1.37
CA LEU B 22 -15.52 28.41 2.46
C LEU B 22 -14.18 28.93 1.97
N ALA B 23 -13.55 28.22 1.03
CA ALA B 23 -12.31 28.71 0.45
C ALA B 23 -12.54 29.99 -0.35
N TRP B 24 -13.69 30.12 -1.01
CA TRP B 24 -13.99 31.35 -1.74
C TRP B 24 -14.25 32.50 -0.78
N SER B 25 -14.92 32.24 0.35
CA SER B 25 -15.20 33.30 1.30
C SER B 25 -13.93 33.79 1.97
N LEU B 26 -13.02 32.87 2.30
CA LEU B 26 -11.78 33.25 2.98
C LEU B 26 -10.89 34.08 2.07
N GLN B 27 -10.76 33.69 0.80
CA GLN B 27 -9.97 34.49 -0.12
C GLN B 27 -10.65 35.83 -0.42
N MET B 28 -11.98 35.88 -0.37
CA MET B 28 -12.67 37.15 -0.55
C MET B 28 -12.50 38.06 0.66
N LEU B 29 -12.32 37.47 1.84
CA LEU B 29 -12.01 38.25 3.03
C LEU B 29 -10.59 38.79 3.03
N GLY B 30 -9.79 38.47 2.01
CA GLY B 30 -8.42 38.94 1.95
C GLY B 30 -7.40 38.00 2.55
N GLU B 31 -7.65 36.70 2.54
CA GLU B 31 -6.76 35.70 3.10
C GLU B 31 -6.19 34.83 1.99
N ASN B 32 -4.93 34.45 2.12
CA ASN B 32 -4.32 33.51 1.19
C ASN B 32 -4.73 32.09 1.57
N VAL B 33 -5.32 31.37 0.62
CA VAL B 33 -5.98 30.09 0.89
C VAL B 33 -5.49 29.05 -0.10
N LEU B 34 -5.16 27.87 0.41
CA LEU B 34 -4.96 26.68 -0.39
C LEU B 34 -6.01 25.66 0.01
N VAL B 35 -6.73 25.13 -0.98
CA VAL B 35 -7.76 24.12 -0.74
C VAL B 35 -7.29 22.82 -1.38
N VAL B 36 -7.41 21.72 -0.62
CA VAL B 36 -6.82 20.44 -0.99
C VAL B 36 -7.90 19.37 -0.95
N ASP B 37 -8.04 18.62 -2.04
CA ASP B 37 -9.01 17.54 -2.12
C ASP B 37 -8.35 16.25 -1.67
N ALA B 38 -8.75 15.75 -0.50
CA ALA B 38 -8.25 14.49 0.02
C ALA B 38 -9.22 13.34 -0.19
N CYS B 39 -10.35 13.59 -0.85
CA CYS B 39 -11.29 12.51 -1.14
C CYS B 39 -10.95 11.88 -2.48
N PRO B 40 -10.85 10.54 -2.55
CA PRO B 40 -10.47 9.90 -3.82
C PRO B 40 -11.46 10.14 -4.94
N ASP B 41 -12.68 10.59 -4.65
CA ASP B 41 -13.66 10.83 -5.70
C ASP B 41 -13.34 12.07 -6.53
N ASN B 42 -12.42 12.92 -6.07
CA ASN B 42 -11.84 13.98 -6.90
C ASN B 42 -12.91 14.95 -7.41
N LEU B 43 -13.84 15.32 -6.53
CA LEU B 43 -14.97 16.17 -6.93
C LEU B 43 -14.74 17.65 -6.66
N LEU B 44 -13.86 17.98 -5.71
CA LEU B 44 -13.67 19.38 -5.31
C LEU B 44 -13.29 20.26 -6.48
N ARG B 45 -12.43 19.75 -7.37
CA ARG B 45 -11.94 20.53 -8.50
C ARG B 45 -13.08 21.03 -9.38
N LEU B 46 -14.18 20.29 -9.47
CA LEU B 46 -15.27 20.65 -10.37
C LEU B 46 -16.05 21.87 -9.90
N SER B 47 -15.84 22.31 -8.66
CA SER B 47 -16.40 23.57 -8.18
C SER B 47 -15.52 24.76 -8.51
N PHE B 48 -14.40 24.55 -9.21
CA PHE B 48 -13.49 25.63 -9.58
C PHE B 48 -13.20 25.61 -11.08
N ASN B 49 -14.18 25.16 -11.87
CA ASN B 49 -14.12 25.22 -13.34
C ASN B 49 -12.93 24.44 -13.90
N VAL B 50 -12.49 23.41 -13.19
CA VAL B 50 -11.46 22.52 -13.70
C VAL B 50 -12.11 21.50 -14.63
N ASP B 51 -11.59 21.39 -15.85
CA ASP B 51 -12.18 20.49 -16.84
C ASP B 51 -12.18 19.06 -16.35
N PHE B 52 -13.26 18.34 -16.63
CA PHE B 52 -13.40 16.97 -16.14
C PHE B 52 -12.30 16.06 -16.68
N THR B 53 -11.85 16.30 -17.91
CA THR B 53 -10.80 15.49 -18.50
C THR B 53 -9.42 15.80 -17.94
N HIS B 54 -9.29 16.80 -17.07
CA HIS B 54 -8.02 17.15 -16.44
C HIS B 54 -7.76 16.17 -15.31
N ARG B 55 -6.96 15.14 -15.58
CA ARG B 55 -6.74 14.05 -14.63
C ARG B 55 -5.68 14.36 -13.59
N GLN B 56 -5.02 15.51 -13.65
CA GLN B 56 -3.91 15.79 -12.76
C GLN B 56 -4.37 16.00 -11.32
N GLY B 57 -3.46 15.73 -10.39
CA GLY B 57 -3.74 15.85 -8.98
C GLY B 57 -2.54 15.35 -8.19
N TRP B 58 -2.58 15.61 -6.88
CA TRP B 58 -1.44 15.26 -6.05
C TRP B 58 -1.27 13.76 -5.91
N ALA B 59 -2.39 13.03 -5.75
CA ALA B 59 -2.30 11.58 -5.62
C ALA B 59 -2.05 10.91 -6.97
N ARG B 60 -2.69 11.43 -8.02
CA ARG B 60 -2.42 10.93 -9.37
C ARG B 60 -0.94 11.11 -9.74
N ALA B 61 -0.33 12.20 -9.27
CA ALA B 61 1.07 12.45 -9.59
C ALA B 61 1.98 11.50 -8.81
N MET B 62 1.62 11.17 -7.57
CA MET B 62 2.46 10.28 -6.76
C MET B 62 2.41 8.85 -7.29
N LEU B 63 1.22 8.40 -7.71
CA LEU B 63 1.09 7.06 -8.25
C LEU B 63 1.82 6.88 -9.57
N ASP B 64 2.02 7.96 -10.32
CA ASP B 64 2.69 7.92 -11.62
C ASP B 64 4.17 8.27 -11.52
N GLY B 65 4.69 8.53 -10.32
CA GLY B 65 6.08 8.87 -10.13
C GLY B 65 6.43 10.32 -10.35
N GLN B 66 5.45 11.18 -10.60
CA GLN B 66 5.70 12.58 -10.90
C GLN B 66 5.67 13.42 -9.61
N ASP B 67 5.95 14.71 -9.75
CA ASP B 67 6.01 15.62 -8.61
C ASP B 67 4.63 16.23 -8.39
N TRP B 68 4.06 15.96 -7.21
CA TRP B 68 2.73 16.46 -6.88
C TRP B 68 2.69 17.98 -6.81
N ARG B 69 3.83 18.62 -6.58
CA ARG B 69 3.85 20.08 -6.48
C ARG B 69 3.49 20.76 -7.80
N ASP B 70 3.69 20.07 -8.93
CA ASP B 70 3.29 20.60 -10.22
C ASP B 70 1.80 20.42 -10.52
N ALA B 71 1.05 19.81 -9.60
CA ALA B 71 -0.38 19.58 -9.79
C ALA B 71 -1.24 20.70 -9.21
N GLY B 72 -0.63 21.79 -8.75
CA GLY B 72 -1.40 22.88 -8.20
C GLY B 72 -2.09 23.69 -9.27
N LEU B 73 -3.12 24.43 -8.85
CA LEU B 73 -3.91 25.26 -9.76
C LEU B 73 -4.26 26.56 -9.05
N ARG B 74 -3.96 27.68 -9.71
CA ARG B 74 -4.28 29.00 -9.16
C ARG B 74 -5.66 29.42 -9.66
N TYR B 75 -6.58 29.67 -8.74
CA TYR B 75 -7.92 30.12 -9.09
C TYR B 75 -8.06 31.63 -9.00
N THR B 76 -7.63 32.24 -7.90
CA THR B 76 -7.49 33.67 -7.78
C THR B 76 -6.11 33.99 -7.22
N SER B 77 -5.82 35.28 -7.07
CA SER B 77 -4.54 35.70 -6.52
C SER B 77 -4.34 35.21 -5.09
N GLN B 78 -5.41 34.86 -4.39
CA GLN B 78 -5.32 34.42 -3.00
C GLN B 78 -5.95 33.05 -2.76
N LEU B 79 -6.28 32.31 -3.82
CA LEU B 79 -6.86 30.98 -3.68
C LEU B 79 -6.19 30.02 -4.65
N ASP B 80 -5.50 29.01 -4.12
CA ASP B 80 -4.88 27.97 -4.90
C ASP B 80 -5.57 26.63 -4.61
N LEU B 81 -5.61 25.77 -5.62
CA LEU B 81 -6.32 24.51 -5.56
C LEU B 81 -5.38 23.35 -5.86
N LEU B 82 -5.53 22.26 -5.10
CA LEU B 82 -4.76 21.04 -5.31
C LEU B 82 -5.72 19.86 -5.41
N PRO B 83 -6.08 19.45 -6.63
CA PRO B 83 -7.03 18.35 -6.78
C PRO B 83 -6.41 17.02 -6.39
N PHE B 84 -7.28 16.02 -6.19
CA PHE B 84 -6.80 14.68 -5.87
C PHE B 84 -6.22 14.01 -7.10
N GLY B 85 -6.90 14.12 -8.23
CA GLY B 85 -6.52 13.42 -9.44
C GLY B 85 -7.51 12.31 -9.77
N GLN B 86 -7.59 11.97 -11.05
CA GLN B 86 -8.55 10.99 -11.53
C GLN B 86 -7.96 9.60 -11.42
N LEU B 87 -8.57 8.75 -10.60
CA LEU B 87 -8.18 7.34 -10.53
C LEU B 87 -8.90 6.54 -11.61
N SER B 88 -8.22 5.50 -12.09
CA SER B 88 -8.85 4.59 -13.02
C SER B 88 -9.86 3.70 -12.29
N ILE B 89 -10.68 2.99 -13.07
CA ILE B 89 -11.69 2.12 -12.48
C ILE B 89 -11.04 1.04 -11.63
N GLU B 90 -9.93 0.47 -12.11
CA GLU B 90 -9.23 -0.55 -11.33
C GLU B 90 -8.74 0.02 -10.00
N GLU B 91 -8.13 1.21 -10.04
CA GLU B 91 -7.66 1.84 -8.80
C GLU B 91 -8.83 2.12 -7.85
N GLN B 92 -9.97 2.54 -8.41
CA GLN B 92 -11.15 2.76 -7.58
C GLN B 92 -11.61 1.48 -6.91
N GLU B 93 -11.59 0.36 -7.65
CA GLU B 93 -12.08 -0.90 -7.10
C GLU B 93 -11.10 -1.56 -6.16
N ASN B 94 -9.81 -1.21 -6.23
CA ASN B 94 -8.77 -1.82 -5.40
C ASN B 94 -7.99 -0.72 -4.68
N PRO B 95 -8.58 -0.13 -3.64
CA PRO B 95 -7.87 0.94 -2.90
C PRO B 95 -6.58 0.47 -2.25
N GLN B 96 -6.49 -0.80 -1.85
CA GLN B 96 -5.27 -1.29 -1.22
C GLN B 96 -4.08 -1.26 -2.17
N HIS B 97 -4.32 -1.11 -3.47
CA HIS B 97 -3.21 -1.03 -4.42
C HIS B 97 -2.48 0.31 -4.32
N TRP B 98 -3.18 1.38 -3.94
CA TRP B 98 -2.61 2.72 -3.96
C TRP B 98 -2.71 3.47 -2.64
N GLN B 99 -3.53 3.01 -1.69
CA GLN B 99 -3.72 3.76 -0.45
C GLN B 99 -2.42 3.93 0.31
N THR B 100 -1.55 2.92 0.27
CA THR B 100 -0.29 2.96 1.00
C THR B 100 0.80 3.75 0.28
N ARG B 101 0.58 4.14 -0.97
CA ARG B 101 1.59 4.80 -1.78
C ARG B 101 1.45 6.33 -1.77
N LEU B 102 0.78 6.89 -0.77
CA LEU B 102 0.51 8.32 -0.72
C LEU B 102 1.14 8.95 0.52
N SER B 103 2.36 8.53 0.85
CA SER B 103 2.99 8.99 2.09
C SER B 103 3.53 10.42 1.98
N ASP B 104 3.91 10.86 0.78
CA ASP B 104 4.58 12.14 0.63
C ASP B 104 3.71 13.32 1.05
N ILE B 105 2.39 13.19 0.89
CA ILE B 105 1.51 14.34 1.11
C ILE B 105 1.51 14.79 2.57
N CYS B 106 1.87 13.92 3.51
CA CYS B 106 1.90 14.30 4.91
C CYS B 106 3.01 15.31 5.17
N SER B 107 4.25 14.99 4.77
CA SER B 107 5.34 15.94 4.91
C SER B 107 5.14 17.14 4.00
N GLY B 108 4.58 16.92 2.81
CA GLY B 108 4.35 18.02 1.89
C GLY B 108 3.43 19.08 2.45
N LEU B 109 2.36 18.65 3.13
CA LEU B 109 1.45 19.63 3.73
C LEU B 109 2.09 20.32 4.94
N GLN B 110 2.87 19.58 5.74
CA GLN B 110 3.60 20.20 6.82
C GLN B 110 4.58 21.25 6.30
N GLN B 111 5.15 21.02 5.11
CA GLN B 111 6.02 22.02 4.51
C GLN B 111 5.23 23.26 4.11
N LEU B 112 4.05 23.07 3.52
CA LEU B 112 3.21 24.21 3.15
C LEU B 112 2.71 24.95 4.38
N LYS B 113 2.50 24.24 5.50
CA LYS B 113 2.19 24.92 6.75
C LYS B 113 3.34 25.82 7.18
N ALA B 114 4.56 25.27 7.22
CA ALA B 114 5.72 26.01 7.71
C ALA B 114 6.16 27.13 6.77
N SER B 115 5.83 27.02 5.48
CA SER B 115 6.27 28.03 4.52
C SER B 115 5.63 29.39 4.80
N GLY B 116 4.44 29.40 5.40
CA GLY B 116 3.77 30.66 5.65
C GLY B 116 3.22 31.34 4.43
N ARG B 117 3.09 30.62 3.32
CA ARG B 117 2.51 31.22 2.12
C ARG B 117 1.01 31.43 2.26
N TYR B 118 0.33 30.54 2.99
CA TYR B 118 -1.11 30.58 3.11
C TYR B 118 -1.51 30.83 4.56
N GLN B 119 -2.54 31.68 4.75
CA GLN B 119 -3.16 31.82 6.05
C GLN B 119 -4.15 30.69 6.33
N TRP B 120 -4.62 29.99 5.30
CA TRP B 120 -5.60 28.93 5.46
C TRP B 120 -5.30 27.81 4.50
N ILE B 121 -5.27 26.58 5.01
CA ILE B 121 -5.21 25.38 4.20
C ILE B 121 -6.44 24.55 4.54
N LEU B 122 -7.40 24.50 3.64
CA LEU B 122 -8.61 23.71 3.81
C LEU B 122 -8.44 22.36 3.12
N ILE B 123 -8.98 21.32 3.73
CA ILE B 123 -8.86 19.96 3.23
C ILE B 123 -10.23 19.32 3.18
N ASP B 124 -10.64 18.87 2.00
CA ASP B 124 -11.86 18.09 1.84
C ASP B 124 -11.54 16.64 2.16
N LEU B 125 -12.01 16.16 3.32
CA LEU B 125 -11.59 14.87 3.85
C LEU B 125 -12.66 13.80 3.65
N PRO B 126 -12.24 12.60 3.27
CA PRO B 126 -13.19 11.48 3.17
C PRO B 126 -13.50 10.90 4.54
N ARG B 127 -14.61 10.16 4.60
CA ARG B 127 -15.06 9.51 5.83
C ARG B 127 -14.52 8.10 5.98
N ASP B 128 -13.69 7.63 5.05
CA ASP B 128 -13.13 6.30 5.18
C ASP B 128 -12.19 6.23 6.39
N ALA B 129 -11.74 5.02 6.70
CA ALA B 129 -10.82 4.78 7.80
C ALA B 129 -9.40 4.53 7.30
N SER B 130 -9.00 5.18 6.22
CA SER B 130 -7.66 5.02 5.69
C SER B 130 -6.62 5.54 6.67
N GLN B 131 -5.43 4.95 6.62
CA GLN B 131 -4.31 5.48 7.40
C GLN B 131 -3.89 6.85 6.91
N ILE B 132 -3.96 7.07 5.59
CA ILE B 132 -3.62 8.37 5.03
C ILE B 132 -4.64 9.42 5.47
N THR B 133 -5.91 9.03 5.58
CA THR B 133 -6.93 9.96 6.06
C THR B 133 -6.69 10.33 7.51
N HIS B 134 -6.30 9.36 8.34
CA HIS B 134 -5.97 9.66 9.73
C HIS B 134 -4.76 10.59 9.82
N GLN B 135 -3.77 10.38 8.95
CA GLN B 135 -2.58 11.23 8.98
C GLN B 135 -2.90 12.66 8.59
N LEU B 136 -3.79 12.86 7.62
CA LEU B 136 -4.19 14.21 7.24
C LEU B 136 -5.03 14.86 8.33
N LEU B 137 -5.83 14.07 9.05
CA LEU B 137 -6.60 14.63 10.17
C LEU B 137 -5.69 15.06 11.31
N SER B 138 -4.59 14.34 11.53
CA SER B 138 -3.65 14.74 12.58
C SER B 138 -2.92 16.03 12.21
N LEU B 139 -2.71 16.26 10.92
CA LEU B 139 -2.08 17.51 10.48
C LEU B 139 -3.00 18.71 10.61
N CYS B 140 -4.29 18.50 10.84
CA CYS B 140 -5.25 19.59 10.90
C CYS B 140 -5.24 20.26 12.27
N ASP B 141 -5.25 21.59 12.26
CA ASP B 141 -5.38 22.34 13.51
C ASP B 141 -6.80 22.30 14.04
N HIS B 142 -7.78 22.46 13.15
CA HIS B 142 -9.18 22.42 13.52
C HIS B 142 -9.94 21.59 12.49
N SER B 143 -11.14 21.16 12.87
CA SER B 143 -11.95 20.33 11.99
C SER B 143 -13.42 20.67 12.14
N LEU B 144 -14.16 20.52 11.04
CA LEU B 144 -15.60 20.70 11.02
C LEU B 144 -16.24 19.37 10.62
N ALA B 145 -17.18 18.90 11.43
CA ALA B 145 -17.98 17.73 11.10
C ALA B 145 -19.28 18.20 10.49
N ILE B 146 -19.55 17.76 9.25
CA ILE B 146 -20.69 18.21 8.48
C ILE B 146 -21.84 17.23 8.68
N VAL B 147 -23.03 17.77 8.97
CA VAL B 147 -24.22 16.95 9.19
C VAL B 147 -25.41 17.57 8.47
N ASN B 148 -26.40 16.73 8.22
CA ASN B 148 -27.77 17.16 7.95
C ASN B 148 -28.62 16.85 9.17
N VAL B 149 -29.70 17.59 9.33
CA VAL B 149 -30.59 17.39 10.48
C VAL B 149 -31.58 16.31 10.07
N ASP B 150 -31.19 15.05 10.28
CA ASP B 150 -32.07 13.91 10.05
C ASP B 150 -31.71 12.81 11.04
N ALA B 151 -32.53 11.76 11.03
CA ALA B 151 -32.34 10.67 11.99
C ALA B 151 -31.04 9.91 11.75
N ASN B 152 -30.58 9.84 10.50
CA ASN B 152 -29.33 9.15 10.19
C ASN B 152 -28.16 9.80 10.93
N CYS B 153 -27.96 11.11 10.74
CA CYS B 153 -26.87 11.81 11.41
C CYS B 153 -27.05 11.80 12.92
N HIS B 154 -28.30 11.85 13.40
CA HIS B 154 -28.55 11.78 14.83
C HIS B 154 -28.01 10.48 15.42
N ILE B 155 -28.27 9.35 14.75
CA ILE B 155 -27.74 8.07 15.19
C ILE B 155 -26.21 8.10 15.14
N ARG B 156 -25.65 8.64 14.06
CA ARG B 156 -24.20 8.62 13.88
C ARG B 156 -23.49 9.42 14.97
N LEU B 157 -24.09 10.53 15.41
CA LEU B 157 -23.49 11.32 16.49
C LEU B 157 -23.43 10.56 17.81
N HIS B 158 -24.14 9.44 17.93
CA HIS B 158 -24.13 8.63 19.13
C HIS B 158 -23.34 7.34 18.99
N GLN B 159 -23.00 6.92 17.77
CA GLN B 159 -22.35 5.62 17.57
C GLN B 159 -21.03 5.67 16.83
N GLN B 160 -20.64 6.81 16.27
CA GLN B 160 -19.36 6.92 15.58
C GLN B 160 -18.57 8.09 16.17
N ALA B 161 -17.25 8.01 16.02
CA ALA B 161 -16.36 9.03 16.56
C ALA B 161 -16.20 10.18 15.57
N LEU B 162 -16.08 11.38 16.11
CA LEU B 162 -15.76 12.57 15.36
C LEU B 162 -14.31 12.96 15.62
N PRO B 163 -13.70 13.76 14.74
CA PRO B 163 -12.34 14.25 15.02
C PRO B 163 -12.27 14.96 16.35
N ASP B 164 -11.11 14.85 16.99
CA ASP B 164 -10.91 15.47 18.30
C ASP B 164 -11.03 16.99 18.19
N GLY B 165 -11.88 17.56 19.05
CA GLY B 165 -12.10 19.00 19.04
C GLY B 165 -12.86 19.52 17.84
N ALA B 166 -13.54 18.66 17.08
CA ALA B 166 -14.30 19.12 15.94
C ALA B 166 -15.55 19.87 16.36
N HIS B 167 -16.01 20.77 15.50
CA HIS B 167 -17.28 21.45 15.66
C HIS B 167 -18.27 20.93 14.62
N ILE B 168 -19.54 20.87 15.00
CA ILE B 168 -20.59 20.32 14.15
C ILE B 168 -21.22 21.44 13.35
N LEU B 169 -21.25 21.28 12.03
CA LEU B 169 -21.84 22.26 11.12
C LEU B 169 -23.06 21.64 10.45
N ILE B 170 -24.19 22.34 10.53
CA ILE B 170 -25.44 21.88 9.95
C ILE B 170 -25.54 22.39 8.51
N ASN B 171 -25.91 21.50 7.59
CA ASN B 171 -26.16 21.87 6.21
C ASN B 171 -27.51 21.32 5.79
N ASN B 172 -28.06 21.93 4.72
CA ASN B 172 -29.32 21.50 4.11
C ASN B 172 -30.51 21.68 5.05
N PHE B 173 -30.47 22.68 5.92
CA PHE B 173 -31.59 22.93 6.82
C PHE B 173 -32.82 23.35 6.01
N ARG B 174 -33.91 22.63 6.18
CA ARG B 174 -35.10 22.78 5.35
C ARG B 174 -36.19 23.54 6.08
N ILE B 175 -37.18 23.99 5.32
CA ILE B 175 -38.32 24.74 5.83
C ILE B 175 -39.53 23.83 5.88
N GLY B 176 -40.19 23.77 7.03
CA GLY B 176 -41.43 23.03 7.15
C GLY B 176 -41.30 21.54 7.35
N SER B 177 -40.28 21.10 8.07
CA SER B 177 -40.11 19.69 8.42
C SER B 177 -40.23 19.56 9.94
N GLN B 178 -41.32 18.96 10.40
CA GLN B 178 -41.56 18.82 11.83
C GLN B 178 -40.46 17.99 12.48
N VAL B 179 -40.12 16.84 11.87
CA VAL B 179 -39.11 15.97 12.45
C VAL B 179 -37.75 16.68 12.49
N GLN B 180 -37.46 17.53 11.50
CA GLN B 180 -36.22 18.29 11.54
C GLN B 180 -36.22 19.28 12.69
N ASP B 181 -37.34 19.97 12.91
CA ASP B 181 -37.44 20.89 14.04
C ASP B 181 -37.26 20.16 15.37
N ASP B 182 -37.80 18.94 15.48
CA ASP B 182 -37.67 18.19 16.72
C ASP B 182 -36.23 17.77 16.97
N ILE B 183 -35.56 17.22 15.94
CA ILE B 183 -34.17 16.84 16.09
C ILE B 183 -33.30 18.06 16.37
N TYR B 184 -33.63 19.19 15.74
CA TYR B 184 -32.82 20.40 15.90
C TYR B 184 -32.98 20.99 17.30
N GLN B 185 -34.21 21.05 17.81
CA GLN B 185 -34.42 21.54 19.16
C GLN B 185 -33.70 20.65 20.18
N LEU B 186 -33.72 19.33 19.95
CA LEU B 186 -33.01 18.42 20.84
C LEU B 186 -31.50 18.63 20.76
N TRP B 187 -30.97 18.83 19.56
CA TRP B 187 -29.55 19.08 19.41
C TRP B 187 -29.13 20.35 20.13
N LEU B 188 -29.97 21.38 20.10
CA LEU B 188 -29.62 22.65 20.73
C LEU B 188 -29.39 22.49 22.23
N GLN B 189 -30.08 21.55 22.87
CA GLN B 189 -29.93 21.33 24.30
C GLN B 189 -29.00 20.17 24.65
N SER B 190 -28.65 19.31 23.70
CA SER B 190 -27.83 18.14 23.98
C SER B 190 -26.47 18.15 23.30
N GLN B 191 -26.37 18.68 22.07
CA GLN B 191 -25.10 18.72 21.35
C GLN B 191 -24.32 19.96 21.78
N ARG B 192 -23.09 19.75 22.26
CA ARG B 192 -22.28 20.83 22.80
C ARG B 192 -21.23 21.35 21.82
N ARG B 193 -20.93 20.63 20.75
CA ARG B 193 -19.96 21.07 19.75
C ARG B 193 -20.62 21.70 18.53
N LEU B 194 -21.93 21.98 18.59
CA LEU B 194 -22.67 22.49 17.45
C LEU B 194 -22.39 23.96 17.23
N LEU B 195 -22.14 24.34 15.97
CA LEU B 195 -21.80 25.72 15.65
C LEU B 195 -23.04 26.62 15.75
N PRO B 196 -22.85 27.91 16.02
CA PRO B 196 -24.02 28.79 16.19
C PRO B 196 -24.75 29.10 14.90
N MET B 197 -24.07 29.06 13.76
CA MET B 197 -24.72 29.29 12.47
C MET B 197 -24.88 27.96 11.73
N LEU B 198 -25.86 27.92 10.83
CA LEU B 198 -26.13 26.76 10.00
C LEU B 198 -26.29 27.21 8.56
N ILE B 199 -26.50 26.25 7.67
CA ILE B 199 -26.65 26.50 6.25
C ILE B 199 -27.96 25.89 5.78
N HIS B 200 -28.88 26.72 5.34
CA HIS B 200 -30.16 26.24 4.84
C HIS B 200 -29.98 25.55 3.49
N ARG B 201 -30.95 24.70 3.16
CA ARG B 201 -31.03 24.17 1.80
C ARG B 201 -31.33 25.32 0.84
N ASP B 202 -30.45 25.52 -0.13
CA ASP B 202 -30.51 26.65 -1.04
C ASP B 202 -30.35 26.15 -2.46
N GLU B 203 -31.24 26.56 -3.36
CA GLU B 203 -31.12 26.19 -4.75
C GLU B 203 -29.78 26.65 -5.34
N ALA B 204 -29.24 27.75 -4.83
CA ALA B 204 -27.94 28.22 -5.31
C ALA B 204 -26.84 27.21 -5.03
N MET B 205 -26.95 26.46 -3.92
CA MET B 205 -25.97 25.44 -3.60
C MET B 205 -26.13 24.20 -4.48
N ALA B 206 -27.32 23.96 -5.01
CA ALA B 206 -27.51 22.88 -5.96
C ALA B 206 -27.04 23.26 -7.36
N GLU B 207 -27.15 24.54 -7.71
CA GLU B 207 -26.81 25.02 -9.05
C GLU B 207 -25.34 25.34 -9.22
N CYS B 208 -24.67 25.78 -8.16
CA CYS B 208 -23.29 26.24 -8.29
C CYS B 208 -22.37 25.15 -8.82
N LEU B 209 -22.59 23.91 -8.39
CA LEU B 209 -21.80 22.80 -8.92
C LEU B 209 -22.10 22.58 -10.39
N ALA B 210 -23.37 22.75 -10.79
CA ALA B 210 -23.72 22.66 -12.20
C ALA B 210 -23.10 23.81 -13.01
N ALA B 211 -22.84 24.94 -12.35
CA ALA B 211 -22.12 26.04 -12.97
C ALA B 211 -20.62 25.96 -12.75
N LYS B 212 -20.15 24.96 -12.00
CA LYS B 212 -18.72 24.71 -11.77
C LYS B 212 -18.05 25.91 -11.11
N GLN B 213 -18.69 26.43 -10.07
CA GLN B 213 -18.21 27.59 -9.33
C GLN B 213 -18.54 27.40 -7.86
N PRO B 214 -17.80 28.07 -6.96
CA PRO B 214 -18.23 28.14 -5.57
C PRO B 214 -19.49 28.98 -5.46
N VAL B 215 -20.28 28.70 -4.42
CA VAL B 215 -21.59 29.36 -4.33
C VAL B 215 -21.42 30.86 -4.13
N GLY B 216 -20.35 31.29 -3.47
CA GLY B 216 -20.13 32.72 -3.27
C GLY B 216 -19.86 33.44 -4.57
N GLU B 217 -19.17 32.79 -5.50
CA GLU B 217 -18.96 33.37 -6.82
C GLU B 217 -20.20 33.26 -7.69
N TYR B 218 -20.90 32.13 -7.61
CA TYR B 218 -22.07 31.91 -8.45
C TYR B 218 -23.20 32.88 -8.12
N ARG B 219 -23.49 33.06 -6.84
CA ARG B 219 -24.61 33.88 -6.39
C ARG B 219 -24.26 34.44 -5.02
N SER B 220 -23.57 35.59 -5.01
CA SER B 220 -23.06 36.15 -3.76
C SER B 220 -24.18 36.55 -2.80
N ASP B 221 -25.36 36.87 -3.32
CA ASP B 221 -26.47 37.32 -2.47
C ASP B 221 -27.40 36.20 -2.05
N ALA B 222 -27.11 34.95 -2.40
CA ALA B 222 -27.92 33.84 -1.94
C ALA B 222 -27.74 33.66 -0.43
N LEU B 223 -28.79 33.13 0.21
CA LEU B 223 -28.77 32.96 1.65
C LEU B 223 -27.62 32.06 2.10
N ALA B 224 -27.40 30.97 1.37
CA ALA B 224 -26.32 30.05 1.73
C ALA B 224 -24.95 30.70 1.58
N ALA B 225 -24.80 31.59 0.59
CA ALA B 225 -23.54 32.30 0.45
C ALA B 225 -23.26 33.21 1.65
N GLU B 226 -24.31 33.86 2.16
CA GLU B 226 -24.13 34.72 3.33
C GLU B 226 -23.92 33.91 4.59
N GLU B 227 -24.48 32.72 4.67
CA GLU B 227 -24.24 31.86 5.83
C GLU B 227 -22.81 31.34 5.82
N ILE B 228 -22.33 30.88 4.66
CA ILE B 228 -20.94 30.46 4.53
C ILE B 228 -20.00 31.61 4.86
N LEU B 229 -20.36 32.83 4.43
CA LEU B 229 -19.53 34.00 4.74
C LEU B 229 -19.47 34.25 6.24
N THR B 230 -20.60 34.08 6.93
CA THR B 230 -20.59 34.15 8.39
C THR B 230 -19.66 33.09 8.98
N LEU B 231 -19.70 31.88 8.41
CA LEU B 231 -18.82 30.81 8.89
C LEU B 231 -17.36 31.16 8.67
N ALA B 232 -17.04 31.82 7.55
CA ALA B 232 -15.66 32.21 7.29
C ALA B 232 -15.18 33.23 8.32
N ASN B 233 -16.03 34.21 8.66
CA ASN B 233 -15.66 35.17 9.69
C ASN B 233 -15.53 34.50 11.05
N TRP B 234 -16.40 33.54 11.35
CA TRP B 234 -16.28 32.78 12.59
C TRP B 234 -14.95 32.03 12.64
N CYS B 235 -14.50 31.51 11.50
CA CYS B 235 -13.21 30.83 11.45
C CYS B 235 -12.07 31.81 11.72
N LEU B 236 -12.15 33.02 11.16
CA LEU B 236 -11.16 34.05 11.47
C LEU B 236 -11.09 34.32 12.96
N LEU B 237 -12.26 34.34 13.63
CA LEU B 237 -12.31 34.73 15.04
C LEU B 237 -11.88 33.60 15.96
N ASN B 238 -12.13 32.35 15.60
CA ASN B 238 -11.95 31.23 16.51
C ASN B 238 -10.86 30.25 16.11
N TYR B 239 -10.63 30.05 14.81
CA TYR B 239 -9.62 29.10 14.34
C TYR B 239 -8.33 29.79 13.89
N SER B 240 -8.09 31.02 14.34
CA SER B 240 -6.96 31.80 13.85
C SER B 240 -5.64 31.11 14.20
N GLY B 241 -4.79 30.95 13.20
CA GLY B 241 -3.51 30.31 13.38
C GLY B 241 -2.66 30.34 12.12
N PRO C 37 -17.98 12.59 20.56
CA PRO C 37 -18.75 13.84 20.63
C PRO C 37 -19.41 14.01 21.99
N ASP C 38 -19.28 15.18 22.60
CA ASP C 38 -19.85 15.42 23.91
C ASP C 38 -21.34 15.72 23.76
N ILE C 39 -22.18 14.80 24.24
CA ILE C 39 -23.63 14.96 24.26
C ILE C 39 -24.07 14.95 25.70
N ASP C 40 -24.91 15.91 26.08
CA ASP C 40 -25.32 16.11 27.46
C ASP C 40 -26.84 16.20 27.53
N TYR C 41 -27.49 15.08 27.84
CA TYR C 41 -28.93 15.03 28.08
C TYR C 41 -29.28 15.36 29.53
N ALA C 42 -28.66 16.39 30.10
CA ALA C 42 -28.82 16.67 31.53
C ALA C 42 -30.27 16.88 31.90
N ASP C 43 -30.90 17.92 31.36
CA ASP C 43 -32.28 18.27 31.68
C ASP C 43 -33.09 18.42 30.39
N ILE C 44 -33.19 17.33 29.63
CA ILE C 44 -34.00 17.36 28.42
C ILE C 44 -35.48 17.33 28.77
N SER C 45 -35.84 16.71 29.89
CA SER C 45 -37.25 16.56 30.24
C SER C 45 -37.91 17.91 30.53
N GLN C 46 -37.14 18.92 30.92
CA GLN C 46 -37.74 20.14 31.43
C GLN C 46 -38.30 21.01 30.30
N ARG C 47 -37.62 21.05 29.16
CA ARG C 47 -38.10 21.83 28.03
C ARG C 47 -39.37 21.20 27.48
N GLU C 48 -40.38 22.03 27.22
CA GLU C 48 -41.71 21.53 26.89
C GLU C 48 -41.72 20.83 25.54
N GLN C 49 -41.21 21.50 24.50
CA GLN C 49 -41.24 20.92 23.16
C GLN C 49 -40.44 19.63 23.10
N LEU C 50 -39.32 19.53 23.83
CA LEU C 50 -38.52 18.32 23.81
C LEU C 50 -39.26 17.14 24.42
N ALA C 51 -40.12 17.38 25.40
CA ALA C 51 -40.88 16.29 26.01
C ALA C 51 -41.82 15.65 25.00
N ALA C 52 -42.54 16.46 24.23
CA ALA C 52 -43.46 15.91 23.23
C ALA C 52 -42.70 15.22 22.10
N ALA C 53 -41.50 15.70 21.78
CA ALA C 53 -40.71 15.07 20.72
C ALA C 53 -40.15 13.72 21.18
N LEU C 54 -39.66 13.67 22.43
CA LEU C 54 -39.17 12.39 22.96
C LEU C 54 -40.30 11.37 23.11
N LYS C 55 -41.54 11.83 23.30
CA LYS C 55 -42.65 10.91 23.43
C LYS C 55 -43.23 10.49 22.09
N ARG C 56 -42.96 11.24 21.02
CA ARG C 56 -43.44 10.86 19.70
C ARG C 56 -42.43 10.03 18.92
N TRP C 57 -41.14 10.35 19.03
CA TRP C 57 -40.10 9.67 18.27
C TRP C 57 -39.33 8.71 19.17
N PRO C 58 -39.56 7.40 19.06
CA PRO C 58 -38.83 6.45 19.92
C PRO C 58 -37.32 6.52 19.74
N LEU C 59 -36.84 6.95 18.57
CA LEU C 59 -35.40 7.01 18.32
C LEU C 59 -34.73 8.08 19.19
N LEU C 60 -35.35 9.26 19.29
CA LEU C 60 -34.78 10.31 20.14
C LEU C 60 -34.85 9.94 21.61
N ALA C 61 -35.99 9.37 22.04
CA ALA C 61 -36.10 8.93 23.43
C ALA C 61 -35.11 7.83 23.76
N GLU C 62 -34.79 6.98 22.78
CA GLU C 62 -33.87 5.87 23.04
C GLU C 62 -32.48 6.37 23.41
N PHE C 63 -31.98 7.39 22.70
CA PHE C 63 -30.67 7.93 23.00
C PHE C 63 -30.67 8.88 24.18
N ALA C 64 -31.82 9.44 24.55
CA ALA C 64 -31.91 10.32 25.71
C ALA C 64 -31.85 9.55 27.03
N GLN C 65 -31.77 8.22 26.99
CA GLN C 65 -31.65 7.42 28.20
C GLN C 65 -30.88 6.13 27.92
N ASP D 38 -24.04 2.91 -18.87
CA ASP D 38 -24.27 3.10 -20.30
C ASP D 38 -25.03 4.39 -20.55
N ILE D 39 -24.35 5.38 -21.12
CA ILE D 39 -24.90 6.71 -21.33
C ILE D 39 -24.75 7.06 -22.81
N ASP D 40 -25.85 7.50 -23.42
CA ASP D 40 -25.89 7.82 -24.85
C ASP D 40 -26.37 9.25 -25.03
N TYR D 41 -25.51 10.09 -25.62
CA TYR D 41 -25.78 11.51 -25.79
C TYR D 41 -26.09 11.88 -27.24
N ALA D 42 -26.58 10.93 -28.03
CA ALA D 42 -26.92 11.21 -29.42
C ALA D 42 -28.31 11.84 -29.52
N ASP D 43 -28.41 12.87 -30.36
CA ASP D 43 -29.69 13.53 -30.66
C ASP D 43 -30.31 14.17 -29.41
N ILE D 44 -29.47 14.83 -28.61
CA ILE D 44 -29.98 15.55 -27.45
C ILE D 44 -30.81 16.75 -27.89
N SER D 45 -30.30 17.49 -28.88
CA SER D 45 -30.82 18.83 -29.19
C SER D 45 -32.26 18.82 -29.67
N GLN D 46 -32.84 17.63 -29.94
CA GLN D 46 -34.21 17.59 -30.45
C GLN D 46 -35.18 18.21 -29.46
N ARG D 47 -35.04 17.90 -28.18
CA ARG D 47 -35.88 18.50 -27.15
C ARG D 47 -35.42 19.93 -26.89
N GLU D 48 -36.40 20.84 -26.81
CA GLU D 48 -36.06 22.26 -26.67
C GLU D 48 -35.37 22.54 -25.34
N GLN D 49 -35.84 21.91 -24.26
CA GLN D 49 -35.31 22.24 -22.94
C GLN D 49 -33.86 21.79 -22.78
N LEU D 50 -33.50 20.63 -23.37
CA LEU D 50 -32.15 20.12 -23.22
C LEU D 50 -31.11 21.06 -23.81
N ALA D 51 -31.42 21.65 -24.96
CA ALA D 51 -30.49 22.59 -25.60
C ALA D 51 -30.21 23.77 -24.69
N ALA D 52 -31.25 24.35 -24.10
CA ALA D 52 -31.04 25.47 -23.18
C ALA D 52 -30.35 25.02 -21.90
N ALA D 53 -30.69 23.83 -21.40
CA ALA D 53 -30.04 23.32 -20.19
C ALA D 53 -28.55 23.11 -20.40
N LEU D 54 -28.18 22.52 -21.54
CA LEU D 54 -26.77 22.31 -21.84
C LEU D 54 -26.01 23.63 -21.96
N LYS D 55 -26.68 24.68 -22.44
CA LYS D 55 -26.03 25.98 -22.56
C LYS D 55 -25.88 26.65 -21.20
N ARG D 56 -26.86 26.49 -20.31
CA ARG D 56 -26.81 27.19 -19.03
C ARG D 56 -25.87 26.53 -18.04
N TRP D 57 -25.81 25.20 -18.05
CA TRP D 57 -24.99 24.46 -17.09
C TRP D 57 -23.78 23.87 -17.78
N PRO D 58 -22.59 24.46 -17.64
CA PRO D 58 -21.40 23.91 -18.30
C PRO D 58 -21.01 22.53 -17.81
N LEU D 59 -21.42 22.14 -16.61
CA LEU D 59 -21.14 20.79 -16.13
C LEU D 59 -21.87 19.75 -16.98
N LEU D 60 -23.15 19.98 -17.27
CA LEU D 60 -23.89 19.05 -18.11
C LEU D 60 -23.39 19.07 -19.55
N ALA D 61 -22.93 20.22 -20.02
CA ALA D 61 -22.48 20.33 -21.41
C ALA D 61 -21.19 19.53 -21.64
N GLU D 62 -20.25 19.59 -20.69
CA GLU D 62 -18.95 18.96 -20.91
C GLU D 62 -19.03 17.44 -20.89
N PHE D 63 -20.05 16.87 -20.25
CA PHE D 63 -20.25 15.43 -20.33
C PHE D 63 -20.99 15.04 -21.60
N ALA D 64 -21.90 15.90 -22.08
CA ALA D 64 -22.62 15.60 -23.32
C ALA D 64 -21.72 15.75 -24.53
N GLN D 65 -20.85 16.76 -24.52
CA GLN D 65 -19.92 16.96 -25.64
C GLN D 65 -18.78 15.95 -25.61
N GLN D 66 -18.59 15.24 -24.50
CA GLN D 66 -17.68 14.11 -24.45
C GLN D 66 -18.45 12.83 -24.83
N MET E 4 -77.89 -4.12 10.04
CA MET E 4 -78.44 -3.29 8.98
C MET E 4 -77.61 -3.35 7.70
N GLU E 5 -77.96 -2.47 6.77
CA GLU E 5 -77.36 -2.47 5.45
C GLU E 5 -75.97 -1.82 5.48
N ASP E 6 -75.01 -2.46 4.81
CA ASP E 6 -73.66 -1.94 4.76
C ASP E 6 -73.62 -0.65 3.94
N ILE E 7 -72.72 0.26 4.33
CA ILE E 7 -72.63 1.55 3.66
C ILE E 7 -72.16 1.38 2.22
N THR E 8 -71.17 0.52 2.00
CA THR E 8 -70.69 0.30 0.63
C THR E 8 -71.74 -0.40 -0.21
N THR E 9 -72.60 -1.22 0.41
CA THR E 9 -73.69 -1.85 -0.31
C THR E 9 -74.80 -0.84 -0.59
N LEU E 10 -75.10 0.03 0.39
CA LEU E 10 -76.11 1.05 0.20
C LEU E 10 -75.79 1.95 -0.99
N LEU E 11 -74.54 2.39 -1.08
CA LEU E 11 -74.13 3.24 -2.21
C LEU E 11 -74.28 2.49 -3.53
N SER E 12 -73.84 1.23 -3.58
CA SER E 12 -73.99 0.46 -4.80
C SER E 12 -75.45 0.30 -5.19
N MET E 13 -76.36 0.39 -4.21
CA MET E 13 -77.79 0.31 -4.50
C MET E 13 -78.32 1.61 -5.09
N THR E 14 -78.08 2.73 -4.39
CA THR E 14 -78.75 3.99 -4.71
C THR E 14 -77.88 4.96 -5.50
N GLN E 15 -76.57 5.01 -5.24
CA GLN E 15 -75.67 5.95 -5.90
C GLN E 15 -74.39 5.24 -6.34
N PRO E 16 -74.51 4.34 -7.33
CA PRO E 16 -73.30 3.59 -7.74
C PRO E 16 -72.20 4.46 -8.31
N LEU E 17 -72.52 5.61 -8.88
CA LEU E 17 -71.50 6.49 -9.45
C LEU E 17 -70.68 7.22 -8.40
N LYS E 18 -70.99 7.07 -7.12
CA LYS E 18 -70.21 7.68 -6.05
C LYS E 18 -69.13 6.77 -5.50
N LEU E 19 -69.17 5.47 -5.82
CA LEU E 19 -68.13 4.55 -5.37
C LEU E 19 -66.82 4.82 -6.10
N ARG E 20 -65.73 4.41 -5.46
CA ARG E 20 -64.43 4.37 -6.12
C ARG E 20 -63.57 3.34 -5.41
N GLY E 21 -62.59 2.82 -6.14
CA GLY E 21 -61.67 1.87 -5.55
C GLY E 21 -62.22 0.45 -5.55
N PHE E 22 -61.62 -0.36 -4.68
CA PHE E 22 -62.00 -1.77 -4.61
C PHE E 22 -63.41 -1.93 -4.08
N GLN E 23 -64.17 -2.81 -4.72
CA GLN E 23 -65.46 -3.26 -4.24
C GLN E 23 -65.45 -4.78 -4.17
N LYS E 24 -66.06 -5.33 -3.13
CA LYS E 24 -66.22 -6.78 -3.07
C LYS E 24 -67.03 -7.25 -4.28
N TRP E 25 -66.71 -8.47 -4.74
CA TRP E 25 -67.21 -8.99 -6.01
C TRP E 25 -68.71 -8.75 -6.18
N ASP E 26 -69.51 -9.17 -5.20
CA ASP E 26 -70.96 -9.03 -5.32
C ASP E 26 -71.41 -7.57 -5.31
N VAL E 27 -70.73 -6.72 -4.53
CA VAL E 27 -71.05 -5.29 -4.53
C VAL E 27 -70.67 -4.68 -5.87
N PHE E 28 -69.54 -5.10 -6.43
CA PHE E 28 -69.15 -4.65 -7.77
C PHE E 28 -70.22 -4.98 -8.80
N CYS E 29 -70.67 -6.24 -8.82
CA CYS E 29 -71.66 -6.66 -9.80
C CYS E 29 -72.97 -5.92 -9.62
N ASN E 30 -73.35 -5.63 -8.37
CA ASN E 30 -74.61 -4.94 -8.14
C ASN E 30 -74.52 -3.47 -8.53
N ALA E 31 -73.36 -2.84 -8.30
CA ALA E 31 -73.19 -1.44 -8.68
C ALA E 31 -73.25 -1.27 -10.19
N VAL E 32 -72.57 -2.15 -10.93
CA VAL E 32 -72.59 -2.05 -12.40
C VAL E 32 -73.98 -2.35 -12.93
N ASN E 33 -74.68 -3.29 -12.31
CA ASN E 33 -76.03 -3.63 -12.79
C ASN E 33 -77.01 -2.48 -12.54
N ASN E 34 -76.85 -1.77 -11.42
CA ASN E 34 -77.74 -0.65 -11.15
C ASN E 34 -77.45 0.53 -12.06
N MET E 35 -76.21 0.67 -12.53
CA MET E 35 -75.93 1.66 -13.58
C MET E 35 -76.55 1.23 -14.90
N MET E 36 -76.51 -0.07 -15.20
CA MET E 36 -77.05 -0.56 -16.47
C MET E 36 -78.55 -0.31 -16.57
N ASN E 37 -79.27 -0.33 -15.45
CA ASN E 37 -80.71 -0.19 -15.44
C ASN E 37 -81.18 1.21 -15.06
N ASN E 38 -80.27 2.15 -14.86
CA ASN E 38 -80.69 3.52 -14.57
C ASN E 38 -81.23 4.14 -15.85
N PRO E 39 -82.52 4.53 -15.89
CA PRO E 39 -83.07 5.08 -17.14
C PRO E 39 -82.54 6.45 -17.50
N LEU E 40 -82.04 7.22 -16.53
CA LEU E 40 -81.57 8.57 -16.77
C LEU E 40 -80.16 8.63 -17.31
N LEU E 41 -79.48 7.47 -17.46
CA LEU E 41 -78.15 7.39 -18.06
C LEU E 41 -78.28 7.08 -19.56
N PRO E 42 -77.29 7.49 -20.37
CA PRO E 42 -77.38 7.23 -21.81
C PRO E 42 -77.48 5.75 -22.12
N ALA E 43 -77.88 5.46 -23.35
CA ALA E 43 -78.23 4.08 -23.72
C ALA E 43 -77.04 3.14 -23.62
N HIS E 44 -75.94 3.46 -24.29
CA HIS E 44 -74.75 2.61 -24.27
C HIS E 44 -73.50 3.41 -23.93
N GLY E 45 -73.65 4.46 -23.13
CA GLY E 45 -72.53 5.30 -22.75
C GLY E 45 -72.27 5.34 -21.26
N LYS E 46 -72.56 4.24 -20.57
CA LYS E 46 -72.32 4.20 -19.13
C LYS E 46 -70.85 3.99 -18.79
N GLY E 47 -70.10 3.31 -19.64
CA GLY E 47 -68.70 3.11 -19.42
C GLY E 47 -68.23 1.81 -20.05
N VAL E 48 -67.07 1.34 -19.58
CA VAL E 48 -66.41 0.16 -20.12
C VAL E 48 -66.10 -0.80 -18.98
N LEU E 49 -66.42 -2.08 -19.17
CA LEU E 49 -66.06 -3.15 -18.25
C LEU E 49 -64.87 -3.90 -18.81
N VAL E 50 -63.83 -4.08 -17.99
CA VAL E 50 -62.57 -4.65 -18.43
C VAL E 50 -62.18 -5.79 -17.49
N ALA E 51 -61.90 -6.96 -18.06
CA ALA E 51 -61.37 -8.09 -17.32
C ALA E 51 -59.91 -8.29 -17.71
N LEU E 52 -59.03 -8.34 -16.71
CA LEU E 52 -57.60 -8.39 -16.93
C LEU E 52 -57.03 -9.65 -16.28
N ARG E 53 -56.20 -10.38 -17.03
CA ARG E 53 -55.55 -11.58 -16.52
C ARG E 53 -54.09 -11.29 -16.27
N PRO E 54 -53.58 -11.48 -15.05
CA PRO E 54 -52.18 -11.15 -14.77
C PRO E 54 -51.21 -12.08 -15.47
N VAL E 55 -50.01 -11.58 -15.71
CA VAL E 55 -48.92 -12.38 -16.29
C VAL E 55 -48.53 -13.44 -15.27
N PRO E 56 -47.92 -14.55 -15.69
CA PRO E 56 -47.63 -15.64 -14.74
C PRO E 56 -46.82 -15.21 -13.53
N GLY E 57 -46.03 -14.15 -13.62
CA GLY E 57 -45.16 -13.77 -12.53
C GLY E 57 -45.80 -12.86 -11.49
N ILE E 58 -47.13 -12.85 -11.41
CA ILE E 58 -47.82 -11.99 -10.46
C ILE E 58 -49.23 -12.52 -10.24
N ARG E 59 -49.73 -12.37 -9.01
CA ARG E 59 -51.08 -12.75 -8.64
C ARG E 59 -52.00 -11.54 -8.69
N VAL E 60 -53.31 -11.81 -8.79
CA VAL E 60 -54.28 -10.72 -8.87
C VAL E 60 -54.23 -9.85 -7.63
N GLU E 61 -54.01 -10.47 -6.46
CA GLU E 61 -53.89 -9.69 -5.23
C GLU E 61 -52.71 -8.73 -5.29
N GLN E 62 -51.62 -9.13 -5.94
CA GLN E 62 -50.47 -8.26 -6.09
C GLN E 62 -50.69 -7.22 -7.18
N ALA E 63 -51.27 -7.63 -8.32
CA ALA E 63 -51.56 -6.69 -9.38
C ALA E 63 -52.61 -5.66 -8.96
N LEU E 64 -53.47 -6.03 -8.00
CA LEU E 64 -54.47 -5.09 -7.50
C LEU E 64 -53.83 -3.90 -6.80
N THR E 65 -52.68 -4.10 -6.16
CA THR E 65 -51.99 -3.00 -5.49
C THR E 65 -51.51 -1.93 -6.47
N LEU E 66 -51.46 -2.24 -7.77
CA LEU E 66 -51.11 -1.25 -8.79
C LEU E 66 -52.32 -0.56 -9.39
N CYS E 67 -53.54 -0.99 -9.06
CA CYS E 67 -54.76 -0.42 -9.63
C CYS E 67 -55.19 0.75 -8.76
N ARG E 68 -54.90 1.97 -9.22
CA ARG E 68 -55.11 3.19 -8.44
C ARG E 68 -55.94 4.19 -9.25
N PRO E 69 -57.25 3.97 -9.33
CA PRO E 69 -58.12 4.91 -10.04
C PRO E 69 -58.36 6.17 -9.23
N ASN E 70 -58.61 7.26 -9.95
CA ASN E 70 -58.89 8.56 -9.33
C ASN E 70 -60.26 9.11 -9.67
N ARG E 71 -60.77 8.82 -10.86
CA ARG E 71 -62.10 9.28 -11.27
C ARG E 71 -63.17 8.60 -10.41
N THR E 72 -63.99 9.40 -9.74
CA THR E 72 -65.10 8.84 -8.97
C THR E 72 -66.05 8.10 -9.91
N GLY E 73 -66.44 6.90 -9.51
CA GLY E 73 -67.20 6.02 -10.38
C GLY E 73 -66.37 4.91 -11.00
N ASP E 74 -65.05 5.00 -10.92
CA ASP E 74 -64.18 3.91 -11.35
C ASP E 74 -64.00 2.94 -10.20
N ILE E 75 -64.35 1.67 -10.44
CA ILE E 75 -64.33 0.65 -9.40
C ILE E 75 -63.64 -0.59 -9.94
N MET E 76 -63.19 -1.44 -9.02
CA MET E 76 -62.49 -2.66 -9.40
C MET E 76 -62.79 -3.75 -8.38
N THR E 77 -62.59 -4.99 -8.82
CA THR E 77 -62.73 -6.16 -7.97
C THR E 77 -61.81 -7.24 -8.50
N ILE E 78 -61.57 -8.26 -7.68
CA ILE E 78 -60.75 -9.40 -8.08
C ILE E 78 -61.47 -10.68 -7.68
N GLY E 79 -61.34 -11.70 -8.53
CA GLY E 79 -61.92 -13.01 -8.27
C GLY E 79 -61.59 -13.96 -9.40
N GLY E 80 -61.26 -15.21 -9.06
CA GLY E 80 -60.91 -16.19 -10.07
C GLY E 80 -59.72 -15.82 -10.92
N ASN E 81 -58.68 -15.25 -10.30
CA ASN E 81 -57.47 -14.82 -11.01
C ASN E 81 -57.80 -13.86 -12.15
N ARG E 82 -58.78 -12.98 -11.91
CA ARG E 82 -59.12 -11.92 -12.83
C ARG E 82 -59.29 -10.62 -12.05
N LEU E 83 -58.77 -9.54 -12.62
CA LEU E 83 -59.00 -8.19 -12.12
C LEU E 83 -60.01 -7.51 -13.04
N VAL E 84 -61.16 -7.16 -12.49
CA VAL E 84 -62.25 -6.59 -13.28
C VAL E 84 -62.41 -5.13 -12.91
N LEU E 85 -62.41 -4.26 -13.92
CA LEU E 85 -62.58 -2.82 -13.76
C LEU E 85 -63.87 -2.37 -14.41
N PHE E 86 -64.46 -1.31 -13.87
CA PHE E 86 -65.50 -0.57 -14.58
C PHE E 86 -65.11 0.90 -14.60
N LEU E 87 -64.90 1.43 -15.79
CA LEU E 87 -64.48 2.81 -15.99
C LEU E 87 -65.72 3.62 -16.39
N SER E 88 -66.22 4.42 -15.46
CA SER E 88 -67.48 5.13 -15.66
C SER E 88 -67.36 6.15 -16.78
N PHE E 89 -68.26 6.05 -17.76
CA PHE E 89 -68.38 7.01 -18.87
C PHE E 89 -67.11 7.13 -19.69
N CYS E 90 -66.24 6.13 -19.62
CA CYS E 90 -65.06 6.08 -20.48
C CYS E 90 -65.46 5.54 -21.85
N ARG E 91 -65.14 6.30 -22.89
CA ARG E 91 -65.35 5.81 -24.25
C ARG E 91 -64.37 4.68 -24.56
N ILE E 92 -64.84 3.71 -25.35
CA ILE E 92 -64.06 2.51 -25.60
C ILE E 92 -62.74 2.84 -26.26
N ASN E 93 -62.74 3.77 -27.22
CA ASN E 93 -61.50 4.15 -27.89
C ASN E 93 -60.52 4.87 -26.97
N ASP E 94 -60.97 5.33 -25.81
CA ASP E 94 -60.10 5.97 -24.82
C ASP E 94 -59.71 5.01 -23.70
N LEU E 95 -59.97 3.71 -23.86
CA LEU E 95 -59.69 2.74 -22.80
C LEU E 95 -58.23 2.80 -22.36
N ASP E 96 -57.30 2.72 -23.32
CA ASP E 96 -55.89 2.69 -22.98
C ASP E 96 -55.43 3.98 -22.30
N THR E 97 -56.08 5.10 -22.63
CA THR E 97 -55.79 6.34 -21.91
C THR E 97 -56.18 6.23 -20.45
N ALA E 98 -57.43 5.80 -20.19
CA ALA E 98 -57.89 5.65 -18.81
C ALA E 98 -57.05 4.62 -18.06
N LEU E 99 -56.73 3.50 -18.71
CA LEU E 99 -55.93 2.47 -18.06
C LEU E 99 -54.54 2.99 -17.71
N ASN E 100 -53.95 3.79 -18.60
CA ASN E 100 -52.62 4.33 -18.32
C ASN E 100 -52.63 5.31 -17.17
N HIS E 101 -53.77 5.96 -16.92
CA HIS E 101 -53.90 6.83 -15.75
C HIS E 101 -54.06 6.06 -14.46
N ILE E 102 -54.53 4.82 -14.53
CA ILE E 102 -54.85 4.05 -13.33
C ILE E 102 -53.66 3.21 -12.86
N PHE E 103 -52.88 2.64 -13.79
CA PHE E 103 -51.77 1.82 -13.36
C PHE E 103 -50.45 2.57 -13.52
N PRO E 104 -49.48 2.34 -12.62
CA PRO E 104 -48.20 3.07 -12.71
C PRO E 104 -47.24 2.47 -13.71
N LEU E 105 -47.46 1.23 -14.15
CA LEU E 105 -46.63 0.55 -15.13
C LEU E 105 -47.47 0.24 -16.37
N PRO E 106 -46.83 -0.05 -17.50
CA PRO E 106 -47.61 -0.41 -18.70
C PRO E 106 -48.47 -1.64 -18.45
N THR E 107 -49.76 -1.53 -18.79
CA THR E 107 -50.69 -2.63 -18.55
C THR E 107 -50.32 -3.90 -19.30
N GLY E 108 -49.56 -3.78 -20.40
CA GLY E 108 -49.08 -4.97 -21.08
C GLY E 108 -48.08 -5.76 -20.26
N ASP E 109 -47.34 -5.08 -19.38
CA ASP E 109 -46.34 -5.75 -18.55
C ASP E 109 -46.95 -6.35 -17.29
N ILE E 110 -48.16 -5.95 -16.92
CA ILE E 110 -48.83 -6.49 -15.75
C ILE E 110 -49.76 -7.64 -16.12
N PHE E 111 -50.50 -7.49 -17.22
CA PHE E 111 -51.53 -8.43 -17.60
C PHE E 111 -51.22 -9.01 -18.97
N SER E 112 -51.47 -10.32 -19.11
CA SER E 112 -51.22 -11.02 -20.37
C SER E 112 -52.43 -11.04 -21.29
N ASN E 113 -53.62 -10.72 -20.79
CA ASN E 113 -54.82 -10.80 -21.61
C ASN E 113 -55.85 -9.83 -21.07
N ARG E 114 -56.76 -9.40 -21.94
CA ARG E 114 -57.76 -8.40 -21.60
C ARG E 114 -59.02 -8.64 -22.41
N MET E 115 -60.17 -8.48 -21.76
CA MET E 115 -61.47 -8.53 -22.43
C MET E 115 -62.28 -7.30 -22.02
N VAL E 116 -62.99 -6.72 -22.99
CA VAL E 116 -63.72 -5.48 -22.76
C VAL E 116 -65.17 -5.64 -23.19
N TRP E 117 -66.05 -4.96 -22.47
CA TRP E 117 -67.47 -4.88 -22.80
C TRP E 117 -67.92 -3.44 -22.59
N PHE E 118 -68.50 -2.84 -23.62
CA PHE E 118 -69.01 -1.48 -23.53
C PHE E 118 -70.47 -1.33 -23.89
N GLU E 119 -71.06 -2.27 -24.64
CA GLU E 119 -72.49 -2.26 -24.88
C GLU E 119 -73.23 -2.76 -23.64
N ASP E 120 -74.43 -2.23 -23.43
CA ASP E 120 -75.19 -2.56 -22.23
C ASP E 120 -75.54 -4.03 -22.17
N ASP E 121 -75.97 -4.61 -23.30
CA ASP E 121 -76.31 -6.03 -23.32
C ASP E 121 -75.09 -6.90 -23.04
N GLN E 122 -73.93 -6.50 -23.56
CA GLN E 122 -72.71 -7.29 -23.35
C GLN E 122 -72.21 -7.17 -21.92
N ILE E 123 -72.32 -5.98 -21.33
CA ILE E 123 -71.92 -5.79 -19.93
C ILE E 123 -72.82 -6.62 -19.02
N SER E 124 -74.14 -6.55 -19.24
CA SER E 124 -75.08 -7.32 -18.43
C SER E 124 -74.83 -8.82 -18.58
N ALA E 125 -74.57 -9.29 -19.81
CA ALA E 125 -74.30 -10.70 -20.02
C ALA E 125 -73.05 -11.15 -19.27
N GLU E 126 -72.03 -10.28 -19.22
CA GLU E 126 -70.83 -10.63 -18.48
C GLU E 126 -71.07 -10.60 -16.97
N LEU E 127 -71.89 -9.67 -16.49
CA LEU E 127 -72.25 -9.66 -15.09
C LEU E 127 -72.92 -10.98 -14.69
N VAL E 128 -73.76 -11.51 -15.57
CA VAL E 128 -74.39 -12.80 -15.32
C VAL E 128 -73.34 -13.89 -15.10
N GLN E 129 -72.31 -13.89 -15.95
CA GLN E 129 -71.27 -14.91 -15.82
C GLN E 129 -70.43 -14.68 -14.57
N MET E 130 -70.16 -13.42 -14.23
CA MET E 130 -69.37 -13.13 -13.04
C MET E 130 -70.08 -13.58 -11.78
N ARG E 131 -71.41 -13.43 -11.73
CA ARG E 131 -72.18 -13.81 -10.56
C ARG E 131 -72.23 -15.31 -10.33
N LEU E 132 -71.85 -16.12 -11.33
CA LEU E 132 -71.76 -17.56 -11.14
C LEU E 132 -70.56 -17.93 -10.27
N LEU E 133 -69.60 -17.02 -10.12
CA LEU E 133 -68.38 -17.33 -9.39
C LEU E 133 -68.69 -17.55 -7.91
N ALA E 134 -68.18 -18.64 -7.36
CA ALA E 134 -68.43 -18.96 -5.96
C ALA E 134 -67.77 -17.94 -5.05
N PRO E 135 -68.40 -17.64 -3.90
CA PRO E 135 -67.81 -16.64 -2.99
C PRO E 135 -66.43 -17.01 -2.48
N GLU E 136 -66.11 -18.30 -2.41
CA GLU E 136 -64.78 -18.73 -2.00
C GLU E 136 -63.71 -18.30 -2.99
N GLN E 137 -64.09 -18.06 -4.25
CA GLN E 137 -63.16 -17.60 -5.28
C GLN E 137 -63.08 -16.08 -5.36
N TRP E 138 -63.72 -15.36 -4.44
CA TRP E 138 -63.67 -13.91 -4.45
C TRP E 138 -62.41 -13.44 -3.73
N GLY E 139 -61.70 -12.49 -4.33
CA GLY E 139 -60.48 -12.00 -3.75
C GLY E 139 -60.71 -10.83 -2.80
N MET E 140 -59.72 -10.60 -1.95
CA MET E 140 -59.68 -9.46 -1.04
C MET E 140 -58.36 -8.75 -1.20
N PRO E 141 -58.33 -7.43 -0.99
CA PRO E 141 -57.08 -6.69 -1.12
C PRO E 141 -56.03 -7.19 -0.13
N LEU E 142 -54.76 -7.11 -0.56
CA LEU E 142 -53.67 -7.60 0.28
C LEU E 142 -53.53 -6.84 1.59
N PRO E 143 -53.61 -5.50 1.65
CA PRO E 143 -53.53 -4.85 2.96
C PRO E 143 -54.60 -5.31 3.94
N LEU E 144 -55.80 -5.65 3.45
CA LEU E 144 -56.86 -6.07 4.36
C LEU E 144 -56.59 -7.45 4.93
N THR E 145 -56.23 -8.41 4.07
CA THR E 145 -56.01 -9.77 4.55
C THR E 145 -54.68 -9.89 5.30
N GLN E 146 -53.65 -9.18 4.85
CA GLN E 146 -52.35 -9.25 5.51
C GLN E 146 -52.41 -8.65 6.90
N SER E 147 -53.00 -7.45 7.02
CA SER E 147 -53.09 -6.78 8.31
C SER E 147 -54.07 -7.45 9.26
N SER E 148 -54.92 -8.36 8.77
CA SER E 148 -55.87 -9.05 9.61
C SER E 148 -55.33 -10.36 10.16
N LYS E 149 -54.11 -10.75 9.80
CA LYS E 149 -53.51 -11.94 10.37
C LYS E 149 -53.04 -11.67 11.79
N PRO E 150 -53.03 -12.69 12.64
CA PRO E 150 -52.61 -12.50 14.04
C PRO E 150 -51.14 -12.11 14.13
N VAL E 151 -50.87 -11.10 14.96
CA VAL E 151 -49.51 -10.61 15.18
C VAL E 151 -49.07 -11.10 16.56
N ILE E 152 -48.08 -12.01 16.58
CA ILE E 152 -47.62 -12.59 17.83
C ILE E 152 -46.53 -11.77 18.50
N ASN E 153 -45.95 -10.78 17.81
CA ASN E 153 -44.88 -9.96 18.36
C ASN E 153 -45.30 -8.50 18.49
N ALA E 154 -46.57 -8.26 18.79
CA ALA E 154 -47.10 -6.91 18.87
C ALA E 154 -46.91 -6.34 20.27
N GLU E 155 -46.89 -5.00 20.35
CA GLU E 155 -46.74 -4.29 21.61
C GLU E 155 -47.22 -2.86 21.38
N HIS E 156 -48.03 -2.34 22.31
CA HIS E 156 -48.65 -1.03 22.16
C HIS E 156 -47.90 -0.01 23.01
N ASP E 157 -47.63 1.16 22.43
CA ASP E 157 -46.88 2.21 23.11
C ASP E 157 -47.79 3.29 23.68
N GLY E 158 -49.10 3.04 23.77
CA GLY E 158 -50.05 4.01 24.24
C GLY E 158 -50.82 4.74 23.14
N ARG E 159 -50.31 4.70 21.91
CA ARG E 159 -50.99 5.34 20.79
C ARG E 159 -51.07 4.41 19.58
N HIS E 160 -49.95 3.79 19.22
CA HIS E 160 -49.87 2.97 18.02
C HIS E 160 -49.31 1.59 18.35
N TRP E 161 -49.60 0.64 17.48
CA TRP E 161 -49.05 -0.70 17.58
C TRP E 161 -47.63 -0.73 17.02
N ARG E 162 -46.77 -1.53 17.65
CA ARG E 162 -45.41 -1.71 17.18
C ARG E 162 -45.05 -3.20 17.27
N ARG E 163 -44.11 -3.60 16.43
CA ARG E 163 -43.63 -4.98 16.42
C ARG E 163 -42.30 -5.07 17.15
N ILE E 164 -42.17 -6.10 17.99
CA ILE E 164 -40.92 -6.39 18.69
C ILE E 164 -40.20 -7.46 17.89
N PRO E 165 -39.06 -7.15 17.26
CA PRO E 165 -38.33 -8.18 16.53
C PRO E 165 -37.86 -9.29 17.47
N GLU E 166 -38.09 -10.54 17.05
CA GLU E 166 -37.83 -11.71 17.86
C GLU E 166 -36.62 -12.48 17.35
N PRO E 167 -35.72 -12.90 18.24
CA PRO E 167 -34.55 -13.68 17.81
C PRO E 167 -34.97 -15.04 17.28
N MET E 168 -34.38 -15.43 16.15
CA MET E 168 -34.65 -16.72 15.54
C MET E 168 -33.43 -17.18 14.77
N ARG E 169 -33.17 -18.48 14.82
CA ARG E 169 -32.02 -19.05 14.12
C ARG E 169 -32.35 -19.26 12.65
N LEU E 170 -31.45 -18.81 11.79
CA LEU E 170 -31.60 -19.00 10.35
C LEU E 170 -31.19 -20.42 9.99
N LEU E 171 -32.13 -21.21 9.49
CA LEU E 171 -31.85 -22.59 9.10
C LEU E 171 -32.71 -23.01 7.91
N THR F 8 -26.73 58.11 -5.10
CA THR F 8 -26.47 57.85 -3.69
C THR F 8 -26.18 59.14 -2.94
N THR F 9 -25.41 60.03 -3.57
CA THR F 9 -25.12 61.32 -2.95
C THR F 9 -26.36 62.21 -2.90
N LEU F 10 -27.11 62.28 -4.01
CA LEU F 10 -28.36 63.03 -4.00
C LEU F 10 -29.35 62.44 -3.01
N LEU F 11 -29.29 61.12 -2.78
CA LEU F 11 -30.15 60.50 -1.78
C LEU F 11 -29.80 61.01 -0.38
N SER F 12 -28.51 61.04 -0.05
CA SER F 12 -28.10 61.56 1.24
C SER F 12 -28.40 63.05 1.39
N MET F 13 -28.61 63.75 0.27
CA MET F 13 -28.94 65.18 0.33
C MET F 13 -30.41 65.38 0.68
N THR F 14 -31.31 64.74 -0.06
CA THR F 14 -32.73 65.03 0.01
C THR F 14 -33.54 64.00 0.78
N GLN F 15 -33.22 62.72 0.66
CA GLN F 15 -33.96 61.64 1.33
C GLN F 15 -32.98 60.74 2.06
N PRO F 16 -32.35 61.22 3.13
CA PRO F 16 -31.38 60.38 3.85
C PRO F 16 -31.98 59.13 4.45
N LEU F 17 -33.25 59.18 4.87
CA LEU F 17 -33.90 58.02 5.48
C LEU F 17 -34.17 56.90 4.49
N LYS F 18 -34.05 57.15 3.18
CA LYS F 18 -34.23 56.10 2.19
C LYS F 18 -32.94 55.36 1.86
N LEU F 19 -31.82 55.80 2.41
CA LEU F 19 -30.57 55.07 2.23
C LEU F 19 -30.55 53.82 3.11
N ARG F 20 -29.71 52.87 2.73
CA ARG F 20 -29.48 51.68 3.53
C ARG F 20 -28.17 51.04 3.10
N GLY F 21 -27.54 50.34 4.04
CA GLY F 21 -26.32 49.64 3.74
C GLY F 21 -25.10 50.51 3.83
N PHE F 22 -24.01 50.04 3.22
CA PHE F 22 -22.75 50.75 3.28
C PHE F 22 -22.85 52.09 2.58
N GLN F 23 -22.29 53.12 3.21
CA GLN F 23 -22.15 54.43 2.62
C GLN F 23 -20.70 54.87 2.74
N LYS F 24 -20.21 55.53 1.71
CA LYS F 24 -18.88 56.13 1.77
C LYS F 24 -18.82 57.10 2.93
N TRP F 25 -17.62 57.21 3.53
CA TRP F 25 -17.46 57.92 4.80
C TRP F 25 -18.05 59.33 4.75
N ASP F 26 -17.79 60.06 3.67
CA ASP F 26 -18.31 61.42 3.57
C ASP F 26 -19.82 61.43 3.31
N VAL F 27 -20.30 60.48 2.50
CA VAL F 27 -21.74 60.40 2.25
C VAL F 27 -22.48 59.98 3.52
N PHE F 28 -21.87 59.10 4.31
CA PHE F 28 -22.45 58.71 5.58
C PHE F 28 -22.60 59.92 6.50
N CYS F 29 -21.54 60.71 6.64
CA CYS F 29 -21.58 61.87 7.54
C CYS F 29 -22.58 62.90 7.07
N ASN F 30 -22.68 63.12 5.76
CA ASN F 30 -23.64 64.09 5.25
C ASN F 30 -25.07 63.62 5.46
N ALA F 31 -25.30 62.31 5.35
CA ALA F 31 -26.66 61.78 5.55
C ALA F 31 -27.11 61.94 6.99
N VAL F 32 -26.24 61.60 7.95
CA VAL F 32 -26.59 61.75 9.35
C VAL F 32 -26.77 63.21 9.71
N ASN F 33 -25.93 64.09 9.16
CA ASN F 33 -26.06 65.51 9.44
C ASN F 33 -27.37 66.06 8.89
N ASN F 34 -27.77 65.61 7.69
CA ASN F 34 -29.04 66.05 7.13
C ASN F 34 -30.22 65.54 7.95
N MET F 35 -30.10 64.36 8.56
CA MET F 35 -31.12 63.90 9.49
C MET F 35 -31.15 64.75 10.74
N MET F 36 -29.97 65.17 11.22
CA MET F 36 -29.91 65.94 12.46
C MET F 36 -30.58 67.30 12.29
N ASN F 37 -30.44 67.92 11.12
CA ASN F 37 -30.94 69.27 10.89
C ASN F 37 -32.29 69.29 10.19
N ASN F 38 -33.01 68.17 10.18
CA ASN F 38 -34.36 68.13 9.63
C ASN F 38 -35.35 68.63 10.67
N PRO F 39 -36.01 69.77 10.45
CA PRO F 39 -36.90 70.31 11.48
C PRO F 39 -38.17 69.51 11.70
N LEU F 40 -38.61 68.72 10.73
CA LEU F 40 -39.83 67.94 10.85
C LEU F 40 -39.60 66.57 11.52
N LEU F 41 -38.40 66.33 12.04
CA LEU F 41 -38.07 65.11 12.76
C LEU F 41 -38.10 65.34 14.26
N PRO F 42 -38.28 64.29 15.06
CA PRO F 42 -38.30 64.46 16.52
C PRO F 42 -36.99 65.04 17.04
N ALA F 43 -37.06 65.57 18.27
CA ALA F 43 -35.94 66.34 18.80
C ALA F 43 -34.76 65.45 19.15
N HIS F 44 -35.01 64.27 19.73
CA HIS F 44 -33.90 63.39 20.10
C HIS F 44 -34.23 61.93 19.84
N GLY F 45 -35.21 61.62 19.00
CA GLY F 45 -35.52 60.25 18.66
C GLY F 45 -35.14 59.89 17.25
N LYS F 46 -34.11 60.56 16.72
CA LYS F 46 -33.71 60.33 15.33
C LYS F 46 -32.94 59.03 15.15
N GLY F 47 -32.22 58.59 16.17
CA GLY F 47 -31.52 57.33 16.10
C GLY F 47 -30.29 57.34 17.00
N VAL F 48 -29.44 56.33 16.80
CA VAL F 48 -28.25 56.10 17.60
C VAL F 48 -27.06 55.96 16.66
N LEU F 49 -25.96 56.65 16.98
CA LEU F 49 -24.70 56.52 16.27
C LEU F 49 -23.78 55.61 17.07
N VAL F 50 -23.27 54.56 16.43
CA VAL F 50 -22.49 53.53 17.09
C VAL F 50 -21.14 53.42 16.41
N ALA F 51 -20.07 53.56 17.19
CA ALA F 51 -18.71 53.31 16.72
C ALA F 51 -18.25 51.98 17.31
N LEU F 52 -17.66 51.13 16.47
CA LEU F 52 -17.31 49.77 16.87
C LEU F 52 -15.86 49.47 16.47
N ARG F 53 -15.05 49.15 17.46
CA ARG F 53 -13.66 48.77 17.24
C ARG F 53 -13.54 47.26 17.24
N PRO F 54 -13.09 46.64 16.14
CA PRO F 54 -13.07 45.17 16.09
C PRO F 54 -11.98 44.58 16.96
N VAL F 55 -12.18 43.33 17.34
CA VAL F 55 -11.21 42.56 18.13
C VAL F 55 -9.95 42.41 17.29
N PRO F 56 -8.78 42.21 17.91
CA PRO F 56 -7.52 42.21 17.14
C PRO F 56 -7.47 41.17 16.03
N GLY F 57 -8.25 40.10 16.10
CA GLY F 57 -8.18 39.06 15.11
C GLY F 57 -8.94 39.28 13.82
N ILE F 58 -9.50 40.47 13.62
CA ILE F 58 -10.34 40.71 12.44
C ILE F 58 -10.22 42.18 12.04
N ARG F 59 -10.05 42.42 10.74
CA ARG F 59 -9.97 43.76 10.19
C ARG F 59 -11.36 44.33 9.97
N VAL F 60 -11.45 45.66 9.86
CA VAL F 60 -12.74 46.32 9.79
C VAL F 60 -13.48 45.94 8.52
N GLU F 61 -12.77 45.86 7.39
CA GLU F 61 -13.43 45.47 6.15
C GLU F 61 -13.96 44.04 6.22
N GLN F 62 -13.27 43.17 6.96
CA GLN F 62 -13.77 41.82 7.17
C GLN F 62 -15.01 41.84 8.06
N ALA F 63 -14.95 42.59 9.16
CA ALA F 63 -16.11 42.67 10.05
C ALA F 63 -17.27 43.37 9.37
N LEU F 64 -16.99 44.21 8.36
CA LEU F 64 -18.05 44.87 7.62
C LEU F 64 -18.95 43.87 6.92
N THR F 65 -18.40 42.73 6.49
CA THR F 65 -19.20 41.71 5.83
C THR F 65 -20.29 41.14 6.73
N LEU F 66 -20.12 41.24 8.05
CA LEU F 66 -21.12 40.74 8.99
C LEU F 66 -22.19 41.78 9.31
N CYS F 67 -22.05 43.01 8.84
CA CYS F 67 -23.01 44.07 9.14
C CYS F 67 -24.08 44.07 8.06
N ARG F 68 -25.26 43.54 8.40
CA ARG F 68 -26.35 43.32 7.45
C ARG F 68 -27.64 43.95 7.97
N PRO F 69 -27.78 45.26 7.86
CA PRO F 69 -29.03 45.90 8.30
C PRO F 69 -30.16 45.60 7.34
N ASN F 70 -31.37 45.68 7.86
CA ASN F 70 -32.57 45.45 7.07
C ASN F 70 -33.52 46.63 7.06
N ARG F 71 -33.62 47.38 8.15
CA ARG F 71 -34.49 48.54 8.20
C ARG F 71 -33.94 49.64 7.30
N THR F 72 -34.75 50.11 6.37
CA THR F 72 -34.37 51.26 5.56
C THR F 72 -34.09 52.46 6.46
N GLY F 73 -32.95 53.11 6.24
CA GLY F 73 -32.48 54.17 7.09
C GLY F 73 -31.30 53.79 7.96
N ASP F 74 -31.05 52.50 8.17
CA ASP F 74 -29.86 52.05 8.88
C ASP F 74 -28.70 51.99 7.90
N ILE F 75 -27.63 52.73 8.20
CA ILE F 75 -26.48 52.85 7.32
C ILE F 75 -25.21 52.66 8.13
N MET F 76 -24.14 52.28 7.44
CA MET F 76 -22.87 52.02 8.09
C MET F 76 -21.74 52.48 7.20
N THR F 77 -20.56 52.60 7.80
CA THR F 77 -19.35 52.95 7.07
C THR F 77 -18.16 52.46 7.88
N ILE F 78 -17.01 52.35 7.22
CA ILE F 78 -15.76 51.97 7.88
C ILE F 78 -14.70 53.01 7.57
N GLY F 79 -13.84 53.28 8.54
CA GLY F 79 -12.76 54.23 8.40
C GLY F 79 -11.95 54.32 9.67
N GLY F 80 -10.63 54.48 9.54
CA GLY F 80 -9.75 54.54 10.69
C GLY F 80 -9.88 53.37 11.65
N ASN F 81 -10.02 52.16 11.11
CA ASN F 81 -10.22 50.95 11.90
C ASN F 81 -11.42 51.08 12.84
N ARG F 82 -12.50 51.64 12.31
CA ARG F 82 -13.76 51.74 13.03
C ARG F 82 -14.91 51.46 12.07
N LEU F 83 -15.87 50.68 12.54
CA LEU F 83 -17.15 50.52 11.86
C LEU F 83 -18.16 51.41 12.56
N VAL F 84 -18.74 52.35 11.82
CA VAL F 84 -19.67 53.33 12.37
C VAL F 84 -21.05 53.05 11.80
N LEU F 85 -22.02 52.88 12.69
CA LEU F 85 -23.40 52.60 12.33
C LEU F 85 -24.29 53.77 12.76
N PHE F 86 -25.32 54.03 11.97
CA PHE F 86 -26.41 54.90 12.41
C PHE F 86 -27.71 54.11 12.29
N LEU F 87 -28.31 53.80 13.42
CA LEU F 87 -29.55 53.03 13.49
C LEU F 87 -30.72 54.00 13.58
N SER F 88 -31.46 54.13 12.48
CA SER F 88 -32.47 55.17 12.36
C SER F 88 -33.63 54.92 13.33
N PHE F 89 -33.93 55.92 14.15
CA PHE F 89 -35.05 55.94 15.08
C PHE F 89 -34.96 54.86 16.15
N CYS F 90 -33.83 54.19 16.28
CA CYS F 90 -33.64 53.24 17.35
C CYS F 90 -33.38 53.97 18.66
N ARG F 91 -34.09 53.57 19.71
CA ARG F 91 -33.82 54.13 21.03
C ARG F 91 -32.62 53.45 21.65
N ILE F 92 -31.90 54.20 22.49
CA ILE F 92 -30.65 53.72 23.05
C ILE F 92 -30.87 52.47 23.90
N ASN F 93 -32.03 52.35 24.53
CA ASN F 93 -32.33 51.15 25.32
C ASN F 93 -32.39 49.91 24.44
N ASP F 94 -32.90 50.06 23.22
CA ASP F 94 -33.05 48.96 22.28
C ASP F 94 -31.83 48.77 21.38
N LEU F 95 -30.68 49.35 21.76
CA LEU F 95 -29.49 49.26 20.92
C LEU F 95 -29.07 47.81 20.71
N ASP F 96 -28.98 47.04 21.80
CA ASP F 96 -28.52 45.66 21.70
C ASP F 96 -29.50 44.80 20.92
N THR F 97 -30.80 45.11 20.98
CA THR F 97 -31.77 44.41 20.15
C THR F 97 -31.48 44.65 18.67
N ALA F 98 -31.31 45.92 18.29
CA ALA F 98 -31.05 46.25 16.90
C ALA F 98 -29.72 45.66 16.43
N LEU F 99 -28.69 45.74 17.26
CA LEU F 99 -27.39 45.18 16.88
C LEU F 99 -27.48 43.67 16.65
N ASN F 100 -28.23 42.97 17.51
CA ASN F 100 -28.39 41.53 17.33
C ASN F 100 -29.14 41.18 16.05
N HIS F 101 -30.03 42.08 15.59
CA HIS F 101 -30.70 41.85 14.32
C HIS F 101 -29.77 42.04 13.13
N ILE F 102 -28.77 42.90 13.27
CA ILE F 102 -27.91 43.28 12.15
C ILE F 102 -26.73 42.34 12.00
N PHE F 103 -26.15 41.88 13.11
CA PHE F 103 -24.99 41.00 12.99
C PHE F 103 -25.39 39.55 13.27
N PRO F 104 -24.85 38.59 12.51
CA PRO F 104 -25.21 37.18 12.73
C PRO F 104 -24.48 36.53 13.87
N LEU F 105 -23.52 37.20 14.48
CA LEU F 105 -22.76 36.70 15.62
C LEU F 105 -22.82 37.73 16.74
N PRO F 106 -22.58 37.32 17.98
CA PRO F 106 -22.58 38.29 19.09
C PRO F 106 -21.56 39.40 18.86
N THR F 107 -22.01 40.65 19.01
CA THR F 107 -21.15 41.79 18.75
C THR F 107 -19.93 41.82 19.67
N GLY F 108 -20.07 41.29 20.89
CA GLY F 108 -18.95 41.18 21.80
C GLY F 108 -17.84 40.29 21.30
N ASP F 109 -18.16 39.32 20.42
CA ASP F 109 -17.13 38.47 19.82
C ASP F 109 -16.47 39.12 18.62
N ILE F 110 -17.16 40.06 17.96
CA ILE F 110 -16.62 40.71 16.77
C ILE F 110 -15.83 41.96 17.13
N PHE F 111 -16.31 42.75 18.09
CA PHE F 111 -15.77 44.07 18.38
C PHE F 111 -15.30 44.14 19.83
N SER F 112 -14.10 44.69 20.02
CA SER F 112 -13.53 44.80 21.36
C SER F 112 -14.09 45.97 22.14
N ASN F 113 -14.53 47.03 21.45
CA ASN F 113 -14.99 48.25 22.10
C ASN F 113 -16.14 48.85 21.30
N ARG F 114 -16.85 49.77 21.94
CA ARG F 114 -18.04 50.36 21.33
C ARG F 114 -18.37 51.68 22.02
N MET F 115 -18.74 52.67 21.21
CA MET F 115 -19.14 53.98 21.70
C MET F 115 -20.46 54.37 21.04
N VAL F 116 -21.30 55.09 21.79
CA VAL F 116 -22.65 55.40 21.36
C VAL F 116 -22.93 56.88 21.55
N TRP F 117 -23.68 57.46 20.61
CA TRP F 117 -24.19 58.82 20.72
C TRP F 117 -25.66 58.78 20.28
N PHE F 118 -26.57 59.20 21.16
CA PHE F 118 -27.99 59.16 20.87
C PHE F 118 -28.68 60.50 20.96
N GLU F 119 -27.99 61.56 21.40
CA GLU F 119 -28.55 62.89 21.44
C GLU F 119 -27.99 63.71 20.27
N ASP F 120 -28.80 64.67 19.80
CA ASP F 120 -28.46 65.43 18.60
C ASP F 120 -27.10 66.10 18.73
N ASP F 121 -26.92 66.89 19.78
CA ASP F 121 -25.67 67.61 19.97
C ASP F 121 -24.47 66.67 19.99
N GLN F 122 -24.61 65.53 20.68
CA GLN F 122 -23.53 64.55 20.73
C GLN F 122 -23.25 63.94 19.36
N ILE F 123 -24.31 63.58 18.63
CA ILE F 123 -24.14 63.01 17.30
C ILE F 123 -23.46 64.01 16.37
N SER F 124 -23.87 65.27 16.43
CA SER F 124 -23.30 66.29 15.56
C SER F 124 -21.83 66.54 15.89
N ALA F 125 -21.50 66.59 17.18
CA ALA F 125 -20.11 66.76 17.57
C ALA F 125 -19.25 65.59 17.09
N GLU F 126 -19.81 64.37 17.15
CA GLU F 126 -19.07 63.21 16.68
C GLU F 126 -18.94 63.21 15.16
N LEU F 127 -19.94 63.72 14.44
CA LEU F 127 -19.81 63.90 13.00
C LEU F 127 -18.66 64.86 12.68
N VAL F 128 -18.50 65.91 13.49
CA VAL F 128 -17.42 66.86 13.27
C VAL F 128 -16.07 66.15 13.36
N GLN F 129 -15.90 65.29 14.37
CA GLN F 129 -14.64 64.56 14.51
C GLN F 129 -14.45 63.56 13.37
N MET F 130 -15.52 62.89 12.97
CA MET F 130 -15.43 61.92 11.87
C MET F 130 -14.98 62.59 10.59
N ARG F 131 -15.41 63.83 10.36
CA ARG F 131 -15.06 64.52 9.12
C ARG F 131 -13.61 65.01 9.13
N LEU F 132 -12.98 65.08 10.30
CA LEU F 132 -11.56 65.41 10.37
C LEU F 132 -10.68 64.30 9.80
N LEU F 133 -11.24 63.12 9.57
CA LEU F 133 -10.46 61.97 9.11
C LEU F 133 -10.12 62.11 7.63
N ALA F 134 -8.85 61.91 7.30
CA ALA F 134 -8.39 62.06 5.94
C ALA F 134 -8.97 60.96 5.04
N PRO F 135 -9.24 61.28 3.77
CA PRO F 135 -9.83 60.28 2.87
C PRO F 135 -9.01 59.01 2.70
N GLU F 136 -7.70 59.07 2.93
CA GLU F 136 -6.87 57.87 2.81
C GLU F 136 -7.30 56.79 3.79
N GLN F 137 -7.84 57.19 4.93
CA GLN F 137 -8.29 56.24 5.95
C GLN F 137 -9.69 55.71 5.70
N TRP F 138 -10.40 56.22 4.70
CA TRP F 138 -11.74 55.75 4.42
C TRP F 138 -11.70 54.35 3.82
N GLY F 139 -12.51 53.45 4.37
CA GLY F 139 -12.55 52.10 3.86
C GLY F 139 -13.61 51.90 2.79
N MET F 140 -13.43 50.83 2.03
CA MET F 140 -14.38 50.37 1.03
C MET F 140 -14.72 48.92 1.30
N PRO F 141 -15.92 48.47 0.91
CA PRO F 141 -16.29 47.08 1.16
C PRO F 141 -15.36 46.11 0.45
N LEU F 142 -15.12 44.97 1.09
CA LEU F 142 -14.23 43.95 0.52
C LEU F 142 -14.70 43.45 -0.84
N PRO F 143 -15.97 43.10 -1.05
CA PRO F 143 -16.38 42.66 -2.40
C PRO F 143 -16.15 43.72 -3.47
N LEU F 144 -16.27 45.00 -3.12
CA LEU F 144 -16.03 46.05 -4.10
C LEU F 144 -14.56 46.13 -4.47
N THR F 145 -13.66 46.11 -3.47
CA THR F 145 -12.24 46.24 -3.75
C THR F 145 -11.68 44.96 -4.36
N GLN F 146 -12.11 43.79 -3.87
CA GLN F 146 -11.66 42.54 -4.47
C GLN F 146 -12.13 42.40 -5.90
N SER F 147 -13.25 43.05 -6.25
CA SER F 147 -13.74 43.02 -7.63
C SER F 147 -13.02 44.06 -8.49
N SER F 148 -12.51 45.13 -7.89
CA SER F 148 -11.74 46.12 -8.62
C SER F 148 -10.32 45.65 -8.93
N LYS F 149 -9.93 44.49 -8.41
CA LYS F 149 -8.62 43.93 -8.73
C LYS F 149 -8.63 43.35 -10.14
N PRO F 150 -7.47 43.30 -10.80
CA PRO F 150 -7.41 42.66 -12.11
C PRO F 150 -7.70 41.18 -12.03
N VAL F 151 -7.98 40.59 -13.19
CA VAL F 151 -8.25 39.17 -13.32
C VAL F 151 -7.38 38.63 -14.46
N ILE F 152 -6.31 37.91 -14.12
CA ILE F 152 -5.35 37.44 -15.12
C ILE F 152 -5.77 36.14 -15.77
N ASN F 153 -6.97 35.61 -15.45
CA ASN F 153 -7.41 34.32 -15.96
C ASN F 153 -8.91 34.29 -16.25
N ALA F 154 -9.49 35.44 -16.55
CA ALA F 154 -10.91 35.51 -16.83
C ALA F 154 -11.17 35.08 -18.27
N GLU F 155 -12.41 34.66 -18.50
CA GLU F 155 -12.85 34.21 -19.81
C GLU F 155 -14.37 34.28 -19.84
N HIS F 156 -14.90 34.97 -20.84
CA HIS F 156 -16.33 35.22 -20.96
C HIS F 156 -16.97 34.14 -21.82
N ASP F 157 -18.04 33.53 -21.31
CA ASP F 157 -18.72 32.44 -21.99
C ASP F 157 -19.87 32.90 -22.86
N GLY F 158 -20.05 34.22 -23.04
CA GLY F 158 -21.17 34.76 -23.77
C GLY F 158 -22.24 35.37 -22.90
N ARG F 159 -22.13 35.23 -21.57
CA ARG F 159 -23.13 35.74 -20.64
C ARG F 159 -22.49 36.19 -19.34
N HIS F 160 -21.52 35.42 -18.85
CA HIS F 160 -20.89 35.70 -17.57
C HIS F 160 -19.39 35.49 -17.67
N TRP F 161 -18.66 36.17 -16.78
CA TRP F 161 -17.23 35.97 -16.65
C TRP F 161 -16.95 34.69 -15.87
N ARG F 162 -16.04 33.87 -16.39
CA ARG F 162 -15.60 32.65 -15.71
C ARG F 162 -14.10 32.69 -15.51
N ARG F 163 -13.65 32.12 -14.41
CA ARG F 163 -12.23 32.02 -14.10
C ARG F 163 -11.68 30.71 -14.64
N ILE F 164 -10.45 30.76 -15.15
CA ILE F 164 -9.77 29.59 -15.69
C ILE F 164 -8.60 29.27 -14.75
N PRO F 165 -8.63 28.12 -14.06
CA PRO F 165 -7.51 27.78 -13.18
C PRO F 165 -6.22 27.60 -13.97
N GLU F 166 -5.14 28.20 -13.48
CA GLU F 166 -3.86 28.17 -14.16
C GLU F 166 -2.92 27.20 -13.48
N PRO F 167 -2.24 26.33 -14.24
CA PRO F 167 -1.24 25.45 -13.63
C PRO F 167 -0.16 26.24 -12.92
N MET F 168 0.21 25.77 -11.73
CA MET F 168 1.26 26.41 -10.94
C MET F 168 2.03 25.33 -10.20
N ARG F 169 3.16 25.73 -9.63
CA ARG F 169 3.98 24.85 -8.81
C ARG F 169 3.95 25.36 -7.37
N LEU F 170 3.50 24.51 -6.46
CA LEU F 170 3.60 24.82 -5.03
C LEU F 170 5.07 24.72 -4.62
N LEU F 171 5.68 25.88 -4.36
CA LEU F 171 7.12 25.92 -4.10
C LEU F 171 7.47 25.15 -2.82
N ASP F 172 8.73 24.74 -2.75
CA ASP F 172 9.24 23.94 -1.65
C ASP F 172 10.47 24.61 -1.05
N ASP F 173 10.60 24.51 0.27
CA ASP F 173 11.78 25.00 0.97
C ASP F 173 11.84 24.44 2.38
N ALA G 2 4.66 -24.52 12.69
CA ALA G 2 5.23 -23.19 12.88
C ALA G 2 5.64 -22.57 11.55
N VAL G 3 5.52 -21.25 11.45
CA VAL G 3 5.93 -20.51 10.28
C VAL G 3 7.31 -19.92 10.53
N LEU G 4 8.29 -20.33 9.74
CA LEU G 4 9.68 -19.93 9.92
C LEU G 4 10.13 -19.10 8.73
N GLY G 5 10.53 -17.87 8.99
CA GLY G 5 11.04 -16.98 7.97
C GLY G 5 12.55 -17.00 7.94
N LEU G 6 13.11 -17.04 6.73
CA LEU G 6 14.55 -16.99 6.52
C LEU G 6 14.85 -15.75 5.70
N GLN G 7 15.62 -14.82 6.28
CA GLN G 7 15.93 -13.56 5.62
C GLN G 7 17.40 -13.25 5.80
N GLY G 8 18.06 -12.92 4.70
CA GLY G 8 19.46 -12.57 4.76
C GLY G 8 19.66 -11.16 5.30
N VAL G 9 20.60 -11.01 6.23
CA VAL G 9 21.07 -9.69 6.62
C VAL G 9 21.60 -8.95 5.40
N ARG G 10 22.01 -9.69 4.37
CA ARG G 10 22.57 -9.14 3.15
C ARG G 10 22.17 -10.05 2.00
N GLY G 11 22.32 -9.56 0.78
CA GLY G 11 22.13 -10.41 -0.38
C GLY G 11 23.29 -11.37 -0.56
N GLY G 12 22.97 -12.54 -1.09
CA GLY G 12 24.01 -13.48 -1.47
C GLY G 12 24.77 -14.10 -0.31
N VAL G 13 24.08 -14.41 0.78
CA VAL G 13 24.68 -15.07 1.93
C VAL G 13 24.26 -16.53 2.04
N GLY G 14 23.36 -17.00 1.18
CA GLY G 14 22.92 -18.38 1.19
C GLY G 14 21.50 -18.62 1.67
N THR G 15 20.67 -17.57 1.72
CA THR G 15 19.34 -17.71 2.30
C THR G 15 18.49 -18.72 1.54
N THR G 16 18.52 -18.67 0.21
CA THR G 16 17.67 -19.55 -0.59
C THR G 16 18.16 -21.00 -0.52
N THR G 17 19.48 -21.21 -0.67
CA THR G 17 20.02 -22.56 -0.58
C THR G 17 19.76 -23.16 0.80
N ILE G 18 19.92 -22.36 1.86
CA ILE G 18 19.64 -22.85 3.20
C ILE G 18 18.15 -23.12 3.38
N THR G 19 17.30 -22.25 2.83
CA THR G 19 15.85 -22.48 2.91
C THR G 19 15.47 -23.80 2.26
N ALA G 20 16.00 -24.05 1.05
CA ALA G 20 15.72 -25.31 0.37
C ALA G 20 16.28 -26.50 1.15
N ALA G 21 17.49 -26.36 1.68
CA ALA G 21 18.11 -27.47 2.42
C ALA G 21 17.37 -27.74 3.72
N LEU G 22 16.96 -26.69 4.42
CA LEU G 22 16.23 -26.88 5.68
C LEU G 22 14.87 -27.52 5.44
N ALA G 23 14.19 -27.14 4.36
CA ALA G 23 12.92 -27.76 4.03
C ALA G 23 13.09 -29.25 3.77
N TRP G 24 14.13 -29.62 3.02
CA TRP G 24 14.38 -31.04 2.72
C TRP G 24 14.74 -31.81 3.99
N SER G 25 15.53 -31.21 4.87
CA SER G 25 15.89 -31.89 6.12
C SER G 25 14.67 -32.14 6.98
N LEU G 26 13.84 -31.11 7.18
CA LEU G 26 12.62 -31.28 7.97
C LEU G 26 11.70 -32.33 7.35
N GLN G 27 11.59 -32.34 6.03
CA GLN G 27 10.80 -33.37 5.37
C GLN G 27 11.38 -34.75 5.61
N MET G 28 12.72 -34.87 5.59
CA MET G 28 13.35 -36.15 5.83
C MET G 28 13.15 -36.63 7.27
N LEU G 29 13.02 -35.69 8.21
CA LEU G 29 12.79 -36.03 9.60
C LEU G 29 11.35 -36.48 9.88
N GLY G 30 10.48 -36.46 8.87
CA GLY G 30 9.11 -36.88 9.04
C GLY G 30 8.10 -35.76 9.10
N GLU G 31 8.55 -34.50 9.04
CA GLU G 31 7.63 -33.37 9.15
C GLU G 31 6.96 -33.08 7.82
N ASN G 32 5.78 -32.49 7.89
CA ASN G 32 5.09 -31.98 6.71
C ASN G 32 5.51 -30.52 6.51
N VAL G 33 6.14 -30.24 5.38
CA VAL G 33 6.75 -28.94 5.12
C VAL G 33 6.11 -28.31 3.89
N LEU G 34 5.76 -27.04 4.01
CA LEU G 34 5.45 -26.18 2.87
C LEU G 34 6.50 -25.08 2.81
N VAL G 35 7.13 -24.92 1.65
CA VAL G 35 8.16 -23.90 1.48
C VAL G 35 7.65 -22.89 0.45
N VAL G 36 7.74 -21.61 0.81
CA VAL G 36 7.16 -20.52 0.03
C VAL G 36 8.27 -19.54 -0.34
N ASP G 37 8.27 -19.11 -1.60
CA ASP G 37 9.26 -18.16 -2.10
C ASP G 37 8.64 -16.77 -2.11
N ALA G 38 9.10 -15.91 -1.21
CA ALA G 38 8.65 -14.53 -1.14
C ALA G 38 9.62 -13.57 -1.80
N CYS G 39 10.70 -14.06 -2.39
CA CYS G 39 11.68 -13.20 -3.06
C CYS G 39 11.27 -13.02 -4.52
N PRO G 40 11.24 -11.78 -5.02
CA PRO G 40 10.79 -11.55 -6.40
C PRO G 40 11.70 -12.17 -7.45
N ASP G 41 12.91 -12.58 -7.10
CA ASP G 41 13.81 -13.20 -8.06
C ASP G 41 13.43 -14.63 -8.41
N ASN G 42 12.53 -15.25 -7.63
CA ASN G 42 11.93 -16.54 -7.97
C ASN G 42 13.00 -17.63 -8.14
N LEU G 43 13.98 -17.63 -7.26
CA LEU G 43 15.12 -18.54 -7.38
C LEU G 43 14.94 -19.84 -6.61
N LEU G 44 14.03 -19.89 -5.64
CA LEU G 44 13.89 -21.07 -4.79
C LEU G 44 13.48 -22.29 -5.58
N ARG G 45 12.56 -22.12 -6.54
CA ARG G 45 12.04 -23.24 -7.31
C ARG G 45 13.14 -24.02 -8.03
N LEU G 46 14.24 -23.36 -8.36
CA LEU G 46 15.32 -24.02 -9.11
C LEU G 46 16.14 -24.97 -8.25
N SER G 47 16.00 -24.91 -6.92
CA SER G 47 16.56 -25.93 -6.04
C SER G 47 15.68 -27.16 -5.94
N PHE G 48 14.53 -27.17 -6.61
CA PHE G 48 13.61 -28.30 -6.55
C PHE G 48 13.26 -28.82 -7.94
N ASN G 49 14.19 -28.68 -8.88
CA ASN G 49 14.06 -29.26 -10.22
C ASN G 49 12.84 -28.72 -10.98
N VAL G 50 12.47 -27.47 -10.70
CA VAL G 50 11.41 -26.82 -11.46
C VAL G 50 12.02 -26.21 -12.71
N ASP G 51 11.41 -26.49 -13.87
CA ASP G 51 11.92 -25.97 -15.13
C ASP G 51 11.94 -24.45 -15.12
N PHE G 52 13.01 -23.87 -15.65
CA PHE G 52 13.15 -22.42 -15.65
C PHE G 52 12.02 -21.74 -16.42
N THR G 53 11.50 -22.41 -17.45
CA THR G 53 10.41 -21.85 -18.24
C THR G 53 9.07 -21.89 -17.51
N HIS G 54 8.97 -22.69 -16.45
CA HIS G 54 7.77 -22.71 -15.62
C HIS G 54 7.62 -21.36 -14.92
N ARG G 55 6.70 -20.53 -15.41
CA ARG G 55 6.53 -19.18 -14.89
C ARG G 55 5.48 -19.06 -13.80
N GLN G 56 4.73 -20.13 -13.53
CA GLN G 56 3.65 -20.07 -12.56
C GLN G 56 4.19 -19.81 -11.15
N GLY G 57 3.36 -19.17 -10.34
CA GLY G 57 3.74 -18.85 -8.97
C GLY G 57 2.60 -18.12 -8.29
N TRP G 58 2.72 -17.97 -6.97
CA TRP G 58 1.64 -17.36 -6.21
C TRP G 58 1.50 -15.87 -6.54
N ALA G 59 2.62 -15.15 -6.61
CA ALA G 59 2.55 -13.74 -6.99
C ALA G 59 2.22 -13.59 -8.47
N ARG G 60 2.71 -14.50 -9.31
CA ARG G 60 2.36 -14.48 -10.72
C ARG G 60 0.86 -14.66 -10.92
N ALA G 61 0.26 -15.60 -10.19
CA ALA G 61 -1.18 -15.84 -10.32
C ALA G 61 -1.98 -14.65 -9.81
N MET G 62 -1.57 -14.06 -8.68
CA MET G 62 -2.31 -12.93 -8.13
C MET G 62 -2.27 -11.73 -9.07
N LEU G 63 -1.10 -11.44 -9.65
CA LEU G 63 -1.00 -10.31 -10.56
C LEU G 63 -1.79 -10.56 -11.85
N ASP G 64 -1.94 -11.82 -12.24
CA ASP G 64 -2.73 -12.19 -13.40
C ASP G 64 -4.20 -12.42 -13.06
N GLY G 65 -4.60 -12.18 -11.82
CA GLY G 65 -5.98 -12.39 -11.41
C GLY G 65 -6.38 -13.85 -11.40
N GLN G 66 -5.49 -14.73 -10.97
CA GLN G 66 -5.77 -16.15 -10.88
C GLN G 66 -5.58 -16.61 -9.44
N ASP G 67 -6.03 -17.84 -9.17
CA ASP G 67 -5.93 -18.42 -7.83
C ASP G 67 -4.49 -18.85 -7.58
N TRP G 68 -3.88 -18.30 -6.53
CA TRP G 68 -2.53 -18.69 -6.17
C TRP G 68 -2.44 -20.12 -5.67
N ARG G 69 -3.56 -20.68 -5.20
CA ARG G 69 -3.55 -22.04 -4.67
C ARG G 69 -3.21 -23.07 -5.74
N ASP G 70 -3.54 -22.77 -7.00
CA ASP G 70 -3.21 -23.66 -8.11
C ASP G 70 -1.76 -23.56 -8.56
N ALA G 71 -0.93 -22.77 -7.86
CA ALA G 71 0.47 -22.63 -8.18
C ALA G 71 1.37 -23.52 -7.33
N GLY G 72 0.81 -24.33 -6.45
CA GLY G 72 1.61 -25.20 -5.63
C GLY G 72 2.25 -26.32 -6.42
N LEU G 73 3.32 -26.88 -5.85
CA LEU G 73 4.04 -27.99 -6.46
C LEU G 73 4.40 -28.99 -5.37
N ARG G 74 4.06 -30.26 -5.60
CA ARG G 74 4.41 -31.32 -4.67
C ARG G 74 5.77 -31.88 -5.05
N TYR G 75 6.72 -31.83 -4.12
CA TYR G 75 8.06 -32.37 -4.36
C TYR G 75 8.18 -33.80 -3.81
N THR G 76 7.91 -33.97 -2.52
CA THR G 76 7.76 -35.29 -1.92
C THR G 76 6.42 -35.34 -1.20
N SER G 77 6.08 -36.52 -0.66
CA SER G 77 4.81 -36.69 0.04
C SER G 77 4.71 -35.83 1.28
N GLN G 78 5.79 -35.19 1.72
CA GLN G 78 5.77 -34.34 2.89
C GLN G 78 6.41 -32.97 2.64
N LEU G 79 6.65 -32.61 1.38
CA LEU G 79 7.26 -31.32 1.05
C LEU G 79 6.52 -30.73 -0.14
N ASP G 80 5.88 -29.59 0.08
CA ASP G 80 5.22 -28.84 -0.98
C ASP G 80 5.93 -27.52 -1.20
N LEU G 81 5.83 -27.00 -2.42
CA LEU G 81 6.59 -25.82 -2.85
C LEU G 81 5.64 -24.84 -3.51
N LEU G 82 5.71 -23.57 -3.08
CA LEU G 82 4.93 -22.48 -3.66
C LEU G 82 5.89 -21.45 -4.23
N PRO G 83 6.20 -21.52 -5.52
CA PRO G 83 7.11 -20.54 -6.11
C PRO G 83 6.48 -19.15 -6.18
N PHE G 84 7.35 -18.15 -6.28
CA PHE G 84 6.89 -16.77 -6.43
C PHE G 84 6.26 -16.57 -7.81
N GLY G 85 6.92 -17.07 -8.84
CA GLY G 85 6.52 -16.84 -10.22
C GLY G 85 7.47 -15.89 -10.92
N GLN G 86 7.53 -16.01 -12.24
CA GLN G 86 8.45 -15.19 -13.02
C GLN G 86 7.80 -13.84 -13.32
N LEU G 87 8.45 -12.77 -12.90
CA LEU G 87 8.04 -11.42 -13.24
C LEU G 87 8.66 -11.01 -14.57
N SER G 88 7.91 -10.22 -15.34
CA SER G 88 8.46 -9.68 -16.57
C SER G 88 9.50 -8.62 -16.26
N ILE G 89 10.37 -8.37 -17.24
CA ILE G 89 11.40 -7.35 -17.06
C ILE G 89 10.77 -5.98 -16.81
N GLU G 90 9.62 -5.72 -17.44
CA GLU G 90 8.88 -4.50 -17.14
C GLU G 90 8.46 -4.46 -15.69
N GLU G 91 7.93 -5.57 -15.18
CA GLU G 91 7.51 -5.63 -13.78
C GLU G 91 8.71 -5.56 -12.83
N GLN G 92 9.83 -6.19 -13.22
CA GLN G 92 11.03 -6.13 -12.38
C GLN G 92 11.48 -4.68 -12.17
N GLU G 93 11.43 -3.87 -13.23
CA GLU G 93 11.91 -2.50 -13.17
C GLU G 93 10.89 -1.53 -12.61
N ASN G 94 9.71 -1.99 -12.23
CA ASN G 94 8.66 -1.13 -11.67
C ASN G 94 8.01 -1.84 -10.48
N PRO G 95 8.76 -2.03 -9.40
CA PRO G 95 8.22 -2.79 -8.26
C PRO G 95 7.13 -2.06 -7.51
N GLN G 96 7.03 -0.73 -7.65
CA GLN G 96 5.99 0.01 -6.96
C GLN G 96 4.60 -0.37 -7.44
N HIS G 97 4.49 -1.00 -8.61
CA HIS G 97 3.18 -1.35 -9.16
C HIS G 97 2.64 -2.64 -8.57
N TRP G 98 3.50 -3.66 -8.40
CA TRP G 98 3.02 -4.96 -7.95
C TRP G 98 3.20 -5.20 -6.45
N GLN G 99 4.11 -4.48 -5.79
CA GLN G 99 4.37 -4.72 -4.37
C GLN G 99 3.16 -4.40 -3.49
N THR G 100 2.15 -3.73 -4.00
CA THR G 100 0.94 -3.41 -3.23
C THR G 100 -0.27 -4.23 -3.68
N ARG G 101 -0.07 -5.23 -4.54
CA ARG G 101 -1.15 -6.05 -5.05
C ARG G 101 -1.06 -7.50 -4.59
N LEU G 102 -0.26 -7.77 -3.56
CA LEU G 102 0.00 -9.14 -3.13
C LEU G 102 -0.43 -9.40 -1.69
N SER G 103 -1.24 -8.52 -1.10
CA SER G 103 -1.58 -8.67 0.32
C SER G 103 -2.52 -9.83 0.59
N ASP G 104 -3.17 -10.39 -0.43
CA ASP G 104 -4.09 -11.50 -0.21
C ASP G 104 -3.36 -12.74 0.30
N ILE G 105 -2.05 -12.87 0.00
CA ILE G 105 -1.30 -14.03 0.44
C ILE G 105 -1.21 -14.10 1.95
N CYS G 106 -1.38 -12.96 2.63
CA CYS G 106 -1.30 -12.94 4.09
C CYS G 106 -2.44 -13.76 4.71
N SER G 107 -3.66 -13.56 4.21
CA SER G 107 -4.79 -14.36 4.69
C SER G 107 -4.68 -15.80 4.18
N GLY G 108 -4.18 -15.98 2.96
CA GLY G 108 -4.03 -17.33 2.43
C GLY G 108 -3.04 -18.16 3.22
N LEU G 109 -1.91 -17.56 3.60
CA LEU G 109 -0.97 -18.27 4.47
C LEU G 109 -1.57 -18.53 5.84
N GLN G 110 -2.37 -17.59 6.35
CA GLN G 110 -3.06 -17.81 7.62
C GLN G 110 -4.00 -19.00 7.54
N GLN G 111 -4.67 -19.17 6.39
CA GLN G 111 -5.51 -20.35 6.19
C GLN G 111 -4.66 -21.61 6.22
N LEU G 112 -3.53 -21.62 5.51
CA LEU G 112 -2.63 -22.75 5.55
C LEU G 112 -2.03 -22.94 6.93
N LYS G 113 -1.77 -21.83 7.64
CA LYS G 113 -1.30 -21.93 9.02
C LYS G 113 -2.33 -22.63 9.91
N ALA G 114 -3.62 -22.38 9.66
CA ALA G 114 -4.68 -22.94 10.49
C ALA G 114 -5.09 -24.34 10.05
N SER G 115 -4.81 -24.74 8.81
CA SER G 115 -5.25 -26.04 8.32
C SER G 115 -4.59 -27.20 9.04
N GLY G 116 -3.43 -26.98 9.66
CA GLY G 116 -2.67 -28.05 10.27
C GLY G 116 -2.09 -29.05 9.30
N ARG G 117 -2.24 -28.84 7.99
CA ARG G 117 -1.68 -29.75 7.00
C ARG G 117 -0.17 -29.85 7.11
N TYR G 118 0.49 -28.76 7.50
CA TYR G 118 1.94 -28.69 7.56
C TYR G 118 2.38 -28.41 8.99
N GLN G 119 3.37 -29.16 9.46
CA GLN G 119 4.01 -28.82 10.72
C GLN G 119 4.98 -27.65 10.59
N TRP G 120 5.43 -27.36 9.37
CA TRP G 120 6.38 -26.30 9.13
C TRP G 120 6.04 -25.59 7.83
N ILE G 121 6.04 -24.26 7.88
CA ILE G 121 5.93 -23.42 6.70
C ILE G 121 7.18 -22.54 6.67
N LEU G 122 8.04 -22.77 5.67
CA LEU G 122 9.27 -22.00 5.52
C LEU G 122 9.07 -20.97 4.42
N ILE G 123 9.51 -19.73 4.69
CA ILE G 123 9.34 -18.62 3.77
C ILE G 123 10.72 -18.04 3.47
N ASP G 124 11.11 -18.06 2.20
CA ASP G 124 12.33 -17.39 1.74
C ASP G 124 12.01 -15.91 1.54
N LEU G 125 12.56 -15.05 2.41
CA LEU G 125 12.24 -13.64 2.42
C LEU G 125 13.38 -12.80 1.86
N PRO G 126 13.10 -11.81 1.03
CA PRO G 126 14.10 -10.80 0.69
C PRO G 126 14.16 -9.75 1.79
N ARG G 127 15.26 -9.00 1.80
CA ARG G 127 15.40 -7.91 2.76
C ARG G 127 15.13 -6.55 2.14
N ASP G 128 14.11 -6.44 1.30
CA ASP G 128 13.57 -5.15 0.93
C ASP G 128 12.54 -4.72 1.97
N ALA G 129 12.40 -3.42 2.15
CA ALA G 129 11.46 -2.88 3.14
C ALA G 129 10.06 -2.68 2.56
N SER G 130 9.67 -3.50 1.58
CA SER G 130 8.34 -3.39 1.00
C SER G 130 7.29 -3.86 1.99
N GLN G 131 6.06 -3.37 1.79
CA GLN G 131 4.97 -3.74 2.70
C GLN G 131 4.66 -5.23 2.62
N ILE G 132 4.84 -5.85 1.46
CA ILE G 132 4.56 -7.27 1.33
C ILE G 132 5.60 -8.09 2.09
N THR G 133 6.83 -7.58 2.21
CA THR G 133 7.85 -8.28 2.98
C THR G 133 7.61 -8.16 4.47
N HIS G 134 7.26 -6.96 4.95
CA HIS G 134 6.90 -6.79 6.35
C HIS G 134 5.67 -7.61 6.71
N GLN G 135 4.68 -7.63 5.83
CA GLN G 135 3.46 -8.38 6.10
C GLN G 135 3.75 -9.87 6.28
N LEU G 136 4.53 -10.44 5.37
CA LEU G 136 4.87 -11.86 5.47
C LEU G 136 5.74 -12.14 6.69
N LEU G 137 6.57 -11.17 7.09
CA LEU G 137 7.44 -11.38 8.24
C LEU G 137 6.65 -11.34 9.56
N SER G 138 5.56 -10.57 9.60
CA SER G 138 4.72 -10.53 10.80
C SER G 138 3.96 -11.84 11.00
N LEU G 139 3.70 -12.59 9.93
CA LEU G 139 3.05 -13.89 10.05
C LEU G 139 3.98 -14.97 10.58
N CYS G 140 5.29 -14.74 10.56
CA CYS G 140 6.23 -15.76 10.99
C CYS G 140 6.21 -15.91 12.51
N ASP G 141 6.24 -17.17 12.97
CA ASP G 141 6.38 -17.42 14.39
C ASP G 141 7.83 -17.25 14.82
N HIS G 142 8.77 -17.61 13.96
CA HIS G 142 10.19 -17.44 14.23
C HIS G 142 10.89 -17.03 12.94
N SER G 143 12.10 -16.49 13.08
CA SER G 143 12.84 -16.02 11.92
C SER G 143 14.33 -16.26 12.12
N LEU G 144 15.01 -16.56 11.02
CA LEU G 144 16.46 -16.73 11.00
C LEU G 144 17.07 -15.62 10.17
N ALA G 145 18.05 -14.93 10.75
CA ALA G 145 18.83 -13.93 10.04
C ALA G 145 20.13 -14.56 9.57
N ILE G 146 20.32 -14.62 8.26
CA ILE G 146 21.48 -15.30 7.67
C ILE G 146 22.60 -14.29 7.49
N VAL G 147 23.81 -14.69 7.89
CA VAL G 147 24.99 -13.85 7.74
C VAL G 147 26.15 -14.71 7.26
N ASN G 148 27.17 -14.03 6.74
CA ASN G 148 28.50 -14.60 6.55
C ASN G 148 29.47 -13.85 7.46
N VAL G 149 30.51 -14.55 7.91
CA VAL G 149 31.48 -13.94 8.82
C VAL G 149 32.41 -13.04 8.03
N ASP G 150 32.00 -11.80 7.78
CA ASP G 150 32.87 -10.82 7.14
C ASP G 150 32.53 -9.43 7.68
N ALA G 151 33.36 -8.46 7.29
CA ALA G 151 33.22 -7.11 7.83
C ALA G 151 31.89 -6.48 7.44
N ASN G 152 31.39 -6.79 6.25
CA ASN G 152 30.10 -6.26 5.80
C ASN G 152 28.99 -6.61 6.79
N CYS G 153 28.78 -7.92 7.01
CA CYS G 153 27.75 -8.34 7.93
C CYS G 153 27.99 -7.85 9.34
N HIS G 154 29.26 -7.75 9.75
CA HIS G 154 29.58 -7.19 11.06
C HIS G 154 29.05 -5.77 11.19
N ILE G 155 29.21 -4.96 10.15
CA ILE G 155 28.71 -3.59 10.17
C ILE G 155 27.18 -3.59 10.23
N ARG G 156 26.55 -4.43 9.40
CA ARG G 156 25.10 -4.45 9.32
C ARG G 156 24.46 -4.86 10.65
N LEU G 157 25.12 -5.74 11.41
CA LEU G 157 24.62 -6.13 12.72
C LEU G 157 24.60 -4.97 13.71
N HIS G 158 25.26 -3.86 13.40
CA HIS G 158 25.27 -2.69 14.28
C HIS G 158 24.42 -1.53 13.77
N GLN G 159 24.04 -1.53 12.49
CA GLN G 159 23.37 -0.36 11.91
C GLN G 159 21.95 -0.62 11.42
N GLN G 160 21.59 -1.86 11.09
CA GLN G 160 20.25 -2.17 10.62
C GLN G 160 19.54 -3.09 11.60
N ALA G 161 18.21 -3.08 11.53
CA ALA G 161 17.39 -3.83 12.46
C ALA G 161 17.16 -5.24 11.95
N LEU G 162 17.09 -6.18 12.86
CA LEU G 162 16.74 -7.56 12.55
C LEU G 162 15.31 -7.83 12.96
N PRO G 163 14.68 -8.86 12.40
CA PRO G 163 13.35 -9.25 12.88
C PRO G 163 13.37 -9.56 14.37
N ASP G 164 12.30 -9.18 15.06
CA ASP G 164 12.23 -9.41 16.49
C ASP G 164 12.18 -10.90 16.77
N GLY G 165 12.98 -11.33 17.75
CA GLY G 165 13.04 -12.74 18.07
C GLY G 165 13.89 -13.57 17.13
N ALA G 166 14.54 -12.94 16.16
CA ALA G 166 15.33 -13.69 15.19
C ALA G 166 16.61 -14.21 15.83
N HIS G 167 17.11 -15.31 15.26
CA HIS G 167 18.42 -15.84 15.60
C HIS G 167 19.36 -15.67 14.41
N ILE G 168 20.65 -15.54 14.71
CA ILE G 168 21.66 -15.31 13.69
C ILE G 168 22.28 -16.65 13.32
N LEU G 169 22.18 -17.01 12.04
CA LEU G 169 22.74 -18.24 11.52
C LEU G 169 23.93 -17.91 10.63
N ILE G 170 25.07 -18.53 10.91
CA ILE G 170 26.29 -18.32 10.15
C ILE G 170 26.35 -19.31 9.00
N ASN G 171 26.64 -18.80 7.81
CA ASN G 171 26.86 -19.62 6.62
C ASN G 171 28.19 -19.23 6.00
N ASN G 172 28.69 -20.10 5.11
CA ASN G 172 29.89 -19.84 4.32
C ASN G 172 31.15 -19.74 5.19
N PHE G 173 31.16 -20.42 6.33
CA PHE G 173 32.33 -20.40 7.20
C PHE G 173 33.53 -21.01 6.48
N ARG G 174 34.61 -20.24 6.39
CA ARG G 174 35.79 -20.63 5.63
C ARG G 174 36.89 -21.13 6.55
N ILE G 175 37.88 -21.78 5.93
CA ILE G 175 39.02 -22.35 6.64
C ILE G 175 40.25 -21.51 6.35
N GLY G 176 41.00 -21.18 7.41
CA GLY G 176 42.25 -20.47 7.25
C GLY G 176 42.13 -19.01 6.90
N SER G 177 41.17 -18.30 7.50
CA SER G 177 40.99 -16.87 7.29
C SER G 177 41.14 -16.18 8.64
N GLN G 178 42.26 -15.48 8.82
CA GLN G 178 42.53 -14.84 10.11
C GLN G 178 41.46 -13.82 10.46
N VAL G 179 41.09 -12.96 9.50
CA VAL G 179 40.10 -11.94 9.80
C VAL G 179 38.74 -12.57 10.09
N GLN G 180 38.43 -13.71 9.47
CA GLN G 180 37.21 -14.41 9.82
C GLN G 180 37.27 -14.96 11.24
N ASP G 181 38.42 -15.51 11.64
N ASP G 181 38.42 -15.52 11.63
CA ASP G 181 38.57 -16.03 12.99
CA ASP G 181 38.60 -16.02 12.99
C ASP G 181 38.43 -14.91 14.02
C ASP G 181 38.43 -14.90 14.01
N ASP G 182 38.99 -13.73 13.73
CA ASP G 182 38.89 -12.62 14.66
C ASP G 182 37.45 -12.14 14.81
N ILE G 183 36.74 -11.99 13.69
CA ILE G 183 35.35 -11.56 13.75
C ILE G 183 34.49 -12.62 14.45
N TYR G 184 34.77 -13.90 14.19
CA TYR G 184 33.99 -14.97 14.80
C TYR G 184 34.20 -15.00 16.31
N GLN G 185 35.46 -14.97 16.76
CA GLN G 185 35.73 -14.99 18.19
C GLN G 185 35.11 -13.78 18.90
N LEU G 186 35.00 -12.65 18.20
CA LEU G 186 34.34 -11.49 18.78
C LEU G 186 32.85 -11.71 18.89
N TRP G 187 32.24 -12.33 17.86
CA TRP G 187 30.81 -12.62 17.90
C TRP G 187 30.46 -13.60 19.00
N LEU G 188 31.37 -14.53 19.31
CA LEU G 188 31.08 -15.53 20.33
C LEU G 188 30.89 -14.90 21.70
N GLN G 189 31.51 -13.75 21.95
CA GLN G 189 31.43 -13.09 23.24
C GLN G 189 30.52 -11.88 23.25
N SER G 190 30.05 -11.43 22.10
CA SER G 190 29.22 -10.22 22.03
C SER G 190 27.83 -10.47 21.46
N GLN G 191 27.70 -11.33 20.46
CA GLN G 191 26.42 -11.55 19.80
C GLN G 191 25.59 -12.53 20.61
N ARG G 192 24.46 -12.07 21.15
CA ARG G 192 23.62 -12.86 22.03
C ARG G 192 22.53 -13.64 21.29
N ARG G 193 22.34 -13.38 19.99
CA ARG G 193 21.35 -14.10 19.20
C ARG G 193 21.99 -15.14 18.29
N LEU G 194 23.29 -15.39 18.43
CA LEU G 194 24.01 -16.28 17.54
C LEU G 194 23.67 -17.73 17.85
N LEU G 195 23.30 -18.49 16.81
CA LEU G 195 22.95 -19.89 16.97
C LEU G 195 24.18 -20.72 17.35
N PRO G 196 23.99 -21.86 18.01
CA PRO G 196 25.13 -22.66 18.45
C PRO G 196 25.79 -23.49 17.35
N MET G 197 25.21 -23.53 16.15
CA MET G 197 25.80 -24.27 15.04
C MET G 197 25.92 -23.35 13.84
N LEU G 198 26.86 -23.68 12.96
CA LEU G 198 27.11 -22.90 11.75
C LEU G 198 27.27 -23.84 10.56
N ILE G 199 27.20 -23.25 9.37
CA ILE G 199 27.34 -23.98 8.11
C ILE G 199 28.63 -23.54 7.45
N HIS G 200 29.50 -24.50 7.15
CA HIS G 200 30.77 -24.20 6.50
C HIS G 200 30.57 -23.97 5.01
N ARG G 201 31.52 -23.26 4.42
CA ARG G 201 31.65 -23.23 2.97
C ARG G 201 31.89 -24.64 2.45
N ASP G 202 31.01 -25.10 1.57
CA ASP G 202 31.01 -26.49 1.12
C ASP G 202 30.78 -26.52 -0.39
N GLU G 203 31.63 -27.25 -1.10
CA GLU G 203 31.45 -27.37 -2.54
C GLU G 203 30.12 -28.01 -2.90
N ALA G 204 29.58 -28.84 -2.01
CA ALA G 204 28.26 -29.43 -2.26
C ALA G 204 27.17 -28.37 -2.29
N MET G 205 27.31 -27.33 -1.46
CA MET G 205 26.34 -26.24 -1.48
C MET G 205 26.43 -25.43 -2.76
N ALA G 206 27.62 -25.34 -3.36
CA ALA G 206 27.77 -24.65 -4.62
C ALA G 206 27.30 -25.50 -5.80
N GLU G 207 27.39 -26.82 -5.67
CA GLU G 207 27.04 -27.71 -6.77
C GLU G 207 25.54 -28.02 -6.79
N CYS G 208 24.90 -28.08 -5.63
CA CYS G 208 23.52 -28.56 -5.56
C CYS G 208 22.58 -27.68 -6.35
N LEU G 209 22.82 -26.36 -6.37
CA LEU G 209 21.99 -25.47 -7.18
C LEU G 209 22.19 -25.75 -8.67
N ALA G 210 23.42 -26.06 -9.08
CA ALA G 210 23.66 -26.44 -10.46
C ALA G 210 22.99 -27.78 -10.78
N ALA G 211 22.88 -28.67 -9.79
CA ALA G 211 22.15 -29.92 -9.96
C ALA G 211 20.65 -29.77 -9.70
N LYS G 212 20.21 -28.60 -9.26
CA LYS G 212 18.78 -28.29 -9.08
C LYS G 212 18.15 -29.19 -8.02
N GLN G 213 18.85 -29.35 -6.90
CA GLN G 213 18.39 -30.17 -5.79
C GLN G 213 18.76 -29.49 -4.48
N PRO G 214 18.08 -29.83 -3.38
CA PRO G 214 18.58 -29.42 -2.07
C PRO G 214 19.84 -30.18 -1.74
N VAL G 215 20.69 -29.56 -0.91
CA VAL G 215 22.01 -30.14 -0.64
C VAL G 215 21.87 -31.51 0.02
N GLY G 216 20.83 -31.70 0.84
CA GLY G 216 20.65 -32.99 1.49
C GLY G 216 20.26 -34.08 0.51
N GLU G 217 19.48 -33.73 -0.51
CA GLU G 217 19.17 -34.70 -1.55
C GLU G 217 20.35 -34.91 -2.50
N TYR G 218 21.16 -33.87 -2.71
CA TYR G 218 22.28 -33.97 -3.64
C TYR G 218 23.44 -34.74 -3.05
N ARG G 219 23.81 -34.43 -1.80
CA ARG G 219 24.92 -35.12 -1.14
C ARG G 219 24.62 -35.12 0.37
N SER G 220 23.94 -36.17 0.83
CA SER G 220 23.58 -36.24 2.24
C SER G 220 24.79 -36.46 3.15
N ASP G 221 25.90 -36.93 2.60
CA ASP G 221 27.13 -37.09 3.38
C ASP G 221 27.93 -35.80 3.49
N ALA G 222 27.55 -34.76 2.76
CA ALA G 222 28.30 -33.51 2.80
C ALA G 222 28.20 -32.86 4.18
N LEU G 223 29.28 -32.20 4.59
CA LEU G 223 29.31 -31.55 5.89
C LEU G 223 28.20 -30.52 6.02
N ALA G 224 27.98 -29.73 4.98
CA ALA G 224 26.91 -28.73 5.02
C ALA G 224 25.54 -29.38 5.16
N ALA G 225 25.34 -30.56 4.55
CA ALA G 225 24.08 -31.27 4.71
C ALA G 225 23.87 -31.68 6.17
N GLU G 226 24.91 -32.19 6.82
CA GLU G 226 24.78 -32.61 8.21
C GLU G 226 24.55 -31.43 9.14
N GLU G 227 25.20 -30.29 8.85
CA GLU G 227 25.02 -29.10 9.69
C GLU G 227 23.61 -28.54 9.55
N ILE G 228 23.04 -28.58 8.34
CA ILE G 228 21.67 -28.14 8.15
C ILE G 228 20.71 -29.13 8.80
N LEU G 229 21.03 -30.43 8.77
CA LEU G 229 20.23 -31.40 9.49
C LEU G 229 20.26 -31.13 11.00
N THR G 230 21.43 -30.73 11.52
CA THR G 230 21.49 -30.29 12.91
C THR G 230 20.59 -29.09 13.15
N LEU G 231 20.57 -28.15 12.19
CA LEU G 231 19.69 -26.99 12.31
C LEU G 231 18.23 -27.40 12.32
N ALA G 232 17.87 -28.39 11.49
CA ALA G 232 16.49 -28.85 11.45
C ALA G 232 16.06 -29.44 12.79
N ASN G 233 16.92 -30.24 13.41
CA ASN G 233 16.60 -30.78 14.73
C ASN G 233 16.52 -29.66 15.77
N TRP G 234 17.42 -28.68 15.69
CA TRP G 234 17.33 -27.53 16.59
C TRP G 234 16.00 -26.79 16.41
N CYS G 235 15.48 -26.75 15.18
CA CYS G 235 14.18 -26.12 14.96
C CYS G 235 13.07 -26.92 15.61
N LEU G 236 13.14 -28.26 15.54
CA LEU G 236 12.17 -29.09 16.24
C LEU G 236 12.22 -28.85 17.74
N LEU G 237 13.42 -28.69 18.29
CA LEU G 237 13.60 -28.54 19.73
C LEU G 237 13.34 -27.12 20.22
N ASN G 238 13.26 -26.14 19.34
CA ASN G 238 13.21 -24.75 19.79
C ASN G 238 12.10 -23.93 19.15
N TYR G 239 11.65 -24.30 17.95
CA TYR G 239 10.67 -23.52 17.21
C TYR G 239 9.33 -24.24 17.08
N SER G 240 9.01 -25.12 18.03
CA SER G 240 7.75 -25.88 17.93
C SER G 240 6.54 -24.99 18.16
N GLY G 241 6.69 -23.90 18.90
CA GLY G 241 5.60 -22.96 19.12
C GLY G 241 5.28 -22.14 17.89
N ALA H 2 34.77 10.52 -17.25
CA ALA H 2 33.59 9.71 -17.48
C ALA H 2 32.90 9.35 -16.16
N VAL H 3 31.59 9.13 -16.22
CA VAL H 3 30.81 8.68 -15.07
C VAL H 3 30.65 7.18 -15.20
N LEU H 4 31.11 6.45 -14.19
CA LEU H 4 31.15 4.99 -14.21
C LEU H 4 30.30 4.45 -13.07
N GLY H 5 29.30 3.63 -13.40
CA GLY H 5 28.45 3.01 -12.41
C GLY H 5 28.87 1.57 -12.16
N LEU H 6 28.86 1.18 -10.89
CA LEU H 6 29.14 -0.19 -10.49
C LEU H 6 27.92 -0.72 -9.75
N GLN H 7 27.34 -1.80 -10.27
CA GLN H 7 26.10 -2.36 -9.73
C GLN H 7 26.21 -3.88 -9.73
N GLY H 8 26.00 -4.47 -8.56
CA GLY H 8 26.01 -5.92 -8.48
C GLY H 8 24.75 -6.51 -9.09
N VAL H 9 24.94 -7.60 -9.84
CA VAL H 9 23.82 -8.44 -10.27
C VAL H 9 23.06 -8.99 -9.08
N ARG H 10 23.65 -8.90 -7.89
CA ARG H 10 23.17 -9.53 -6.68
C ARG H 10 23.87 -8.83 -5.52
N GLY H 11 23.28 -8.93 -4.34
CA GLY H 11 23.94 -8.40 -3.15
C GLY H 11 25.15 -9.25 -2.76
N GLY H 12 26.10 -8.60 -2.10
CA GLY H 12 27.23 -9.29 -1.52
C GLY H 12 28.23 -9.88 -2.49
N VAL H 13 28.30 -9.35 -3.72
CA VAL H 13 29.27 -9.86 -4.70
C VAL H 13 30.57 -9.07 -4.71
N GLY H 14 30.64 -7.93 -4.02
CA GLY H 14 31.87 -7.18 -3.92
C GLY H 14 31.81 -5.79 -4.51
N THR H 15 30.61 -5.33 -4.85
CA THR H 15 30.45 -4.07 -5.58
C THR H 15 31.10 -2.90 -4.84
N THR H 16 30.86 -2.80 -3.54
CA THR H 16 31.35 -1.64 -2.79
C THR H 16 32.86 -1.72 -2.58
N THR H 17 33.38 -2.89 -2.21
CA THR H 17 34.82 -3.04 -2.06
C THR H 17 35.54 -2.76 -3.38
N ILE H 18 34.98 -3.25 -4.49
CA ILE H 18 35.59 -3.01 -5.80
C ILE H 18 35.52 -1.53 -6.14
N THR H 19 34.38 -0.87 -5.83
CA THR H 19 34.24 0.54 -6.12
C THR H 19 35.30 1.37 -5.39
N ALA H 20 35.49 1.11 -4.10
CA ALA H 20 36.51 1.83 -3.34
C ALA H 20 37.90 1.53 -3.87
N ALA H 21 38.18 0.27 -4.20
CA ALA H 21 39.51 -0.09 -4.68
C ALA H 21 39.78 0.48 -6.07
N LEU H 22 38.76 0.52 -6.93
CA LEU H 22 38.94 1.11 -8.25
C LEU H 22 39.17 2.62 -8.15
N ALA H 23 38.45 3.28 -7.24
CA ALA H 23 38.67 4.70 -7.03
C ALA H 23 40.08 4.98 -6.55
N TRP H 24 40.60 4.16 -5.65
CA TRP H 24 41.96 4.33 -5.18
C TRP H 24 42.97 4.09 -6.29
N SER H 25 42.72 3.09 -7.14
CA SER H 25 43.64 2.82 -8.24
C SER H 25 43.68 3.96 -9.23
N LEU H 26 42.51 4.53 -9.56
CA LEU H 26 42.46 5.61 -10.53
C LEU H 26 43.17 6.86 -10.02
N GLN H 27 43.00 7.18 -8.73
CA GLN H 27 43.69 8.34 -8.19
C GLN H 27 45.20 8.10 -8.08
N MET H 28 45.61 6.84 -7.89
CA MET H 28 47.04 6.54 -7.88
C MET H 28 47.64 6.71 -9.26
N LEU H 29 46.87 6.47 -10.31
CA LEU H 29 47.33 6.66 -11.68
C LEU H 29 47.39 8.13 -12.08
N GLY H 30 47.04 9.05 -11.17
CA GLY H 30 47.08 10.47 -11.45
C GLY H 30 45.77 11.08 -11.86
N GLU H 31 44.69 10.33 -11.85
CA GLU H 31 43.37 10.83 -12.23
C GLU H 31 42.67 11.45 -11.03
N ASN H 32 41.90 12.50 -11.30
CA ASN H 32 41.08 13.14 -10.28
C ASN H 32 39.73 12.43 -10.23
N VAL H 33 39.38 11.94 -9.04
CA VAL H 33 38.28 10.98 -8.88
C VAL H 33 37.31 11.49 -7.83
N LEU H 34 36.02 11.40 -8.13
CA LEU H 34 34.95 11.56 -7.14
C LEU H 34 34.19 10.24 -7.06
N VAL H 35 34.11 9.68 -5.85
CA VAL H 35 33.41 8.43 -5.62
C VAL H 35 32.16 8.73 -4.80
N VAL H 36 31.02 8.25 -5.28
CA VAL H 36 29.71 8.55 -4.69
C VAL H 36 29.04 7.25 -4.31
N ASP H 37 28.38 7.25 -3.14
CA ASP H 37 27.67 6.08 -2.63
C ASP H 37 26.17 6.31 -2.81
N ALA H 38 25.58 5.62 -3.79
CA ALA H 38 24.15 5.69 -4.03
C ALA H 38 23.40 4.56 -3.36
N CYS H 39 24.06 3.76 -2.53
CA CYS H 39 23.42 2.64 -1.84
C CYS H 39 22.94 3.11 -0.47
N PRO H 40 21.67 2.87 -0.11
CA PRO H 40 21.16 3.37 1.18
C PRO H 40 21.82 2.74 2.40
N ASP H 41 22.59 1.67 2.24
CA ASP H 41 23.30 1.08 3.38
C ASP H 41 24.52 1.90 3.81
N ASN H 42 25.00 2.79 2.95
CA ASN H 42 26.02 3.78 3.33
C ASN H 42 27.32 3.11 3.77
N LEU H 43 27.68 2.02 3.12
CA LEU H 43 28.84 1.24 3.51
C LEU H 43 30.15 1.71 2.88
N LEU H 44 30.07 2.46 1.77
CA LEU H 44 31.27 2.81 1.03
C LEU H 44 32.21 3.68 1.85
N ARG H 45 31.65 4.64 2.61
CA ARG H 45 32.46 5.54 3.42
C ARG H 45 33.38 4.78 4.38
N LEU H 46 32.96 3.60 4.83
CA LEU H 46 33.74 2.85 5.79
C LEU H 46 35.03 2.28 5.20
N SER H 47 35.17 2.28 3.87
CA SER H 47 36.42 1.89 3.24
C SER H 47 37.41 3.05 3.15
N PHE H 48 37.03 4.25 3.57
CA PHE H 48 37.88 5.42 3.47
C PHE H 48 38.09 6.07 4.84
N ASN H 49 38.11 5.27 5.90
CA ASN H 49 38.40 5.70 7.26
C ASN H 49 37.40 6.74 7.78
N VAL H 50 36.19 6.75 7.22
CA VAL H 50 35.14 7.61 7.74
C VAL H 50 34.58 6.99 9.01
N ASP H 51 34.56 7.75 10.09
CA ASP H 51 34.05 7.25 11.35
C ASP H 51 32.59 6.82 11.20
N PHE H 52 32.26 5.69 11.83
CA PHE H 52 30.90 5.16 11.70
C PHE H 52 29.86 6.11 12.26
N THR H 53 30.21 6.89 13.28
CA THR H 53 29.26 7.83 13.86
C THR H 53 29.01 9.04 12.96
N HIS H 54 29.91 9.30 12.01
CA HIS H 54 29.70 10.37 11.03
C HIS H 54 28.49 10.05 10.16
N ARG H 55 27.39 10.77 10.39
CA ARG H 55 26.12 10.48 9.73
C ARG H 55 25.90 11.31 8.47
N GLN H 56 26.79 12.24 8.15
CA GLN H 56 26.55 13.15 7.04
C GLN H 56 26.67 12.44 5.70
N GLY H 57 25.87 12.90 4.75
CA GLY H 57 25.86 12.34 3.40
C GLY H 57 24.94 13.16 2.53
N TRP H 58 24.97 12.86 1.23
CA TRP H 58 24.16 13.65 0.30
C TRP H 58 22.68 13.41 0.51
N ALA H 59 22.28 12.15 0.77
CA ALA H 59 20.87 11.87 1.01
C ALA H 59 20.44 12.34 2.40
N ARG H 60 21.33 12.21 3.38
CA ARG H 60 21.02 12.70 4.73
C ARG H 60 20.82 14.22 4.73
N ALA H 61 21.64 14.93 3.95
CA ALA H 61 21.49 16.38 3.86
C ALA H 61 20.20 16.75 3.14
N MET H 62 19.86 16.03 2.07
CA MET H 62 18.64 16.34 1.33
C MET H 62 17.39 16.07 2.16
N LEU H 63 17.38 14.97 2.91
CA LEU H 63 16.23 14.68 3.77
C LEU H 63 16.10 15.66 4.92
N ASP H 64 17.19 16.33 5.30
CA ASP H 64 17.19 17.31 6.38
C ASP H 64 17.15 18.73 5.85
N GLY H 65 16.77 18.92 4.59
CA GLY H 65 16.66 20.24 4.00
C GLY H 65 17.96 21.02 4.03
N GLN H 66 19.05 20.40 3.60
CA GLN H 66 20.37 21.03 3.63
C GLN H 66 21.08 20.77 2.31
N ASP H 67 22.23 21.43 2.15
CA ASP H 67 22.98 21.34 0.91
C ASP H 67 23.80 20.04 0.90
N TRP H 68 23.54 19.19 -0.09
CA TRP H 68 24.31 17.97 -0.23
C TRP H 68 25.77 18.25 -0.53
N ARG H 69 26.06 19.39 -1.18
CA ARG H 69 27.43 19.72 -1.56
C ARG H 69 28.36 19.83 -0.36
N ASP H 70 27.82 20.14 0.82
CA ASP H 70 28.65 20.26 2.02
C ASP H 70 28.98 18.92 2.65
N ALA H 71 28.44 17.82 2.13
CA ALA H 71 28.68 16.50 2.69
C ALA H 71 29.88 15.80 2.08
N GLY H 72 30.63 16.49 1.23
CA GLY H 72 31.80 15.88 0.62
C GLY H 72 32.95 15.70 1.61
N LEU H 73 33.86 14.81 1.24
CA LEU H 73 35.05 14.52 2.04
C LEU H 73 36.22 14.30 1.10
N ARG H 74 37.37 14.87 1.45
CA ARG H 74 38.59 14.74 0.67
C ARG H 74 39.46 13.65 1.27
N TYR H 75 39.73 12.60 0.48
CA TYR H 75 40.60 11.52 0.95
C TYR H 75 42.05 11.78 0.57
N THR H 76 42.32 12.01 -0.71
CA THR H 76 43.63 12.47 -1.18
C THR H 76 43.42 13.71 -2.04
N SER H 77 44.53 14.28 -2.51
CA SER H 77 44.45 15.46 -3.38
C SER H 77 43.76 15.18 -4.70
N GLN H 78 43.55 13.90 -5.05
CA GLN H 78 42.90 13.55 -6.31
C GLN H 78 41.71 12.61 -6.11
N LEU H 79 41.23 12.44 -4.88
CA LEU H 79 40.12 11.54 -4.62
C LEU H 79 39.20 12.15 -3.56
N ASP H 80 37.97 12.45 -3.97
CA ASP H 80 36.95 12.96 -3.07
C ASP H 80 35.86 11.89 -2.89
N LEU H 81 35.17 11.96 -1.76
CA LEU H 81 34.17 10.98 -1.38
C LEU H 81 32.87 11.68 -1.00
N LEU H 82 31.74 11.13 -1.48
CA LEU H 82 30.42 11.65 -1.19
C LEU H 82 29.58 10.53 -0.59
N PRO H 83 29.58 10.39 0.73
CA PRO H 83 28.81 9.30 1.35
C PRO H 83 27.31 9.50 1.17
N PHE H 84 26.57 8.41 1.40
CA PHE H 84 25.12 8.45 1.28
C PHE H 84 24.48 9.09 2.51
N GLY H 85 25.02 8.84 3.68
CA GLY H 85 24.43 9.31 4.92
C GLY H 85 23.73 8.19 5.66
N GLN H 86 23.68 8.32 6.98
CA GLN H 86 23.07 7.31 7.84
C GLN H 86 21.57 7.57 7.94
N LEU H 87 20.78 6.55 7.61
CA LEU H 87 19.33 6.61 7.80
C LEU H 87 18.95 6.04 9.15
N SER H 88 17.91 6.62 9.75
CA SER H 88 17.37 6.05 10.97
C SER H 88 16.67 4.73 10.67
N ILE H 89 16.53 3.90 11.70
CA ILE H 89 15.82 2.63 11.55
C ILE H 89 14.41 2.88 11.01
N GLU H 90 13.78 3.98 11.44
CA GLU H 90 12.47 4.34 10.91
C GLU H 90 12.54 4.59 9.41
N GLU H 91 13.62 5.20 8.94
CA GLU H 91 13.77 5.47 7.51
C GLU H 91 14.12 4.21 6.73
N GLN H 92 14.91 3.31 7.34
CA GLN H 92 15.32 2.10 6.64
C GLN H 92 14.12 1.19 6.36
N GLU H 93 13.22 1.06 7.34
CA GLU H 93 12.05 0.18 7.19
C GLU H 93 10.91 0.83 6.43
N ASN H 94 11.06 2.09 6.02
CA ASN H 94 10.03 2.79 5.25
C ASN H 94 10.70 3.60 4.15
N PRO H 95 11.11 2.94 3.07
CA PRO H 95 11.81 3.67 1.99
C PRO H 95 10.90 4.58 1.20
N GLN H 96 9.58 4.34 1.19
CA GLN H 96 8.66 5.22 0.48
C GLN H 96 8.61 6.61 1.09
N HIS H 97 9.00 6.76 2.37
CA HIS H 97 9.03 8.07 3.01
C HIS H 97 10.13 8.98 2.47
N TRP H 98 11.10 8.42 1.72
CA TRP H 98 12.22 9.23 1.26
C TRP H 98 12.74 8.88 -0.14
N GLN H 99 12.34 7.75 -0.73
CA GLN H 99 12.91 7.34 -2.01
C GLN H 99 12.51 8.27 -3.16
N THR H 100 11.48 9.10 -2.97
CA THR H 100 11.03 10.03 -4.00
C THR H 100 11.40 11.48 -3.70
N ARG H 101 12.15 11.72 -2.62
CA ARG H 101 12.57 13.06 -2.24
C ARG H 101 14.05 13.28 -2.45
N LEU H 102 14.69 12.50 -3.31
CA LEU H 102 16.12 12.60 -3.55
C LEU H 102 16.46 12.89 -5.00
N SER H 103 15.48 13.30 -5.81
CA SER H 103 15.70 13.48 -7.24
C SER H 103 16.68 14.62 -7.55
N ASP H 104 16.87 15.55 -6.62
CA ASP H 104 17.73 16.70 -6.89
C ASP H 104 19.18 16.30 -7.13
N ILE H 105 19.60 15.13 -6.64
CA ILE H 105 20.99 14.71 -6.81
C ILE H 105 21.32 14.50 -8.28
N CYS H 106 20.30 14.18 -9.09
CA CYS H 106 20.54 13.96 -10.52
C CYS H 106 21.01 15.24 -11.20
N SER H 107 20.47 16.38 -10.79
CA SER H 107 20.96 17.65 -11.31
C SER H 107 22.35 17.98 -10.77
N GLY H 108 22.57 17.70 -9.49
CA GLY H 108 23.86 18.05 -8.89
C GLY H 108 25.01 17.27 -9.46
N LEU H 109 24.84 15.96 -9.65
CA LEU H 109 25.87 15.17 -10.30
C LEU H 109 26.05 15.57 -11.76
N GLN H 110 24.96 15.98 -12.42
CA GLN H 110 25.07 16.49 -13.78
C GLN H 110 25.94 17.76 -13.81
N GLN H 111 25.85 18.57 -12.76
CA GLN H 111 26.71 19.75 -12.66
C GLN H 111 28.16 19.35 -12.45
N LEU H 112 28.41 18.44 -11.51
CA LEU H 112 29.78 17.97 -11.27
C LEU H 112 30.35 17.28 -12.48
N LYS H 113 29.51 16.55 -13.22
CA LYS H 113 29.95 15.93 -14.47
C LYS H 113 30.39 16.97 -15.48
N ALA H 114 29.71 18.12 -15.51
CA ALA H 114 30.03 19.19 -16.44
C ALA H 114 31.08 20.14 -15.92
N SER H 115 31.47 20.02 -14.65
CA SER H 115 32.42 20.97 -14.08
C SER H 115 33.85 20.69 -14.52
N GLY H 116 34.12 19.51 -15.06
CA GLY H 116 35.46 19.12 -15.44
C GLY H 116 36.44 18.98 -14.30
N ARG H 117 35.96 19.02 -13.04
CA ARG H 117 36.87 18.90 -11.90
C ARG H 117 37.41 17.49 -11.71
N TYR H 118 36.72 16.47 -12.23
CA TYR H 118 37.12 15.09 -12.07
C TYR H 118 37.17 14.41 -13.43
N GLN H 119 38.21 13.61 -13.65
CA GLN H 119 38.24 12.75 -14.82
C GLN H 119 37.37 11.53 -14.65
N TRP H 120 37.03 11.17 -13.42
CA TRP H 120 36.27 9.96 -13.15
C TRP H 120 35.31 10.20 -11.98
N ILE H 121 34.04 9.87 -12.19
CA ILE H 121 33.04 9.85 -11.14
C ILE H 121 32.49 8.43 -11.07
N LEU H 122 32.85 7.71 -10.00
CA LEU H 122 32.34 6.36 -9.78
C LEU H 122 31.15 6.41 -8.85
N ILE H 123 30.14 5.61 -9.15
CA ILE H 123 28.91 5.54 -8.35
C ILE H 123 28.71 4.10 -7.91
N ASP H 124 28.65 3.89 -6.61
CA ASP H 124 28.28 2.59 -6.03
C ASP H 124 26.76 2.49 -6.06
N LEU H 125 26.24 1.63 -6.93
CA LEU H 125 24.80 1.56 -7.18
C LEU H 125 24.18 0.32 -6.57
N PRO H 126 23.02 0.45 -5.92
CA PRO H 126 22.25 -0.72 -5.53
C PRO H 126 21.38 -1.18 -6.69
N ARG H 127 20.93 -2.43 -6.61
CA ARG H 127 20.05 -2.99 -7.63
C ARG H 127 18.61 -3.05 -7.17
N ASP H 128 18.16 -2.06 -6.39
CA ASP H 128 16.74 -1.83 -6.27
C ASP H 128 16.25 -1.10 -7.51
N ALA H 129 15.00 -1.36 -7.89
CA ALA H 129 14.43 -0.72 -9.06
C ALA H 129 13.78 0.61 -8.75
N SER H 130 14.29 1.33 -7.75
CA SER H 130 13.78 2.65 -7.41
C SER H 130 14.13 3.65 -8.51
N GLN H 131 13.27 4.67 -8.64
CA GLN H 131 13.48 5.66 -9.71
C GLN H 131 14.75 6.45 -9.49
N ILE H 132 15.19 6.63 -8.24
CA ILE H 132 16.44 7.34 -7.99
C ILE H 132 17.63 6.52 -8.50
N THR H 133 17.54 5.19 -8.41
CA THR H 133 18.60 4.34 -8.95
C THR H 133 18.58 4.35 -10.48
N HIS H 134 17.39 4.31 -11.07
CA HIS H 134 17.28 4.38 -12.53
C HIS H 134 17.82 5.69 -13.06
N GLN H 135 17.55 6.80 -12.37
CA GLN H 135 18.02 8.10 -12.83
C GLN H 135 19.52 8.23 -12.71
N LEU H 136 20.10 7.75 -11.61
CA LEU H 136 21.55 7.77 -11.45
C LEU H 136 22.23 6.88 -12.46
N LEU H 137 21.58 5.78 -12.86
CA LEU H 137 22.13 4.92 -13.90
C LEU H 137 22.13 5.61 -15.26
N SER H 138 21.07 6.36 -15.55
CA SER H 138 20.98 7.04 -16.84
C SER H 138 22.08 8.09 -17.00
N LEU H 139 22.59 8.64 -15.90
CA LEU H 139 23.65 9.62 -15.96
C LEU H 139 25.02 9.00 -16.20
N CYS H 140 25.14 7.68 -16.13
CA CYS H 140 26.44 7.02 -16.27
C CYS H 140 26.81 6.86 -17.73
N ASP H 141 28.07 7.17 -18.04
CA ASP H 141 28.60 6.90 -19.37
C ASP H 141 28.87 5.41 -19.58
N HIS H 142 29.35 4.74 -18.53
CA HIS H 142 29.63 3.31 -18.58
C HIS H 142 29.28 2.68 -17.25
N SER H 143 29.07 1.37 -17.27
CA SER H 143 28.67 0.65 -16.08
C SER H 143 29.31 -0.73 -16.04
N LEU H 144 29.58 -1.22 -14.83
CA LEU H 144 30.13 -2.54 -14.61
C LEU H 144 29.12 -3.37 -13.82
N ALA H 145 28.72 -4.50 -14.37
CA ALA H 145 27.87 -5.45 -13.67
C ALA H 145 28.75 -6.45 -12.92
N ILE H 146 28.67 -6.43 -11.59
CA ILE H 146 29.53 -7.26 -10.76
C ILE H 146 28.84 -8.58 -10.50
N VAL H 147 29.57 -9.69 -10.70
CA VAL H 147 29.06 -11.03 -10.44
C VAL H 147 30.13 -11.83 -9.71
N ASN H 148 29.70 -12.98 -9.17
CA ASN H 148 30.58 -14.06 -8.78
C ASN H 148 30.22 -15.28 -9.62
N VAL H 149 31.19 -16.18 -9.79
CA VAL H 149 31.00 -17.35 -10.64
C VAL H 149 30.33 -18.42 -9.78
N ASP H 150 29.00 -18.36 -9.70
CA ASP H 150 28.21 -19.38 -9.05
C ASP H 150 26.91 -19.56 -9.84
N ALA H 151 26.13 -20.55 -9.41
CA ALA H 151 24.88 -20.85 -10.10
C ALA H 151 23.86 -19.73 -9.96
N ASN H 152 23.89 -19.01 -8.84
CA ASN H 152 22.97 -17.89 -8.64
C ASN H 152 23.15 -16.84 -9.74
N CYS H 153 24.36 -16.30 -9.87
CA CYS H 153 24.61 -15.28 -10.89
C CYS H 153 24.39 -15.82 -12.29
N HIS H 154 24.64 -17.11 -12.51
CA HIS H 154 24.41 -17.70 -13.81
C HIS H 154 22.93 -17.62 -14.19
N ILE H 155 22.04 -17.87 -13.23
CA ILE H 155 20.62 -17.76 -13.49
C ILE H 155 20.23 -16.30 -13.73
N ARG H 156 20.75 -15.38 -12.90
CA ARG H 156 20.38 -13.98 -13.02
C ARG H 156 20.78 -13.41 -14.38
N LEU H 157 21.91 -13.85 -14.93
CA LEU H 157 22.33 -13.38 -16.24
C LEU H 157 21.33 -13.75 -17.33
N HIS H 158 20.48 -14.76 -17.09
CA HIS H 158 19.49 -15.17 -18.07
C HIS H 158 18.09 -14.62 -17.80
N GLN H 159 17.82 -14.11 -16.60
CA GLN H 159 16.46 -13.74 -16.24
C GLN H 159 16.27 -12.28 -15.83
N GLN H 160 17.35 -11.53 -15.65
CA GLN H 160 17.23 -10.12 -15.28
C GLN H 160 18.04 -9.27 -16.27
N ALA H 161 17.73 -7.99 -16.29
CA ALA H 161 18.35 -7.05 -17.22
C ALA H 161 19.56 -6.38 -16.57
N LEU H 162 20.63 -6.30 -17.34
CA LEU H 162 21.80 -5.52 -16.94
C LEU H 162 21.69 -4.11 -17.50
N PRO H 163 22.42 -3.15 -16.93
CA PRO H 163 22.45 -1.81 -17.53
C PRO H 163 22.95 -1.89 -18.96
N ASP H 164 22.36 -1.07 -19.83
CA ASP H 164 22.72 -1.11 -21.25
C ASP H 164 24.18 -0.70 -21.43
N GLY H 165 24.90 -1.47 -22.24
CA GLY H 165 26.30 -1.22 -22.48
C GLY H 165 27.23 -1.64 -21.36
N ALA H 166 26.72 -2.32 -20.34
CA ALA H 166 27.55 -2.71 -19.22
C ALA H 166 28.47 -3.86 -19.60
N HIS H 167 29.60 -3.95 -18.89
CA HIS H 167 30.49 -5.09 -18.98
C HIS H 167 30.42 -5.87 -17.67
N ILE H 168 30.63 -7.18 -17.77
CA ILE H 168 30.54 -8.07 -16.62
C ILE H 168 31.94 -8.23 -16.03
N LEU H 169 32.05 -7.99 -14.71
CA LEU H 169 33.30 -8.10 -13.99
C LEU H 169 33.17 -9.21 -12.95
N ILE H 170 34.08 -10.17 -13.00
CA ILE H 170 34.07 -11.32 -12.10
C ILE H 170 34.85 -10.96 -10.83
N ASN H 171 34.27 -11.27 -9.68
CA ASN H 171 34.94 -11.11 -8.40
C ASN H 171 34.86 -12.42 -7.62
N ASN H 172 35.72 -12.54 -6.60
CA ASN H 172 35.72 -13.67 -5.67
C ASN H 172 36.02 -14.99 -6.36
N PHE H 173 36.84 -14.95 -7.41
CA PHE H 173 37.21 -16.16 -8.13
C PHE H 173 38.04 -17.06 -7.22
N ARG H 174 37.58 -18.30 -7.03
CA ARG H 174 38.25 -19.24 -6.13
C ARG H 174 39.06 -20.26 -6.94
N ILE H 175 39.96 -20.93 -6.23
CA ILE H 175 40.79 -21.99 -6.79
C ILE H 175 40.34 -23.32 -6.20
N GLY H 176 40.28 -24.35 -7.04
CA GLY H 176 39.90 -25.67 -6.61
C GLY H 176 38.41 -25.94 -6.56
N SER H 177 37.61 -25.23 -7.33
CA SER H 177 36.17 -25.43 -7.38
C SER H 177 35.80 -25.91 -8.78
N GLN H 178 35.33 -27.16 -8.87
CA GLN H 178 35.03 -27.74 -10.19
C GLN H 178 33.83 -27.07 -10.82
N VAL H 179 32.74 -26.89 -10.05
CA VAL H 179 31.54 -26.27 -10.61
C VAL H 179 31.83 -24.84 -11.04
N GLN H 180 32.72 -24.14 -10.32
CA GLN H 180 33.10 -22.79 -10.74
C GLN H 180 33.84 -22.81 -12.07
N ASP H 181 34.75 -23.77 -12.25
CA ASP H 181 35.45 -23.90 -13.52
C ASP H 181 34.48 -24.20 -14.65
N ASP H 182 33.50 -25.07 -14.41
CA ASP H 182 32.53 -25.41 -15.45
C ASP H 182 31.71 -24.19 -15.86
N ILE H 183 31.26 -23.40 -14.88
CA ILE H 183 30.51 -22.19 -15.20
C ILE H 183 31.40 -21.17 -15.90
N TYR H 184 32.66 -21.04 -15.45
CA TYR H 184 33.55 -20.05 -16.02
C TYR H 184 33.89 -20.39 -17.48
N GLN H 185 34.21 -21.65 -17.76
CA GLN H 185 34.48 -22.03 -19.14
C GLN H 185 33.24 -21.89 -20.01
N LEU H 186 32.05 -22.05 -19.43
CA LEU H 186 30.82 -21.80 -20.18
C LEU H 186 30.68 -20.31 -20.49
N TRP H 187 30.96 -19.45 -19.51
CA TRP H 187 30.84 -18.00 -19.73
C TRP H 187 31.80 -17.53 -20.81
N LEU H 188 33.03 -18.06 -20.82
CA LEU H 188 34.01 -17.64 -21.82
C LEU H 188 33.52 -17.89 -23.23
N GLN H 189 32.66 -18.89 -23.42
CA GLN H 189 32.14 -19.22 -24.74
C GLN H 189 30.80 -18.54 -25.05
N SER H 190 30.12 -17.99 -24.06
CA SER H 190 28.74 -17.56 -24.27
C SER H 190 28.47 -16.13 -23.85
N GLN H 191 29.25 -15.60 -22.91
CA GLN H 191 29.01 -14.27 -22.36
C GLN H 191 29.83 -13.25 -23.15
N ARG H 192 29.15 -12.45 -23.98
CA ARG H 192 29.84 -11.50 -24.85
C ARG H 192 30.34 -10.28 -24.09
N ARG H 193 29.68 -9.90 -23.00
CA ARG H 193 30.03 -8.69 -22.26
C ARG H 193 31.06 -8.93 -21.16
N LEU H 194 31.67 -10.12 -21.12
CA LEU H 194 32.56 -10.49 -20.04
C LEU H 194 33.91 -9.81 -20.21
N LEU H 195 34.33 -9.07 -19.18
CA LEU H 195 35.63 -8.40 -19.21
C LEU H 195 36.75 -9.44 -19.30
N PRO H 196 37.89 -9.09 -19.93
CA PRO H 196 38.99 -10.05 -20.04
C PRO H 196 39.86 -10.12 -18.80
N MET H 197 39.32 -9.71 -17.66
CA MET H 197 40.04 -9.75 -16.40
C MET H 197 39.07 -10.09 -15.28
N LEU H 198 39.60 -10.68 -14.21
CA LEU H 198 38.79 -11.02 -13.05
C LEU H 198 39.56 -10.73 -11.78
N ILE H 199 38.87 -10.85 -10.66
CA ILE H 199 39.44 -10.64 -9.33
C ILE H 199 39.24 -11.91 -8.53
N HIS H 200 40.35 -12.54 -8.13
CA HIS H 200 40.28 -13.74 -7.33
C HIS H 200 39.81 -13.41 -5.91
N ARG H 201 39.35 -14.44 -5.20
CA ARG H 201 39.18 -14.29 -3.76
C ARG H 201 40.54 -14.09 -3.13
N ASP H 202 40.64 -13.05 -2.29
CA ASP H 202 41.90 -12.63 -1.71
C ASP H 202 41.64 -12.19 -0.28
N GLU H 203 42.39 -12.75 0.67
CA GLU H 203 42.21 -12.37 2.07
C GLU H 203 42.41 -10.88 2.29
N ALA H 204 43.21 -10.24 1.45
CA ALA H 204 43.40 -8.80 1.56
C ALA H 204 42.12 -8.02 1.26
N MET H 205 41.27 -8.57 0.38
CA MET H 205 39.97 -7.95 0.14
C MET H 205 39.04 -8.14 1.33
N ALA H 206 39.19 -9.24 2.06
CA ALA H 206 38.40 -9.44 3.27
C ALA H 206 38.94 -8.64 4.45
N GLU H 207 40.24 -8.36 4.46
CA GLU H 207 40.86 -7.62 5.54
C GLU H 207 40.78 -6.11 5.38
N CYS H 208 40.72 -5.61 4.14
CA CYS H 208 40.83 -4.16 3.94
C CYS H 208 39.62 -3.42 4.50
N LEU H 209 38.42 -3.99 4.36
CA LEU H 209 37.25 -3.35 4.97
C LEU H 209 37.37 -3.33 6.48
N ALA H 210 37.91 -4.39 7.08
CA ALA H 210 38.17 -4.39 8.51
C ALA H 210 39.22 -3.35 8.91
N ALA H 211 40.11 -3.00 7.98
CA ALA H 211 41.09 -1.95 8.20
C ALA H 211 40.60 -0.59 7.72
N LYS H 212 39.41 -0.53 7.12
CA LYS H 212 38.78 0.71 6.68
C LYS H 212 39.64 1.44 5.65
N GLN H 213 40.18 0.68 4.70
CA GLN H 213 41.02 1.21 3.63
C GLN H 213 40.69 0.49 2.33
N PRO H 214 40.91 1.14 1.19
CA PRO H 214 40.85 0.42 -0.09
C PRO H 214 41.99 -0.58 -0.17
N VAL H 215 41.75 -1.68 -0.90
CA VAL H 215 42.69 -2.79 -0.88
C VAL H 215 44.06 -2.37 -1.40
N GLY H 216 44.08 -1.42 -2.35
CA GLY H 216 45.35 -0.95 -2.87
C GLY H 216 46.15 -0.19 -1.84
N GLU H 217 45.48 0.58 -0.99
CA GLU H 217 46.18 1.24 0.11
C GLU H 217 46.55 0.24 1.20
N TYR H 218 45.75 -0.81 1.38
CA TYR H 218 45.99 -1.77 2.44
C TYR H 218 47.15 -2.70 2.10
N ARG H 219 47.09 -3.37 0.96
CA ARG H 219 48.16 -4.25 0.49
C ARG H 219 48.31 -4.02 -1.02
N SER H 220 49.20 -3.11 -1.40
CA SER H 220 49.38 -2.80 -2.81
C SER H 220 49.94 -3.99 -3.60
N ASP H 221 50.55 -4.96 -2.94
CA ASP H 221 51.13 -6.11 -3.60
C ASP H 221 50.26 -7.36 -3.50
N ALA H 222 49.05 -7.24 -2.97
CA ALA H 222 48.11 -8.36 -2.99
C ALA H 222 47.61 -8.57 -4.41
N LEU H 223 47.33 -9.84 -4.74
CA LEU H 223 46.91 -10.18 -6.09
C LEU H 223 45.68 -9.38 -6.50
N ALA H 224 44.71 -9.25 -5.59
CA ALA H 224 43.50 -8.50 -5.91
C ALA H 224 43.79 -7.02 -6.15
N ALA H 225 44.76 -6.45 -5.44
CA ALA H 225 45.13 -5.06 -5.68
C ALA H 225 45.68 -4.86 -7.08
N GLU H 226 46.52 -5.80 -7.54
CA GLU H 226 47.09 -5.70 -8.88
C GLU H 226 46.04 -5.94 -9.96
N GLU H 227 45.08 -6.84 -9.70
CA GLU H 227 44.04 -7.10 -10.70
C GLU H 227 43.12 -5.90 -10.85
N ILE H 228 42.81 -5.21 -9.76
CA ILE H 228 41.99 -4.01 -9.82
C ILE H 228 42.76 -2.85 -10.44
N LEU H 229 44.08 -2.81 -10.23
CA LEU H 229 44.91 -1.84 -10.93
C LEU H 229 44.90 -2.09 -12.44
N THR H 230 44.89 -3.36 -12.84
CA THR H 230 44.72 -3.69 -14.25
C THR H 230 43.38 -3.20 -14.76
N LEU H 231 42.32 -3.39 -13.96
CA LEU H 231 41.00 -2.88 -14.33
C LEU H 231 41.03 -1.36 -14.52
N ALA H 232 41.75 -0.65 -13.66
CA ALA H 232 41.80 0.81 -13.75
C ALA H 232 42.45 1.26 -15.05
N ASN H 233 43.55 0.61 -15.44
CA ASN H 233 44.16 0.93 -16.73
C ASN H 233 43.25 0.55 -17.88
N TRP H 234 42.48 -0.54 -17.73
CA TRP H 234 41.52 -0.91 -18.76
C TRP H 234 40.43 0.15 -18.89
N CYS H 235 40.03 0.75 -17.77
CA CYS H 235 39.06 1.85 -17.83
C CYS H 235 39.65 3.05 -18.56
N LEU H 236 40.92 3.37 -18.30
CA LEU H 236 41.57 4.46 -19.00
C LEU H 236 41.58 4.23 -20.50
N LEU H 237 41.76 2.98 -20.93
CA LEU H 237 41.87 2.68 -22.34
C LEU H 237 40.51 2.57 -23.03
N ASN H 238 39.47 2.19 -22.29
CA ASN H 238 38.19 1.83 -22.90
C ASN H 238 37.00 2.67 -22.47
N TYR H 239 37.04 3.29 -21.28
CA TYR H 239 35.89 4.02 -20.77
C TYR H 239 36.08 5.53 -20.74
N SER H 240 37.25 6.03 -21.10
CA SER H 240 37.51 7.47 -21.10
C SER H 240 36.91 8.15 -22.33
N LEU I 36 18.08 -7.94 -21.22
CA LEU I 36 18.95 -9.08 -20.94
C LEU I 36 20.32 -8.91 -21.61
N PRO I 37 21.37 -9.43 -20.98
CA PRO I 37 22.70 -9.36 -21.60
C PRO I 37 22.81 -10.31 -22.78
N ASP I 38 23.81 -10.05 -23.60
CA ASP I 38 24.01 -10.81 -24.83
C ASP I 38 24.68 -12.14 -24.52
N ILE I 39 23.91 -13.22 -24.60
CA ILE I 39 24.41 -14.57 -24.38
C ILE I 39 24.22 -15.36 -25.67
N ASP I 40 25.30 -15.96 -26.16
CA ASP I 40 25.31 -16.67 -27.44
C ASP I 40 25.68 -18.13 -27.19
N TYR I 41 24.69 -19.01 -27.32
CA TYR I 41 24.90 -20.45 -27.16
C TYR I 41 25.00 -21.18 -28.50
N ALA I 42 25.13 -20.46 -29.61
CA ALA I 42 25.29 -21.10 -30.90
C ALA I 42 26.60 -21.87 -30.93
N ASP I 43 26.52 -23.15 -31.30
CA ASP I 43 27.67 -24.06 -31.32
C ASP I 43 28.31 -24.14 -29.93
N ILE I 44 27.46 -24.27 -28.91
CA ILE I 44 27.98 -24.44 -27.56
C ILE I 44 28.54 -25.85 -27.37
N SER I 45 28.02 -26.83 -28.11
CA SER I 45 28.47 -28.21 -27.97
C SER I 45 29.80 -28.45 -28.69
N GLN I 46 30.28 -27.48 -29.47
CA GLN I 46 31.52 -27.68 -30.22
C GLN I 46 32.69 -27.97 -29.30
N ARG I 47 32.73 -27.32 -28.14
CA ARG I 47 33.87 -27.45 -27.25
C ARG I 47 33.81 -28.78 -26.48
N GLU I 48 34.95 -29.13 -25.90
CA GLU I 48 35.15 -30.47 -25.34
C GLU I 48 34.70 -30.56 -23.89
N GLN I 49 35.40 -29.86 -22.99
CA GLN I 49 35.09 -29.91 -21.57
C GLN I 49 33.68 -29.41 -21.28
N LEU I 50 33.15 -28.54 -22.15
CA LEU I 50 31.80 -28.02 -21.95
C LEU I 50 30.74 -29.10 -22.16
N ALA I 51 31.02 -30.07 -23.02
CA ALA I 51 30.05 -31.13 -23.29
C ALA I 51 29.73 -31.91 -22.01
N ALA I 52 30.77 -32.31 -21.27
CA ALA I 52 30.54 -33.05 -20.02
C ALA I 52 29.92 -32.16 -18.95
N ALA I 53 30.34 -30.89 -18.88
CA ALA I 53 29.78 -29.99 -17.87
C ALA I 53 28.29 -29.79 -18.08
N LEU I 54 27.86 -29.64 -19.33
CA LEU I 54 26.42 -29.55 -19.62
C LEU I 54 25.71 -30.84 -19.29
N LYS I 55 26.40 -31.99 -19.43
CA LYS I 55 25.80 -33.27 -19.08
C LYS I 55 25.68 -33.43 -17.56
N ARG I 56 26.63 -32.89 -16.80
CA ARG I 56 26.62 -33.10 -15.35
C ARG I 56 25.69 -32.13 -14.64
N TRP I 57 25.62 -30.88 -15.10
CA TRP I 57 24.83 -29.85 -14.43
C TRP I 57 23.58 -29.54 -15.25
N PRO I 58 22.41 -30.04 -14.87
CA PRO I 58 21.20 -29.74 -15.64
C PRO I 58 20.82 -28.27 -15.66
N LEU I 59 21.28 -27.48 -14.69
CA LEU I 59 21.00 -26.05 -14.72
C LEU I 59 21.67 -25.39 -15.92
N LEU I 60 22.90 -25.81 -16.23
CA LEU I 60 23.62 -25.23 -17.37
C LEU I 60 23.04 -25.71 -18.69
N ALA I 61 22.70 -26.99 -18.78
CA ALA I 61 22.11 -27.51 -20.02
C ALA I 61 20.75 -26.89 -20.29
N GLU I 62 20.06 -26.43 -19.24
CA GLU I 62 18.73 -25.85 -19.41
C GLU I 62 18.78 -24.55 -20.19
N PHE I 63 19.78 -23.70 -19.90
CA PHE I 63 19.91 -22.44 -20.63
C PHE I 63 20.62 -22.63 -21.97
N ALA I 64 21.55 -23.58 -22.05
CA ALA I 64 22.24 -23.83 -23.30
C ALA I 64 21.33 -24.46 -24.34
N GLN I 65 20.29 -25.16 -23.91
CA GLN I 65 19.36 -25.81 -24.83
C GLN I 65 17.93 -25.33 -24.59
N ALA J 33 7.84 -5.77 14.82
CA ALA J 33 8.86 -5.16 15.66
C ALA J 33 10.25 -5.39 15.08
N PHE J 34 11.05 -4.33 15.02
CA PHE J 34 12.40 -4.39 14.47
C PHE J 34 13.34 -3.66 15.41
N SER J 35 14.33 -4.38 15.93
CA SER J 35 15.32 -3.82 16.84
C SER J 35 16.71 -4.26 16.44
N LEU J 36 17.70 -3.49 16.86
CA LEU J 36 19.09 -3.84 16.62
C LEU J 36 19.45 -5.11 17.39
N PRO J 37 20.37 -5.92 16.86
CA PRO J 37 20.75 -7.15 17.57
C PRO J 37 21.37 -6.85 18.93
N ASP J 38 21.16 -7.78 19.87
CA ASP J 38 21.71 -7.64 21.21
C ASP J 38 23.20 -7.90 21.19
N ILE J 39 24.00 -6.86 21.39
CA ILE J 39 25.46 -6.95 21.36
C ILE J 39 25.99 -6.43 22.69
N ASP J 40 26.82 -7.24 23.35
CA ASP J 40 27.32 -6.95 24.69
C ASP J 40 28.83 -6.92 24.66
N TYR J 41 29.41 -5.72 24.76
CA TYR J 41 30.86 -5.52 24.78
C TYR J 41 31.40 -5.26 26.18
N ALA J 42 30.86 -5.95 27.19
CA ALA J 42 31.18 -5.61 28.57
C ALA J 42 32.65 -5.85 28.89
N ASP J 43 33.08 -7.12 28.84
CA ASP J 43 34.44 -7.49 29.20
C ASP J 43 35.18 -8.13 28.03
N ILE J 44 35.37 -7.36 26.96
CA ILE J 44 35.85 -7.90 25.70
C ILE J 44 37.32 -7.59 25.43
N SER J 45 37.83 -6.43 25.86
CA SER J 45 39.23 -6.08 25.62
C SER J 45 40.20 -6.78 26.56
N GLN J 46 39.73 -7.68 27.41
CA GLN J 46 40.59 -8.31 28.41
C GLN J 46 41.18 -9.64 27.93
N ARG J 47 40.40 -10.45 27.22
CA ARG J 47 40.95 -11.67 26.65
C ARG J 47 42.01 -11.32 25.60
N GLU J 48 43.14 -12.02 25.66
CA GLU J 48 44.32 -11.59 24.90
C GLU J 48 44.08 -11.64 23.40
N GLN J 49 43.38 -12.67 22.91
CA GLN J 49 43.12 -12.76 21.48
C GLN J 49 42.17 -11.67 21.02
N LEU J 50 41.03 -11.52 21.70
CA LEU J 50 40.08 -10.47 21.35
C LEU J 50 40.70 -9.09 21.49
N ALA J 51 41.61 -8.91 22.44
CA ALA J 51 42.30 -7.63 22.58
C ALA J 51 43.20 -7.36 21.36
N ALA J 52 43.95 -8.37 20.93
CA ALA J 52 44.82 -8.20 19.77
C ALA J 52 44.02 -7.97 18.50
N ALA J 53 42.90 -8.67 18.35
CA ALA J 53 42.07 -8.49 17.16
C ALA J 53 41.45 -7.10 17.14
N LEU J 54 40.98 -6.60 18.28
CA LEU J 54 40.46 -5.25 18.35
C LEU J 54 41.55 -4.21 18.13
N LYS J 55 42.79 -4.53 18.51
CA LYS J 55 43.90 -3.61 18.32
C LYS J 55 44.40 -3.58 16.88
N ARG J 56 44.15 -4.65 16.11
CA ARG J 56 44.60 -4.68 14.72
C ARG J 56 43.54 -4.12 13.76
N TRP J 57 42.27 -4.40 13.99
CA TRP J 57 41.22 -4.01 13.06
C TRP J 57 40.48 -2.80 13.59
N PRO J 58 40.68 -1.61 13.00
CA PRO J 58 39.99 -0.41 13.50
C PRO J 58 38.47 -0.50 13.40
N LEU J 59 37.95 -1.27 12.44
CA LEU J 59 36.50 -1.43 12.32
C LEU J 59 35.91 -2.10 13.55
N LEU J 60 36.61 -3.12 14.07
CA LEU J 60 36.11 -3.85 15.23
C LEU J 60 36.20 -3.01 16.50
N ALA J 61 37.34 -2.34 16.71
CA ALA J 61 37.49 -1.49 17.88
C ALA J 61 36.50 -0.34 17.88
N GLU J 62 36.07 0.08 16.69
CA GLU J 62 35.11 1.18 16.60
C GLU J 62 33.80 0.84 17.28
N PHE J 63 33.24 -0.33 16.97
CA PHE J 63 31.97 -0.71 17.56
C PHE J 63 32.14 -1.18 18.99
N ALA J 64 33.35 -1.65 19.35
CA ALA J 64 33.59 -2.21 20.68
C ALA J 64 33.36 -1.16 21.76
N GLN J 65 34.07 -0.05 21.67
CA GLN J 65 33.90 1.05 22.62
C GLN J 65 33.21 2.24 21.98
N THR K 8 28.42 -58.10 8.43
CA THR K 8 27.63 -57.33 9.37
C THR K 8 27.22 -58.19 10.57
N THR K 9 26.55 -59.31 10.29
CA THR K 9 26.16 -60.22 11.36
C THR K 9 27.34 -61.09 11.81
N LEU K 10 28.30 -61.33 10.93
CA LEU K 10 29.51 -62.05 11.35
C LEU K 10 30.41 -61.16 12.20
N LEU K 11 30.40 -59.85 11.95
CA LEU K 11 31.22 -58.93 12.73
C LEU K 11 30.72 -58.83 14.17
N SER K 12 29.40 -58.85 14.37
CA SER K 12 28.86 -58.75 15.72
C SER K 12 29.26 -59.94 16.59
N MET K 13 29.62 -61.08 16.00
CA MET K 13 29.99 -62.26 16.75
C MET K 13 31.49 -62.51 16.80
N THR K 14 32.27 -61.86 15.94
CA THR K 14 33.70 -62.10 15.87
C THR K 14 34.53 -60.85 16.15
N GLN K 15 34.18 -59.71 15.54
CA GLN K 15 34.90 -58.46 15.72
C GLN K 15 33.91 -57.34 16.01
N PRO K 16 33.29 -57.35 17.20
CA PRO K 16 32.33 -56.28 17.53
C PRO K 16 32.99 -54.92 17.70
N LEU K 17 34.29 -54.87 18.00
CA LEU K 17 35.00 -53.61 18.12
C LEU K 17 35.28 -52.96 16.77
N LYS K 18 35.07 -53.68 15.67
CA LYS K 18 35.20 -53.10 14.33
C LYS K 18 33.94 -52.40 13.87
N LEU K 19 32.83 -52.59 14.57
CA LEU K 19 31.57 -51.93 14.20
C LEU K 19 31.59 -50.47 14.64
N ARG K 20 30.75 -49.68 13.97
CA ARG K 20 30.59 -48.27 14.35
C ARG K 20 29.26 -47.77 13.77
N GLY K 21 28.66 -46.82 14.49
CA GLY K 21 27.44 -46.21 14.00
C GLY K 21 26.22 -47.05 14.34
N PHE K 22 25.17 -46.87 13.53
CA PHE K 22 23.91 -47.54 13.82
C PHE K 22 24.00 -49.03 13.56
N GLN K 23 23.40 -49.82 14.45
CA GLN K 23 23.24 -51.24 14.28
C GLN K 23 21.79 -51.62 14.58
N LYS K 24 21.28 -52.62 13.88
CA LYS K 24 19.96 -53.14 14.18
C LYS K 24 19.93 -53.69 15.62
N TRP K 25 18.71 -53.74 16.18
CA TRP K 25 18.55 -54.01 17.61
C TRP K 25 19.24 -55.32 18.01
N ASP K 26 18.98 -56.40 17.27
CA ASP K 26 19.56 -57.69 17.64
C ASP K 26 21.07 -57.71 17.40
N VAL K 27 21.53 -57.04 16.34
CA VAL K 27 22.97 -56.98 16.08
C VAL K 27 23.67 -56.17 17.17
N PHE K 28 23.05 -55.07 17.60
CA PHE K 28 23.58 -54.30 18.71
C PHE K 28 23.72 -55.16 19.96
N CYS K 29 22.68 -55.93 20.29
CA CYS K 29 22.72 -56.76 21.48
C CYS K 29 23.80 -57.83 21.38
N ASN K 30 23.92 -58.48 20.22
CA ASN K 30 24.94 -59.51 20.05
C ASN K 30 26.34 -58.92 20.16
N ALA K 31 26.55 -57.74 19.59
CA ALA K 31 27.87 -57.11 19.61
C ALA K 31 28.30 -56.81 21.05
N VAL K 32 27.45 -56.11 21.80
CA VAL K 32 27.79 -55.78 23.18
C VAL K 32 27.89 -57.05 24.02
N ASN K 33 27.02 -58.02 23.77
CA ASN K 33 27.09 -59.28 24.51
C ASN K 33 28.40 -60.02 24.26
N ASN K 34 28.89 -59.98 23.01
CA ASN K 34 30.15 -60.63 22.71
C ASN K 34 31.35 -59.88 23.26
N MET K 35 31.23 -58.56 23.48
CA MET K 35 32.28 -57.83 24.16
C MET K 35 32.33 -58.19 25.64
N MET K 36 31.16 -58.36 26.26
CA MET K 36 31.12 -58.72 27.68
C MET K 36 31.70 -60.11 27.93
N ASN K 37 31.46 -61.04 27.01
CA ASN K 37 31.89 -62.41 27.20
C ASN K 37 33.35 -62.64 26.83
N ASN K 38 34.03 -61.65 26.29
CA ASN K 38 35.42 -61.84 25.83
C ASN K 38 36.35 -61.92 27.03
N PRO K 39 37.04 -63.04 27.25
CA PRO K 39 37.91 -63.15 28.42
C PRO K 39 39.20 -62.35 28.31
N LEU K 40 39.64 -62.01 27.09
CA LEU K 40 40.88 -61.27 26.91
C LEU K 40 40.72 -59.76 27.09
N LEU K 41 39.49 -59.27 27.14
CA LEU K 41 39.27 -57.86 27.41
C LEU K 41 39.43 -57.59 28.91
N PRO K 42 39.78 -56.35 29.28
CA PRO K 42 39.97 -56.02 30.71
C PRO K 42 38.75 -56.34 31.56
N ALA K 43 38.95 -56.36 32.89
CA ALA K 43 37.95 -56.89 33.79
C ALA K 43 36.68 -56.04 33.80
N HIS K 44 36.82 -54.71 33.78
CA HIS K 44 35.64 -53.87 33.87
C HIS K 44 35.74 -52.56 33.10
N GLY K 45 36.74 -52.39 32.23
CA GLY K 45 36.83 -51.18 31.43
C GLY K 45 36.37 -51.37 30.01
N LYS K 46 35.45 -52.31 29.80
CA LYS K 46 35.00 -52.64 28.45
C LYS K 46 34.24 -51.49 27.81
N GLY K 47 33.52 -50.71 28.59
CA GLY K 47 32.80 -49.56 28.07
C GLY K 47 31.60 -49.23 28.95
N VAL K 48 30.68 -48.48 28.35
CA VAL K 48 29.52 -47.96 29.06
C VAL K 48 28.31 -48.04 28.14
N LEU K 49 27.20 -48.53 28.68
CA LEU K 49 25.93 -48.62 27.97
C LEU K 49 25.00 -47.51 28.45
N VAL K 50 24.45 -46.74 27.51
CA VAL K 50 23.65 -45.56 27.83
C VAL K 50 22.30 -45.67 27.13
N ALA K 51 21.22 -45.61 27.91
CA ALA K 51 19.87 -45.54 27.38
C ALA K 51 19.35 -44.12 27.51
N LEU K 52 18.77 -43.59 26.43
CA LEU K 52 18.39 -42.19 26.35
C LEU K 52 16.96 -42.06 25.88
N ARG K 53 16.17 -41.27 26.61
CA ARG K 53 14.78 -41.00 26.26
C ARG K 53 14.64 -39.57 25.78
N PRO K 54 14.08 -39.33 24.60
CA PRO K 54 14.05 -37.97 24.05
C PRO K 54 13.00 -37.10 24.72
N VAL K 55 13.23 -35.79 24.66
CA VAL K 55 12.29 -34.80 25.19
C VAL K 55 10.97 -34.96 24.44
N PRO K 56 9.84 -34.55 25.03
CA PRO K 56 8.54 -34.87 24.42
C PRO K 56 8.37 -34.41 22.98
N GLY K 57 9.09 -33.40 22.54
CA GLY K 57 8.87 -32.85 21.22
C GLY K 57 9.65 -33.48 20.08
N ILE K 58 10.18 -34.69 20.27
CA ILE K 58 11.00 -35.32 19.25
C ILE K 58 10.98 -36.82 19.46
N ARG K 59 11.00 -37.56 18.35
CA ARG K 59 11.05 -39.01 18.33
C ARG K 59 12.51 -39.49 18.28
N VAL K 60 12.73 -40.72 18.73
CA VAL K 60 14.09 -41.27 18.75
C VAL K 60 14.64 -41.37 17.33
N GLU K 61 13.78 -41.63 16.34
CA GLU K 61 14.24 -41.64 14.96
C GLU K 61 14.85 -40.30 14.58
N GLN K 62 14.25 -39.20 15.02
CA GLN K 62 14.82 -37.89 14.75
C GLN K 62 16.04 -37.63 15.61
N ALA K 63 16.00 -38.02 16.88
CA ALA K 63 17.16 -37.85 17.75
C ALA K 63 18.35 -38.67 17.26
N LEU K 64 18.09 -39.79 16.56
CA LEU K 64 19.17 -40.61 16.04
C LEU K 64 20.04 -39.85 15.04
N THR K 65 19.44 -38.95 14.26
CA THR K 65 20.20 -38.21 13.26
C THR K 65 21.24 -37.28 13.90
N LEU K 66 21.11 -36.99 15.19
CA LEU K 66 22.10 -36.21 15.91
C LEU K 66 23.19 -37.06 16.54
N CYS K 67 23.03 -38.38 16.55
CA CYS K 67 24.02 -39.29 17.13
C CYS K 67 25.05 -39.63 16.06
N ARG K 68 26.25 -39.07 16.20
CA ARG K 68 27.30 -39.18 15.18
C ARG K 68 28.59 -39.61 15.85
N PRO K 69 28.73 -40.91 16.15
CA PRO K 69 29.95 -41.39 16.79
C PRO K 69 31.12 -41.41 15.83
N ASN K 70 32.32 -41.30 16.39
CA ASN K 70 33.54 -41.25 15.59
C ASN K 70 34.49 -42.39 15.91
N ARG K 71 34.71 -42.69 17.19
CA ARG K 71 35.60 -43.78 17.58
C ARG K 71 35.02 -45.12 17.14
N THR K 72 35.85 -45.92 16.47
CA THR K 72 35.45 -47.28 16.13
C THR K 72 35.19 -48.06 17.40
N GLY K 73 34.07 -48.79 17.43
CA GLY K 73 33.61 -49.45 18.63
C GLY K 73 32.43 -48.77 19.30
N ASP K 74 32.16 -47.52 18.95
CA ASP K 74 30.96 -46.83 19.43
C ASP K 74 29.81 -47.14 18.48
N ILE K 75 28.74 -47.73 19.02
CA ILE K 75 27.59 -48.14 18.24
C ILE K 75 26.34 -47.69 18.95
N MET K 76 25.22 -47.66 18.22
CA MET K 76 23.94 -47.30 18.82
C MET K 76 22.81 -47.95 18.04
N THR K 77 21.67 -48.07 18.71
CA THR K 77 20.46 -48.60 18.12
C THR K 77 19.28 -47.85 18.72
N ILE K 78 18.11 -48.05 18.12
CA ILE K 78 16.88 -47.47 18.65
C ILE K 78 15.80 -48.55 18.66
N GLY K 79 14.90 -48.44 19.64
CA GLY K 79 13.81 -49.36 19.80
C GLY K 79 13.01 -49.04 21.04
N GLY K 80 11.69 -49.26 21.00
CA GLY K 80 10.84 -48.91 22.11
C GLY K 80 10.90 -47.45 22.49
N ASN K 81 11.11 -46.57 21.52
CA ASN K 81 11.25 -45.12 21.76
C ASN K 81 12.35 -44.84 22.78
N ARG K 82 13.48 -45.54 22.63
CA ARG K 82 14.66 -45.27 23.42
C ARG K 82 15.89 -45.44 22.54
N LEU K 83 16.89 -44.59 22.76
CA LEU K 83 18.15 -44.66 22.04
C LEU K 83 19.20 -45.25 22.98
N VAL K 84 19.89 -46.28 22.51
CA VAL K 84 20.86 -47.01 23.32
C VAL K 84 22.23 -46.86 22.67
N LEU K 85 23.17 -46.28 23.40
CA LEU K 85 24.55 -46.12 22.96
C LEU K 85 25.44 -47.10 23.72
N PHE K 86 26.50 -47.56 23.04
CA PHE K 86 27.59 -48.26 23.72
C PHE K 86 28.89 -47.57 23.37
N LEU K 87 29.57 -47.04 24.38
CA LEU K 87 30.81 -46.31 24.21
C LEU K 87 31.96 -47.25 24.57
N SER K 88 32.74 -47.63 23.56
CA SER K 88 33.78 -48.64 23.74
C SER K 88 34.93 -48.09 24.57
N PHE K 89 35.22 -48.77 25.69
CA PHE K 89 36.36 -48.45 26.55
C PHE K 89 36.31 -47.02 27.09
N CYS K 90 35.10 -46.48 27.25
CA CYS K 90 34.91 -45.19 27.87
C CYS K 90 34.66 -45.35 29.37
N ARG K 91 35.42 -44.62 30.17
CA ARG K 91 35.22 -44.67 31.61
C ARG K 91 33.98 -43.85 32.01
N ILE K 92 33.43 -44.20 33.17
CA ILE K 92 32.17 -43.60 33.60
C ILE K 92 32.34 -42.10 33.85
N ASN K 93 33.48 -41.70 34.41
CA ASN K 93 33.72 -40.28 34.66
C ASN K 93 33.92 -39.48 33.38
N ASP K 94 34.15 -40.15 32.26
CA ASP K 94 34.33 -39.49 30.96
C ASP K 94 33.07 -39.51 30.11
N LEU K 95 31.93 -39.92 30.68
CA LEU K 95 30.73 -40.14 29.89
C LEU K 95 30.28 -38.86 29.18
N ASP K 96 30.16 -37.76 29.92
CA ASP K 96 29.68 -36.53 29.32
C ASP K 96 30.67 -35.95 28.32
N THR K 97 31.96 -36.29 28.44
CA THR K 97 32.92 -35.87 27.44
C THR K 97 32.70 -36.62 26.13
N ALA K 98 32.53 -37.94 26.20
CA ALA K 98 32.26 -38.73 24.99
C ALA K 98 30.94 -38.31 24.36
N LEU K 99 29.92 -38.04 25.18
CA LEU K 99 28.62 -37.65 24.64
C LEU K 99 28.71 -36.31 23.92
N ASN K 100 29.54 -35.39 24.42
CA ASN K 100 29.70 -34.10 23.76
C ASN K 100 30.35 -34.24 22.39
N HIS K 101 31.22 -35.23 22.21
CA HIS K 101 31.83 -35.45 20.91
C HIS K 101 30.85 -36.08 19.92
N ILE K 102 29.88 -36.85 20.42
CA ILE K 102 29.00 -37.61 19.54
C ILE K 102 27.80 -36.79 19.08
N PHE K 103 27.27 -35.91 19.93
CA PHE K 103 26.12 -35.10 19.54
C PHE K 103 26.53 -33.65 19.32
N PRO K 104 26.00 -32.98 18.28
CA PRO K 104 26.36 -31.58 18.04
C PRO K 104 25.62 -30.58 18.92
N LEU K 105 24.57 -31.01 19.62
CA LEU K 105 23.82 -30.19 20.54
C LEU K 105 23.90 -30.79 21.94
N PRO K 106 23.65 -30.00 22.98
CA PRO K 106 23.73 -30.54 24.35
C PRO K 106 22.72 -31.66 24.55
N THR K 107 23.20 -32.78 25.14
CA THR K 107 22.36 -33.96 25.29
C THR K 107 21.15 -33.69 26.18
N GLY K 108 21.27 -32.76 27.13
CA GLY K 108 20.15 -32.41 27.97
C GLY K 108 19.01 -31.77 27.20
N ASP K 109 19.31 -31.13 26.06
CA ASP K 109 18.29 -30.54 25.22
C ASP K 109 17.62 -31.56 24.31
N ILE K 110 18.31 -32.66 23.99
CA ILE K 110 17.74 -33.69 23.13
C ILE K 110 16.95 -34.71 23.94
N PHE K 111 17.48 -35.11 25.09
CA PHE K 111 16.94 -36.22 25.86
C PHE K 111 16.51 -35.74 27.23
N SER K 112 15.36 -36.26 27.69
CA SER K 112 14.83 -35.91 29.00
C SER K 112 15.27 -36.87 30.10
N ASN K 113 15.81 -38.04 29.75
CA ASN K 113 16.22 -39.02 30.75
C ASN K 113 17.42 -39.79 30.23
N ARG K 114 18.24 -40.26 31.18
CA ARG K 114 19.43 -41.02 30.88
C ARG K 114 19.60 -42.13 31.91
N MET K 115 19.99 -43.31 31.43
CA MET K 115 20.31 -44.44 32.29
C MET K 115 21.63 -45.04 31.81
N VAL K 116 22.53 -45.31 32.76
CA VAL K 116 23.91 -45.66 32.45
C VAL K 116 24.30 -46.94 33.19
N TRP K 117 24.81 -47.91 32.43
CA TRP K 117 25.37 -49.14 32.98
C TRP K 117 26.85 -49.19 32.63
N PHE K 118 27.72 -49.25 33.63
CA PHE K 118 29.17 -49.23 33.41
C PHE K 118 29.87 -50.45 33.98
N GLU K 119 29.14 -51.45 34.44
CA GLU K 119 29.74 -52.68 34.96
C GLU K 119 29.15 -53.88 34.23
N ASP K 120 29.96 -54.94 34.14
CA ASP K 120 29.63 -56.06 33.26
C ASP K 120 28.32 -56.72 33.65
N ASP K 121 28.09 -56.93 34.95
CA ASP K 121 26.86 -57.60 35.38
C ASP K 121 25.62 -56.79 35.01
N GLN K 122 25.65 -55.48 35.27
CA GLN K 122 24.51 -54.64 34.95
C GLN K 122 24.33 -54.50 33.44
N ILE K 123 25.43 -54.38 32.69
CA ILE K 123 25.34 -54.29 31.24
C ILE K 123 24.72 -55.56 30.67
N SER K 124 25.20 -56.73 31.13
CA SER K 124 24.66 -57.99 30.66
C SER K 124 23.19 -58.14 31.03
N ALA K 125 22.83 -57.74 32.26
CA ALA K 125 21.44 -57.81 32.68
C ALA K 125 20.55 -56.93 31.82
N GLU K 126 21.04 -55.74 31.45
CA GLU K 126 20.27 -54.85 30.59
C GLU K 126 20.16 -55.43 29.18
N LEU K 127 21.22 -56.10 28.71
CA LEU K 127 21.15 -56.76 27.40
C LEU K 127 20.09 -57.85 27.40
N VAL K 128 20.03 -58.65 28.46
CA VAL K 128 18.97 -59.66 28.60
C VAL K 128 17.60 -59.03 28.46
N GLN K 129 17.41 -57.87 29.09
CA GLN K 129 16.13 -57.16 28.99
C GLN K 129 15.90 -56.65 27.58
N MET K 130 16.95 -56.13 26.92
CA MET K 130 16.79 -55.62 25.57
C MET K 130 16.42 -56.73 24.59
N ARG K 131 16.95 -57.93 24.80
CA ARG K 131 16.67 -59.04 23.88
C ARG K 131 15.23 -59.52 23.95
N LEU K 132 14.46 -59.11 24.95
CA LEU K 132 13.05 -59.47 25.04
C LEU K 132 12.15 -58.54 24.25
N LEU K 133 12.69 -57.45 23.70
CA LEU K 133 11.87 -56.51 22.95
C LEU K 133 11.49 -57.08 21.59
N ALA K 134 10.20 -57.08 21.30
CA ALA K 134 9.71 -57.66 20.06
C ALA K 134 10.22 -56.88 18.86
N PRO K 135 10.48 -57.55 17.74
CA PRO K 135 11.01 -56.84 16.56
C PRO K 135 10.08 -55.77 16.00
N GLU K 136 8.77 -55.86 16.27
CA GLU K 136 7.86 -54.81 15.84
C GLU K 136 8.16 -53.48 16.51
N GLN K 137 8.95 -53.49 17.58
CA GLN K 137 9.32 -52.27 18.30
C GLN K 137 10.73 -51.79 17.96
N TRP K 138 11.44 -52.47 17.07
CA TRP K 138 12.77 -52.03 16.67
C TRP K 138 12.68 -50.87 15.70
N GLY K 139 13.56 -49.89 15.89
CA GLY K 139 13.61 -48.75 15.01
C GLY K 139 14.62 -48.92 13.88
N MET K 140 14.50 -48.07 12.88
CA MET K 140 15.36 -48.07 11.71
C MET K 140 15.63 -46.61 11.37
N PRO K 141 16.84 -46.29 10.90
CA PRO K 141 17.21 -44.88 10.70
C PRO K 141 16.30 -44.19 9.69
N LEU K 142 15.99 -42.92 9.96
CA LEU K 142 15.14 -42.15 9.07
C LEU K 142 15.65 -42.09 7.64
N PRO K 143 16.94 -41.86 7.36
CA PRO K 143 17.37 -41.87 5.95
C PRO K 143 17.06 -43.18 5.24
N LEU K 144 17.19 -44.31 5.92
CA LEU K 144 16.93 -45.60 5.29
C LEU K 144 15.44 -45.80 5.02
N THR K 145 14.59 -45.52 6.03
CA THR K 145 13.16 -45.75 5.85
C THR K 145 12.51 -44.68 4.98
N GLN K 146 13.04 -43.44 5.01
CA GLN K 146 12.48 -42.39 4.18
C GLN K 146 12.81 -42.62 2.71
N SER K 147 14.07 -42.95 2.42
CA SER K 147 14.47 -43.19 1.03
C SER K 147 13.92 -44.50 0.48
N SER K 148 13.39 -45.37 1.32
CA SER K 148 12.80 -46.63 0.87
C SER K 148 11.30 -46.52 0.66
N LYS K 149 10.70 -45.35 0.87
CA LYS K 149 9.31 -45.16 0.56
C LYS K 149 9.12 -45.06 -0.96
N PRO K 150 7.94 -45.39 -1.48
CA PRO K 150 7.74 -45.30 -2.94
C PRO K 150 7.76 -43.87 -3.44
N VAL K 151 8.76 -43.53 -4.26
CA VAL K 151 8.84 -42.20 -4.84
C VAL K 151 7.76 -42.06 -5.90
N ILE K 152 6.87 -41.07 -5.72
CA ILE K 152 5.72 -40.94 -6.60
C ILE K 152 6.13 -40.36 -7.95
N ASN K 153 7.06 -39.42 -7.95
CA ASN K 153 7.38 -38.60 -9.12
C ASN K 153 8.81 -38.78 -9.57
N ALA K 154 9.27 -40.04 -9.61
CA ALA K 154 10.66 -40.31 -9.96
C ALA K 154 10.87 -40.29 -11.47
N GLU K 155 12.09 -39.96 -11.85
CA GLU K 155 12.54 -40.02 -13.24
C GLU K 155 14.06 -40.15 -13.23
N HIS K 156 14.57 -41.11 -14.00
CA HIS K 156 16.00 -41.37 -14.07
C HIS K 156 16.61 -40.64 -15.25
N ASP K 157 17.72 -39.93 -15.02
CA ASP K 157 18.37 -39.15 -16.05
C ASP K 157 19.48 -39.90 -16.77
N GLY K 158 19.68 -41.18 -16.44
CA GLY K 158 20.79 -41.95 -16.98
C GLY K 158 21.88 -42.22 -15.98
N ARG K 159 21.89 -41.54 -14.83
CA ARG K 159 22.84 -41.81 -13.78
C ARG K 159 22.16 -41.82 -12.40
N HIS K 160 21.39 -40.77 -12.11
CA HIS K 160 20.79 -40.60 -10.80
C HIS K 160 19.28 -40.44 -10.91
N TRP K 161 18.60 -40.66 -9.79
CA TRP K 161 17.16 -40.42 -9.71
C TRP K 161 16.90 -38.93 -9.53
N ARG K 162 15.79 -38.48 -10.11
CA ARG K 162 15.35 -37.09 -10.00
C ARG K 162 13.87 -37.07 -9.66
N ARG K 163 13.46 -36.05 -8.91
CA ARG K 163 12.06 -35.84 -8.59
C ARG K 163 11.49 -34.78 -9.52
N ILE K 164 10.31 -35.05 -10.07
CA ILE K 164 9.62 -34.14 -10.97
C ILE K 164 8.52 -33.44 -10.17
N PRO K 165 8.60 -32.14 -9.92
CA PRO K 165 7.58 -31.47 -9.12
C PRO K 165 6.19 -31.63 -9.73
N GLU K 166 5.25 -32.08 -8.91
CA GLU K 166 3.90 -32.38 -9.35
C GLU K 166 3.00 -31.17 -9.12
N PRO K 167 2.34 -30.64 -10.15
CA PRO K 167 1.37 -29.56 -9.92
C PRO K 167 0.25 -30.01 -8.99
N MET K 168 -0.06 -29.15 -8.02
CA MET K 168 -1.08 -29.45 -7.03
C MET K 168 -1.80 -28.16 -6.64
N ARG K 169 -2.97 -28.33 -6.06
CA ARG K 169 -3.76 -27.21 -5.54
C ARG K 169 -3.72 -27.26 -4.01
N LEU K 170 -3.18 -26.21 -3.40
CA LEU K 170 -3.19 -26.07 -1.94
C LEU K 170 -4.63 -25.79 -1.51
N LEU K 171 -5.31 -26.82 -1.02
CA LEU K 171 -6.75 -26.75 -0.81
C LEU K 171 -7.11 -25.74 0.28
N ASP K 172 -8.36 -25.31 0.25
CA ASP K 172 -8.89 -24.28 1.12
C ASP K 172 -9.78 -24.92 2.19
N ASP K 173 -10.72 -24.15 2.74
CA ASP K 173 -11.64 -24.60 3.78
C ASP K 173 -10.88 -25.14 5.00
N LEU L 10 75.90 -0.86 -7.48
CA LEU L 10 76.90 -1.92 -7.52
C LEU L 10 76.38 -3.13 -8.30
N LEU L 11 75.08 -3.41 -8.17
CA LEU L 11 74.50 -4.58 -8.81
C LEU L 11 74.39 -4.41 -10.32
N SER L 12 74.23 -3.17 -10.81
CA SER L 12 74.11 -2.95 -12.24
C SER L 12 75.43 -3.20 -12.98
N MET L 13 76.54 -3.30 -12.26
CA MET L 13 77.85 -3.56 -12.87
C MET L 13 78.41 -4.93 -12.55
N THR L 14 78.12 -5.47 -11.36
CA THR L 14 78.66 -6.78 -11.01
C THR L 14 77.76 -7.90 -11.52
N GLN L 15 76.50 -7.91 -11.10
CA GLN L 15 75.55 -8.96 -11.48
C GLN L 15 74.26 -8.32 -11.98
N PRO L 16 74.26 -7.83 -13.23
CA PRO L 16 73.01 -7.30 -13.79
C PRO L 16 71.97 -8.38 -14.07
N LEU L 17 72.37 -9.65 -14.11
CA LEU L 17 71.42 -10.74 -14.35
C LEU L 17 70.54 -11.02 -13.14
N LYS L 18 70.88 -10.49 -11.96
CA LYS L 18 70.08 -10.68 -10.77
C LYS L 18 69.16 -9.50 -10.48
N LEU L 19 69.14 -8.50 -11.35
CA LEU L 19 68.17 -7.41 -11.25
C LEU L 19 66.83 -7.85 -11.82
N ARG L 20 65.77 -7.19 -11.37
CA ARG L 20 64.45 -7.41 -11.95
C ARG L 20 63.58 -6.21 -11.65
N GLY L 21 62.60 -5.96 -12.54
CA GLY L 21 61.64 -4.91 -12.32
C GLY L 21 62.09 -3.56 -12.82
N PHE L 22 61.59 -2.50 -12.21
CA PHE L 22 61.94 -1.16 -12.64
C PHE L 22 63.36 -0.79 -12.20
N GLN L 23 64.07 -0.10 -13.07
CA GLN L 23 65.36 0.50 -12.75
C GLN L 23 65.38 1.92 -13.26
N LYS L 24 66.10 2.79 -12.56
CA LYS L 24 66.31 4.14 -13.04
C LYS L 24 66.98 4.11 -14.41
N TRP L 25 66.70 5.15 -15.21
CA TRP L 25 67.14 5.19 -16.60
C TRP L 25 68.63 4.91 -16.72
N ASP L 26 69.45 5.57 -15.89
CA ASP L 26 70.89 5.37 -15.97
C ASP L 26 71.29 3.98 -15.47
N VAL L 27 70.59 3.47 -14.46
CA VAL L 27 70.89 2.13 -13.97
C VAL L 27 70.52 1.08 -15.00
N PHE L 28 69.38 1.28 -15.68
CA PHE L 28 69.00 0.41 -16.79
C PHE L 28 70.09 0.36 -17.85
N CYS L 29 70.59 1.53 -18.26
CA CYS L 29 71.62 1.59 -19.29
C CYS L 29 72.90 0.91 -18.84
N ASN L 30 73.31 1.13 -17.58
CA ASN L 30 74.50 0.48 -17.06
C ASN L 30 74.34 -1.04 -17.05
N ALA L 31 73.17 -1.52 -16.61
CA ALA L 31 72.96 -2.96 -16.50
C ALA L 31 73.00 -3.64 -17.87
N VAL L 32 72.26 -3.09 -18.84
CA VAL L 32 72.23 -3.70 -20.16
C VAL L 32 73.58 -3.58 -20.85
N ASN L 33 74.30 -2.47 -20.62
CA ASN L 33 75.59 -2.29 -21.27
C ASN L 33 76.64 -3.25 -20.73
N ASN L 34 76.70 -3.40 -19.40
CA ASN L 34 77.64 -4.35 -18.82
C ASN L 34 77.30 -5.78 -19.22
N MET L 35 76.03 -6.06 -19.52
CA MET L 35 75.66 -7.37 -20.03
C MET L 35 76.14 -7.56 -21.46
N MET L 36 76.08 -6.50 -22.27
CA MET L 36 76.58 -6.57 -23.64
C MET L 36 78.09 -6.83 -23.65
N ASN L 37 78.82 -6.23 -22.71
CA ASN L 37 80.28 -6.32 -22.70
C ASN L 37 80.80 -7.57 -22.00
N ASN L 38 79.92 -8.45 -21.53
CA ASN L 38 80.37 -9.65 -20.84
C ASN L 38 80.94 -10.63 -21.86
N PRO L 39 82.23 -10.98 -21.77
CA PRO L 39 82.81 -11.89 -22.77
C PRO L 39 82.41 -13.35 -22.60
N LEU L 40 81.90 -13.73 -21.43
CA LEU L 40 81.48 -15.10 -21.18
C LEU L 40 80.02 -15.35 -21.53
N LEU L 41 79.43 -14.50 -22.37
CA LEU L 41 78.05 -14.65 -22.79
C LEU L 41 78.00 -14.91 -24.29
N PRO L 42 76.96 -15.62 -24.77
CA PRO L 42 76.93 -16.02 -26.19
C PRO L 42 76.97 -14.83 -27.13
N ALA L 43 77.14 -15.15 -28.42
CA ALA L 43 77.39 -14.13 -29.44
C ALA L 43 76.28 -13.09 -29.47
N HIS L 44 75.05 -13.51 -29.76
CA HIS L 44 73.91 -12.60 -29.81
C HIS L 44 72.74 -13.11 -28.99
N GLY L 45 72.98 -14.03 -28.04
CA GLY L 45 71.89 -14.60 -27.26
C GLY L 45 71.75 -13.98 -25.88
N LYS L 46 72.07 -12.68 -25.77
CA LYS L 46 72.03 -12.03 -24.47
C LYS L 46 70.63 -11.57 -24.09
N GLY L 47 69.79 -11.24 -25.08
CA GLY L 47 68.44 -10.84 -24.79
C GLY L 47 67.91 -9.91 -25.88
N VAL L 48 66.80 -9.26 -25.55
CA VAL L 48 66.07 -8.41 -26.48
C VAL L 48 65.73 -7.09 -25.80
N LEU L 49 66.08 -5.98 -26.45
CA LEU L 49 65.71 -4.65 -26.02
C LEU L 49 64.46 -4.22 -26.77
N VAL L 50 63.46 -3.74 -26.03
CA VAL L 50 62.18 -3.36 -26.61
C VAL L 50 61.84 -1.95 -26.14
N ALA L 51 61.62 -1.04 -27.09
CA ALA L 51 61.09 0.28 -26.81
C ALA L 51 59.62 0.31 -27.19
N LEU L 52 58.78 0.86 -26.30
CA LEU L 52 57.34 0.84 -26.49
C LEU L 52 56.78 2.24 -26.28
N ARG L 53 55.92 2.69 -27.20
CA ARG L 53 55.22 3.96 -27.11
C ARG L 53 53.77 3.73 -26.73
N PRO L 54 53.26 4.41 -25.70
CA PRO L 54 51.87 4.18 -25.30
C PRO L 54 50.88 4.78 -26.29
N VAL L 55 49.66 4.24 -26.26
CA VAL L 55 48.56 4.74 -27.07
C VAL L 55 48.21 6.13 -26.56
N PRO L 56 47.51 6.97 -27.35
CA PRO L 56 47.29 8.36 -26.91
C PRO L 56 46.57 8.50 -25.57
N GLY L 57 45.74 7.54 -25.19
CA GLY L 57 44.95 7.69 -23.98
C GLY L 57 45.60 7.22 -22.70
N ILE L 58 46.93 7.08 -22.69
CA ILE L 58 47.63 6.60 -21.50
C ILE L 58 49.07 7.10 -21.54
N ARG L 59 49.64 7.32 -20.36
CA ARG L 59 51.02 7.76 -20.20
C ARG L 59 51.92 6.58 -19.86
N VAL L 60 53.23 6.78 -20.03
CA VAL L 60 54.18 5.70 -19.77
C VAL L 60 54.20 5.35 -18.29
N GLU L 61 54.00 6.33 -17.40
CA GLU L 61 53.93 6.03 -15.97
C GLU L 61 52.75 5.13 -15.67
N GLN L 62 51.61 5.38 -16.32
CA GLN L 62 50.45 4.52 -16.11
C GLN L 62 50.63 3.16 -16.76
N ALA L 63 51.18 3.13 -17.98
CA ALA L 63 51.45 1.86 -18.65
C ALA L 63 52.50 1.05 -17.92
N LEU L 64 53.35 1.69 -17.12
CA LEU L 64 54.36 0.95 -16.38
C LEU L 64 53.74 0.04 -15.33
N THR L 65 52.58 0.41 -14.79
CA THR L 65 51.92 -0.40 -13.77
C THR L 65 51.44 -1.74 -14.32
N LEU L 66 51.34 -1.86 -15.64
CA LEU L 66 50.98 -3.14 -16.27
C LEU L 66 52.20 -3.98 -16.61
N CYS L 67 53.41 -3.44 -16.42
CA CYS L 67 54.64 -4.16 -16.75
C CYS L 67 55.08 -4.92 -15.51
N ARG L 68 54.80 -6.22 -15.48
CA ARG L 68 55.01 -7.08 -14.31
C ARG L 68 55.83 -8.30 -14.72
N PRO L 69 57.13 -8.13 -14.92
CA PRO L 69 57.97 -9.27 -15.30
C PRO L 69 58.25 -10.17 -14.10
N ASN L 70 58.42 -11.45 -14.40
CA ASN L 70 58.65 -12.46 -13.37
C ASN L 70 60.04 -13.09 -13.44
N ARG L 71 60.57 -13.28 -14.64
CA ARG L 71 61.89 -13.89 -14.78
C ARG L 71 62.98 -12.93 -14.30
N THR L 72 63.85 -13.42 -13.42
CA THR L 72 64.99 -12.64 -12.97
C THR L 72 65.85 -12.26 -14.17
N GLY L 73 66.26 -10.99 -14.23
CA GLY L 73 66.98 -10.45 -15.35
C GLY L 73 66.15 -9.59 -16.28
N ASP L 74 64.83 -9.72 -16.24
CA ASP L 74 63.94 -8.84 -16.99
C ASP L 74 63.78 -7.54 -16.23
N ILE L 75 64.24 -6.44 -16.84
CA ILE L 75 64.19 -5.12 -16.21
C ILE L 75 63.50 -4.16 -17.17
N MET L 76 63.11 -3.00 -16.63
CA MET L 76 62.41 -2.00 -17.41
C MET L 76 62.72 -0.62 -16.86
N THR L 77 62.51 0.39 -17.70
CA THR L 77 62.66 1.77 -17.30
C THR L 77 61.74 2.62 -18.17
N ILE L 78 61.49 3.85 -17.74
CA ILE L 78 60.67 4.78 -18.50
C ILE L 78 61.38 6.13 -18.55
N GLY L 79 61.18 6.82 -19.68
CA GLY L 79 61.76 8.12 -19.90
C GLY L 79 61.46 8.59 -21.32
N GLY L 80 61.40 9.90 -21.52
CA GLY L 80 61.13 10.46 -22.83
C GLY L 80 59.86 9.96 -23.46
N ASN L 81 58.85 9.69 -22.63
CA ASN L 81 57.54 9.19 -23.07
C ASN L 81 57.65 7.82 -23.75
N ARG L 82 58.62 7.00 -23.35
CA ARG L 82 58.67 5.64 -23.85
C ARG L 82 59.07 4.68 -22.74
N LEU L 83 58.61 3.44 -22.87
CA LEU L 83 58.93 2.36 -21.93
C LEU L 83 59.91 1.42 -22.59
N VAL L 84 61.02 1.16 -21.93
CA VAL L 84 62.10 0.34 -22.47
C VAL L 84 62.25 -0.91 -21.61
N LEU L 85 62.11 -2.08 -22.23
CA LEU L 85 62.27 -3.37 -21.59
C LEU L 85 63.55 -4.04 -22.08
N PHE L 86 64.20 -4.78 -21.19
CA PHE L 86 65.21 -5.74 -21.59
C PHE L 86 64.81 -7.11 -21.05
N LEU L 87 64.68 -8.06 -21.96
CA LEU L 87 64.28 -9.43 -21.62
C LEU L 87 65.51 -10.31 -21.79
N SER L 88 66.14 -10.66 -20.67
CA SER L 88 67.39 -11.41 -20.71
C SER L 88 67.18 -12.79 -21.32
N PHE L 89 68.00 -13.11 -22.32
CA PHE L 89 68.05 -14.43 -22.94
C PHE L 89 66.74 -14.82 -23.60
N CYS L 90 65.88 -13.85 -23.87
CA CYS L 90 64.70 -14.08 -24.70
C CYS L 90 65.10 -14.08 -26.16
N ARG L 91 64.69 -15.11 -26.89
CA ARG L 91 64.94 -15.15 -28.33
C ARG L 91 63.92 -14.30 -29.06
N ILE L 92 64.34 -13.74 -30.20
CA ILE L 92 63.53 -12.75 -30.89
C ILE L 92 62.20 -13.35 -31.35
N ASN L 93 62.22 -14.61 -31.78
CA ASN L 93 60.99 -15.27 -32.22
C ASN L 93 60.02 -15.54 -31.07
N ASP L 94 60.44 -15.32 -29.83
CA ASP L 94 59.60 -15.54 -28.66
C ASP L 94 59.20 -14.23 -27.98
N LEU L 95 59.47 -13.09 -28.62
CA LEU L 95 59.24 -11.80 -27.97
C LEU L 95 57.78 -11.63 -27.57
N ASP L 96 56.86 -11.97 -28.47
CA ASP L 96 55.44 -11.83 -28.15
C ASP L 96 54.99 -12.83 -27.09
N THR L 97 55.69 -13.96 -26.94
CA THR L 97 55.39 -14.86 -25.83
C THR L 97 55.79 -14.25 -24.50
N ALA L 98 56.96 -13.61 -24.45
CA ALA L 98 57.42 -13.02 -23.19
C ALA L 98 56.57 -11.82 -22.80
N LEU L 99 56.25 -10.95 -23.76
CA LEU L 99 55.44 -9.77 -23.45
C LEU L 99 54.05 -10.18 -22.95
N ASN L 100 53.49 -11.26 -23.49
CA ASN L 100 52.18 -11.71 -23.02
C ASN L 100 52.25 -12.19 -21.58
N HIS L 101 53.39 -12.74 -21.15
CA HIS L 101 53.56 -13.11 -19.75
C HIS L 101 53.73 -11.89 -18.86
N ILE L 102 54.29 -10.81 -19.40
CA ILE L 102 54.65 -9.65 -18.59
C ILE L 102 53.48 -8.67 -18.42
N PHE L 103 52.62 -8.54 -19.44
CA PHE L 103 51.51 -7.62 -19.38
C PHE L 103 50.19 -8.35 -19.27
N PRO L 104 49.27 -7.90 -18.40
CA PRO L 104 47.97 -8.58 -18.25
C PRO L 104 46.98 -8.27 -19.36
N LEU L 105 47.21 -7.24 -20.14
CA LEU L 105 46.37 -6.87 -21.28
C LEU L 105 47.15 -7.07 -22.58
N PRO L 106 46.46 -7.17 -23.72
CA PRO L 106 47.18 -7.29 -24.99
C PRO L 106 48.01 -6.06 -25.26
N THR L 107 49.30 -6.27 -25.54
CA THR L 107 50.23 -5.15 -25.68
C THR L 107 49.80 -4.19 -26.77
N GLY L 108 49.11 -4.68 -27.81
CA GLY L 108 48.62 -3.80 -28.84
C GLY L 108 47.60 -2.79 -28.34
N ASP L 109 46.83 -3.15 -27.31
CA ASP L 109 45.88 -2.23 -26.72
C ASP L 109 46.55 -1.21 -25.82
N ILE L 110 47.75 -1.49 -25.32
CA ILE L 110 48.46 -0.56 -24.45
C ILE L 110 49.38 0.35 -25.24
N PHE L 111 50.14 -0.21 -26.19
CA PHE L 111 51.18 0.50 -26.90
C PHE L 111 50.84 0.59 -28.38
N SER L 112 51.10 1.76 -28.97
CA SER L 112 50.80 2.00 -30.37
C SER L 112 51.97 1.68 -31.29
N ASN L 113 53.18 1.55 -30.77
CA ASN L 113 54.37 1.38 -31.57
C ASN L 113 55.43 0.66 -30.74
N ARG L 114 56.30 -0.07 -31.43
CA ARG L 114 57.37 -0.77 -30.73
C ARG L 114 58.55 -0.97 -31.67
N MET L 115 59.76 -0.86 -31.12
CA MET L 115 61.00 -1.14 -31.82
C MET L 115 61.79 -2.15 -31.00
N VAL L 116 62.53 -3.01 -31.69
CA VAL L 116 63.16 -4.18 -31.08
C VAL L 116 64.61 -4.26 -31.55
N TRP L 117 65.54 -4.42 -30.60
CA TRP L 117 66.94 -4.65 -30.88
C TRP L 117 67.36 -5.96 -30.22
N PHE L 118 67.86 -6.89 -31.03
CA PHE L 118 68.27 -8.20 -30.51
C PHE L 118 69.72 -8.55 -30.78
N GLU L 119 70.42 -7.81 -31.63
CA GLU L 119 71.84 -8.03 -31.89
C GLU L 119 72.67 -7.11 -31.00
N ASP L 120 73.89 -7.55 -30.69
CA ASP L 120 74.71 -6.86 -29.69
C ASP L 120 75.02 -5.43 -30.11
N ASP L 121 75.44 -5.22 -31.36
CA ASP L 121 75.86 -3.89 -31.79
C ASP L 121 74.68 -2.93 -31.86
N GLN L 122 73.51 -3.42 -32.28
CA GLN L 122 72.33 -2.56 -32.33
C GLN L 122 71.87 -2.18 -30.92
N ILE L 123 71.91 -3.13 -29.99
CA ILE L 123 71.53 -2.82 -28.61
C ILE L 123 72.47 -1.76 -28.03
N SER L 124 73.77 -1.92 -28.26
CA SER L 124 74.74 -0.96 -27.75
C SER L 124 74.53 0.42 -28.37
N ALA L 125 74.27 0.48 -29.67
CA ALA L 125 74.00 1.75 -30.32
C ALA L 125 72.76 2.42 -29.73
N GLU L 126 71.76 1.63 -29.38
CA GLU L 126 70.56 2.20 -28.78
C GLU L 126 70.81 2.67 -27.35
N LEU L 127 71.71 1.99 -26.63
CA LEU L 127 72.04 2.43 -25.27
C LEU L 127 72.77 3.75 -25.28
N VAL L 128 73.66 3.95 -26.27
CA VAL L 128 74.32 5.25 -26.42
C VAL L 128 73.29 6.35 -26.63
N GLN L 129 72.28 6.08 -27.46
CA GLN L 129 71.21 7.05 -27.68
C GLN L 129 70.44 7.31 -26.40
N MET L 130 70.08 6.25 -25.67
CA MET L 130 69.35 6.41 -24.42
C MET L 130 70.15 7.22 -23.41
N ARG L 131 71.47 7.00 -23.36
CA ARG L 131 72.31 7.73 -22.42
C ARG L 131 72.38 9.23 -22.73
N LEU L 132 72.07 9.63 -23.96
CA LEU L 132 72.04 11.04 -24.31
C LEU L 132 70.78 11.74 -23.83
N LEU L 133 69.80 11.00 -23.32
CA LEU L 133 68.56 11.62 -22.86
C LEU L 133 68.78 12.35 -21.55
N ALA L 134 68.22 13.56 -21.46
CA ALA L 134 68.43 14.40 -20.29
C ALA L 134 67.74 13.81 -19.07
N PRO L 135 68.33 13.99 -17.88
CA PRO L 135 67.71 13.44 -16.66
C PRO L 135 66.32 13.97 -16.39
N GLU L 136 66.02 15.21 -16.78
CA GLU L 136 64.68 15.75 -16.58
C GLU L 136 63.62 14.97 -17.35
N GLN L 137 64.02 14.18 -18.33
CA GLN L 137 63.10 13.33 -19.07
C GLN L 137 62.96 11.93 -18.47
N TRP L 138 63.78 11.58 -17.48
CA TRP L 138 63.70 10.27 -16.87
C TRP L 138 62.43 10.16 -16.02
N GLY L 139 61.76 9.02 -16.12
CA GLY L 139 60.53 8.79 -15.40
C GLY L 139 60.73 7.97 -14.14
N MET L 140 59.79 8.10 -13.21
CA MET L 140 59.77 7.35 -11.98
C MET L 140 58.41 6.68 -11.82
N PRO L 141 58.35 5.53 -11.17
CA PRO L 141 57.07 4.83 -11.02
C PRO L 141 56.09 5.64 -10.18
N LEU L 142 54.81 5.54 -10.53
CA LEU L 142 53.78 6.23 -9.77
C LEU L 142 53.75 5.84 -8.29
N PRO L 143 53.86 4.56 -7.90
CA PRO L 143 53.88 4.25 -6.45
C PRO L 143 54.99 4.97 -5.70
N LEU L 144 56.10 5.29 -6.36
CA LEU L 144 57.14 6.08 -5.71
C LEU L 144 56.75 7.55 -5.64
N THR L 145 56.39 8.15 -6.77
CA THR L 145 56.11 9.58 -6.81
C THR L 145 54.84 9.93 -6.02
N GLN L 146 53.83 9.06 -6.07
CA GLN L 146 52.58 9.35 -5.37
C GLN L 146 52.75 9.21 -3.86
N SER L 147 53.36 8.12 -3.41
CA SER L 147 53.53 7.92 -1.97
C SER L 147 54.57 8.86 -1.38
N SER L 148 55.45 9.43 -2.20
CA SER L 148 56.41 10.43 -1.74
C SER L 148 55.84 11.85 -1.81
N LYS L 149 54.60 12.00 -2.30
CA LYS L 149 53.92 13.28 -2.35
C LYS L 149 53.37 13.64 -0.97
N PRO L 150 53.25 14.93 -0.66
CA PRO L 150 52.74 15.32 0.66
C PRO L 150 51.28 14.92 0.83
N VAL L 151 50.99 14.16 1.89
CA VAL L 151 49.64 13.88 2.32
C VAL L 151 49.34 14.79 3.51
N ILE L 152 48.20 15.48 3.45
CA ILE L 152 47.91 16.51 4.43
C ILE L 152 47.10 15.96 5.60
N ASN L 153 46.28 14.95 5.37
CA ASN L 153 45.36 14.40 6.37
C ASN L 153 45.87 13.09 6.93
N ALA L 154 47.15 13.06 7.33
CA ALA L 154 47.79 11.84 7.80
C ALA L 154 47.75 11.76 9.32
N GLU L 155 47.65 10.53 9.81
CA GLU L 155 47.70 10.25 11.24
C GLU L 155 48.27 8.85 11.41
N HIS L 156 48.93 8.63 12.55
CA HIS L 156 49.57 7.36 12.84
C HIS L 156 48.82 6.66 13.96
N ASP L 157 48.52 5.37 13.76
CA ASP L 157 47.78 4.57 14.72
C ASP L 157 48.69 3.85 15.72
N GLY L 158 50.01 3.98 15.56
CA GLY L 158 50.98 3.25 16.36
C GLY L 158 51.86 2.32 15.55
N ARG L 159 51.35 1.83 14.42
CA ARG L 159 52.12 0.93 13.57
C ARG L 159 52.11 1.39 12.11
N HIS L 160 50.99 1.95 11.65
CA HIS L 160 50.84 2.27 10.24
C HIS L 160 50.24 3.66 10.07
N TRP L 161 50.45 4.21 8.88
CA TRP L 161 49.88 5.51 8.51
C TRP L 161 48.43 5.34 8.07
N ARG L 162 47.60 6.33 8.41
CA ARG L 162 46.19 6.31 8.04
C ARG L 162 45.76 7.70 7.62
N ARG L 163 44.95 7.77 6.56
CA ARG L 163 44.41 9.03 6.09
C ARG L 163 43.10 9.34 6.80
N ILE L 164 42.86 10.64 7.02
CA ILE L 164 41.65 11.11 7.68
C ILE L 164 40.85 11.96 6.70
N PRO L 165 39.69 11.50 6.25
CA PRO L 165 38.91 12.29 5.29
C PRO L 165 38.53 13.65 5.86
N GLU L 166 38.89 14.71 5.14
CA GLU L 166 38.54 16.02 5.65
C GLU L 166 37.32 16.57 4.91
N PRO L 167 36.42 17.22 5.65
CA PRO L 167 35.21 17.77 5.02
C PRO L 167 35.55 18.85 4.01
N MET L 168 34.73 18.93 2.96
CA MET L 168 34.93 19.89 1.88
C MET L 168 33.60 20.13 1.19
N ARG L 169 33.52 21.25 0.47
CA ARG L 169 32.35 21.59 -0.32
C ARG L 169 32.62 21.25 -1.78
N LEU L 170 31.66 20.57 -2.41
CA LEU L 170 31.87 20.06 -3.77
C LEU L 170 31.73 21.15 -4.83
N LEU L 171 30.99 22.22 -4.53
CA LEU L 171 30.74 23.29 -5.50
C LEU L 171 30.08 22.76 -6.77
#